data_9CX7
#
_entry.id   9CX7
#
_cell.length_a   1.00
_cell.length_b   1.00
_cell.length_c   1.00
_cell.angle_alpha   90.00
_cell.angle_beta   90.00
_cell.angle_gamma   90.00
#
_symmetry.space_group_name_H-M   'P 1'
#
loop_
_entity.id
_entity.type
_entity.pdbx_description
1 polymer 'Gamma-aminobutyric acid receptor subunit beta-3'
2 polymer 'Gamma-aminobutyric acid receptor subunit alpha-1'
3 polymer 'Gamma-aminobutyric acid receptor subunit gamma-2'
4 polymer 'Gamma-aminobutyric acid receptor subunit alpha-2'
5 polymer 'IgG2b Fab_1F4 Heavy Chain'
6 polymer 'Kappa Fab_1F4 Light Chain'
7 branched 2-acetamido-2-deoxy-beta-D-glucopyranose-(1-4)-2-acetamido-2-deoxy-beta-D-glucopyranose
8 branched beta-D-mannopyranose-(1-4)-2-acetamido-2-deoxy-beta-D-glucopyranose-(1-4)-2-acetamido-2-deoxy-beta-D-glucopyranose
9 branched alpha-D-mannopyranose-(1-3)-alpha-D-mannopyranose-(1-6)-beta-D-mannopyranose-(1-4)-2-acetamido-2-deoxy-beta-D-glucopyranose-(1-4)-2-acetamido-2-deoxy-beta-D-glucopyranose
10 non-polymer 'GAMMA-AMINO-BUTANOIC ACID'
11 non-polymer '[(2R)-2-octanoyloxy-3-[oxidanyl-[(1R,2R,3S,4R,5R,6S)-2,3,6-tris(oxidanyl)-4,5-diphosphonooxy-cyclohexyl]oxy-phosphoryl]oxy-propyl] octanoate'
12 non-polymer 2-acetamido-2-deoxy-beta-D-glucopyranose
#
loop_
_entity_poly.entity_id
_entity_poly.type
_entity_poly.pdbx_seq_one_letter_code
_entity_poly.pdbx_strand_id
1 'polypeptide(L)'
;QSVNDPGNMSFVKETVDKLLKGYDIRLRPDFGGPPVCVGMNIDIASIDMVSEVNMDYTLTMYFQQYWRDKRLAYSGIPLN
LTLDNRVADQLWVPDTYFLNDKKSFVHGVTVKNRMIRLHPDGTVLYGLRITTTAACMMDLRRYPLDEQNCTLEIESYGYT
TDDIEFYWRGGDKAVTGVERIELPQFSIVEHRLVSRNVVFATGAYPRLSLSFRLKRNIGYFILQTYMPSILITILSWVSF
WINYDASAARVALGITTVLTMTTINTHLRETLPKIPYVKAIDMYLMGCFVFVFLALLEYAFVNYIFFGRGPQRQKKLAEK
TAKAKNDRSKSESNRVDAHGNILLTSLEVHNEMNEVSGGIGDTRNSAISFDNSGIQYRKQSMPREGHGRFLGDRSLPHKK
THLRRRSSQLKIKIPDLTDVNAIDRWSRIVFPFTFSLFNLVYWLYYVN
;
A,D
2 'polypeptide(L)'
;QPSLQDELKDNTTVFTRILDRLLDGYDNRLRPGLGERVTEVKTDIFVTSFGPVSDHDMEYTIDVFFRQSWKDERLKFKGP
MTVLRLNNLMASKIWTPDTFFHNGKKSVAHNMTMPNKLLRITEDGTLLYTMRLTVRAECPMHLEDFPMDAHACPLKFGSY
AYTRAEVVYEWTREPARSVVVAEDGSRLNQYDLLGQTVDSGIVQSSTGEYVVMTTHFHLKRKIGYFVIQTYLPCIMTVIL
SQVSFWLNRESVPARTVFGVTTVLTMTTLSISARNSLPKVAYATAMDWFIAVCYAFVFSALIEFATVNYFTKRGYAWDGK
SVVPEKPKKVKDPLIKKNNTYAPTATSYTPNLARGDPGLATIAKSATIEPKEVKPETKPPEPKKTFNSVSKIDRLSRIAF
PLLFGIFNLVYWATYLNREPQLKAPTPHQ
;
B
3 'polypeptide(L)'
;QKSDDDYEDYASNKTWVLTPKVPEGDVTVILNNLLEGYDNKLRPDIGVKPTLIHTDMYVNSIGPVNAINMEYTIDIFFAQ
TWYDRRLKFNSTIKVLRLNSNMVGKIWIPDTFFRNSKKADAHWITTPNRMLRIWNDGRVLYTLRLTIDAECQLQLHNFPM
DEHSCPLEFSSYGYPREEIVYQWKRSSVEVGDTRSWRLYQFSFVGLRNTTEVVKTTSGDYVVMSVYFDLSRRMGYFTIQT
YIPCTLIVVLSWVSFWINKDAVPARTSLGITTVLTMTTLSTIARKSLPKVSYVTAMDLFVSVCFIFVFSALVEYGTLHYF
VSNRKPSKDKDKKKKNPLLRMFSFKAPTIDIRPRSATIQMNNATHLQERDEEYGYECLDGKDCASFFCCFEDCRTGAWRH
GRIHIRIAKMDSYARIFFPTAFCLFNLVYWVSYLYL
;
C
4 'polypeptide(L)'
;NIQEDEAKNNITIFTRILDRLLDGYDNRLRPGLGDSITEVFTNIYVTSFGPVSDTDMEYTIDVFFRQKWKDERLKFKGPM
NILRLNNLMASKIWTPDTFFHNGKKSVAHNMTMPNKLLRIQDDGTLLYTMRLTVQAECPMHLEDFPMDAHSCPLKFGSYA
YTTSEVTYIWTYNASDSVQVAPDGSRLNQYDLLGQSIGKETIKSSTGEYTVMTAHFHLKRKIGYFVIQTYLPCIMTVILS
QVSFWLNRESVPARTVFGVTTVLTMTTLSISARNSLPKVAYATAMDWFIAVCYAFVFSALIEFATVNYFTKRGWAWDGKS
VVNDKKKEKASVMIQNNAYAVAVANYAPNLSKDPVLSTISKSATTPEPNKKPENKPAEAKKTFNSVSKIDRMSRIVFPVL
FGTFNLVYWATYLNREPVLGVSP
;
E
5 'polypeptide(L)'
;EVQLQQSGAELVKPGASVKLSCTASGFNIKDTYMYWVKQRPEQGLEWIGRIDPANGDTKYDPKFQGKATITTDTFSNTAY
LQLSSLTSEDTAVYYCARKGLRWAMDYWGQGTSVTVSTAKTTPPSVYPLAPGCGDTTGSSVTLGCLVKGYFPESVTVTWN
SGSLSSSVHTFPALLQSGLYTMSSSVTVPSSTWPSQTVTCSVAHPASSTTVDKKLEPSGPISTINPCPPCKECHKCPAPN
LEGGPSVFIFPPNIKDVLMISLTPKVTCVVVDVSEDDPDVQISWFVNNVEVHTAQTQTHREDYNSTIRVVSTLPIQHQDW
MSGKEFKCKVNNKDLPSPIERTISKIKGLVRAPQVYILPPPAEQLSRKDVSLTCLVVGFNPGDISVEWTSNGHTEENYKD
TAPVLDSDGSYFIYSKLNMKTSKWEKTDSFSCNVRHEGLKNYYLKKTISRSPGK
;
K
6 'polypeptide(L)'
;NIVMTQSPKSMSMSVGERVTLSCKASEYVGTYVSWYQQKPEQSPKLLIYGASNRYTGVPDRFTGSGSATDFTLTIGSVQA
EDLADYHCGQSYSYPTFGAGTKLELKRADAAPTVSIFPPSSEQLTSGGASVVCFLNNFYPKDINVKWKIDGSERQNGVLN
SWTDQDSKDSTYSMSSTLTLTKDEYERHNSYTCEATHKTSTSPIVKSFNRNEC
;
L
#
# COMPACT_ATOMS: atom_id res chain seq x y z
N GLY A 7 -8.99 -36.95 -36.95
CA GLY A 7 -7.84 -37.44 -37.69
C GLY A 7 -6.57 -36.68 -37.37
N ASN A 8 -6.49 -35.44 -37.85
CA ASN A 8 -5.34 -34.60 -37.55
C ASN A 8 -5.33 -34.18 -36.08
N MET A 9 -6.52 -33.95 -35.51
CA MET A 9 -6.63 -33.54 -34.12
C MET A 9 -6.17 -34.64 -33.17
N SER A 10 -6.48 -35.90 -33.51
CA SER A 10 -6.03 -37.02 -32.69
C SER A 10 -4.52 -37.17 -32.74
N PHE A 11 -3.92 -36.92 -33.90
CA PHE A 11 -2.47 -36.98 -34.03
C PHE A 11 -1.79 -35.85 -33.26
N VAL A 12 -2.38 -34.64 -33.29
CA VAL A 12 -1.87 -33.54 -32.47
C VAL A 12 -2.01 -33.86 -30.99
N LYS A 13 -3.12 -34.50 -30.61
CA LYS A 13 -3.37 -34.89 -29.23
C LYS A 13 -2.34 -35.91 -28.73
N GLU A 14 -2.06 -36.93 -29.54
CA GLU A 14 -1.10 -37.94 -29.11
C GLU A 14 0.33 -37.40 -29.12
N THR A 15 0.61 -36.43 -30.00
CA THR A 15 1.92 -35.79 -29.99
C THR A 15 2.10 -34.94 -28.74
N VAL A 16 1.05 -34.22 -28.33
CA VAL A 16 1.11 -33.41 -27.11
C VAL A 16 1.26 -34.30 -25.88
N ASP A 17 0.54 -35.42 -25.86
CA ASP A 17 0.66 -36.38 -24.77
C ASP A 17 2.06 -37.00 -24.72
N LYS A 18 2.65 -37.27 -25.88
CA LYS A 18 4.02 -37.78 -25.93
C LYS A 18 5.02 -36.72 -25.46
N LEU A 19 4.74 -35.45 -25.76
CA LEU A 19 5.65 -34.38 -25.33
C LEU A 19 5.55 -34.13 -23.84
N LEU A 20 4.39 -34.37 -23.22
CA LEU A 20 4.22 -34.11 -21.80
C LEU A 20 4.21 -35.38 -20.95
N LYS A 21 4.70 -36.50 -21.49
CA LYS A 21 4.85 -37.72 -20.71
C LYS A 21 6.30 -37.84 -20.26
N GLY A 22 6.54 -37.47 -19.00
CA GLY A 22 7.87 -37.58 -18.44
C GLY A 22 8.59 -36.26 -18.37
N TYR A 23 7.91 -35.17 -18.72
CA TYR A 23 8.50 -33.84 -18.63
C TYR A 23 8.70 -33.44 -17.18
N ASP A 24 9.96 -33.35 -16.75
CA ASP A 24 10.28 -32.93 -15.40
C ASP A 24 10.34 -31.41 -15.35
N ILE A 25 9.36 -30.79 -14.69
CA ILE A 25 9.24 -29.33 -14.67
C ILE A 25 10.26 -28.76 -13.69
N ARG A 26 10.79 -29.59 -12.80
CA ARG A 26 11.78 -29.14 -11.84
C ARG A 26 13.18 -29.00 -12.42
N LEU A 27 13.39 -29.44 -13.66
CA LEU A 27 14.69 -29.38 -14.31
C LEU A 27 14.61 -28.46 -15.52
N ARG A 28 15.56 -27.53 -15.60
CA ARG A 28 15.67 -26.67 -16.77
C ARG A 28 16.21 -27.47 -17.96
N PRO A 29 15.94 -27.02 -19.19
CA PRO A 29 16.55 -27.67 -20.35
C PRO A 29 18.06 -27.54 -20.34
N ASP A 30 18.73 -28.61 -20.78
CA ASP A 30 20.19 -28.78 -20.72
C ASP A 30 20.70 -28.55 -19.29
N PHE A 31 20.18 -29.39 -18.38
CA PHE A 31 20.45 -29.19 -16.95
C PHE A 31 21.90 -29.50 -16.61
N GLY A 32 22.46 -30.55 -17.17
CA GLY A 32 23.83 -30.91 -16.90
C GLY A 32 24.84 -30.36 -17.89
N GLY A 33 24.43 -29.47 -18.78
CA GLY A 33 25.31 -28.99 -19.82
C GLY A 33 25.38 -27.48 -19.90
N PRO A 34 25.36 -26.95 -21.13
CA PRO A 34 25.50 -25.50 -21.33
C PRO A 34 24.25 -24.75 -20.87
N PRO A 35 24.38 -23.47 -20.55
CA PRO A 35 23.20 -22.69 -20.17
C PRO A 35 22.25 -22.48 -21.34
N VAL A 36 20.98 -22.33 -21.01
CA VAL A 36 19.96 -22.08 -22.01
C VAL A 36 19.88 -20.59 -22.28
N CYS A 37 19.59 -20.23 -23.53
CA CYS A 37 19.50 -18.83 -23.95
C CYS A 37 18.05 -18.42 -24.03
N VAL A 38 17.72 -17.29 -23.39
CA VAL A 38 16.35 -16.80 -23.37
C VAL A 38 16.27 -15.46 -24.08
N GLY A 39 15.79 -15.46 -25.32
CA GLY A 39 15.55 -14.21 -26.02
C GLY A 39 14.32 -13.50 -25.48
N MET A 40 14.34 -12.17 -25.56
CA MET A 40 13.29 -11.35 -24.96
C MET A 40 12.99 -10.16 -25.87
N ASN A 41 11.70 -9.88 -26.07
CA ASN A 41 11.24 -8.64 -26.66
C ASN A 41 9.99 -8.16 -25.92
N ILE A 42 9.81 -6.84 -25.90
CA ILE A 42 8.74 -6.21 -25.14
C ILE A 42 7.95 -5.32 -26.08
N ASP A 43 6.62 -5.47 -26.09
CA ASP A 43 5.73 -4.54 -26.77
C ASP A 43 5.00 -3.75 -25.69
N ILE A 44 5.39 -2.48 -25.54
CA ILE A 44 4.83 -1.65 -24.48
C ILE A 44 3.48 -1.11 -24.95
N ALA A 45 2.43 -1.37 -24.19
CA ALA A 45 1.11 -0.86 -24.53
C ALA A 45 1.00 0.63 -24.24
N SER A 46 1.14 1.00 -22.96
CA SER A 46 1.05 2.41 -22.58
C SER A 46 1.71 2.58 -21.22
N ILE A 47 2.50 3.65 -21.06
CA ILE A 47 3.07 3.95 -19.72
C ILE A 47 2.02 4.75 -18.96
N ASP A 48 1.60 4.27 -17.78
CA ASP A 48 0.49 4.93 -17.04
C ASP A 48 1.01 6.10 -16.20
N MET A 49 0.28 6.46 -15.14
CA MET A 49 0.64 7.64 -14.29
C MET A 49 2.10 7.58 -13.82
N VAL A 50 2.79 8.72 -13.87
CA VAL A 50 4.16 8.80 -13.37
C VAL A 50 4.11 9.74 -12.17
N SER A 51 4.06 9.13 -10.98
CA SER A 51 3.85 9.93 -9.76
C SER A 51 5.17 10.27 -9.10
N GLU A 52 5.37 11.56 -8.85
CA GLU A 52 6.55 11.98 -8.11
C GLU A 52 6.37 11.81 -6.60
N VAL A 53 5.14 11.62 -6.13
CA VAL A 53 4.92 11.45 -4.71
C VAL A 53 5.38 10.08 -4.25
N ASN A 54 4.95 9.04 -4.95
CA ASN A 54 5.36 7.68 -4.61
C ASN A 54 6.64 7.26 -5.31
N MET A 55 7.15 8.09 -6.23
CA MET A 55 8.40 7.89 -6.97
C MET A 55 8.40 6.57 -7.74
N ASP A 56 7.41 6.42 -8.60
CA ASP A 56 7.25 5.21 -9.39
C ASP A 56 6.50 5.55 -10.67
N TYR A 57 6.31 4.53 -11.50
CA TYR A 57 5.57 4.67 -12.74
C TYR A 57 4.92 3.33 -13.06
N THR A 58 3.72 3.38 -13.61
CA THR A 58 2.98 2.18 -13.94
C THR A 58 3.11 1.90 -15.43
N LEU A 59 3.57 0.71 -15.77
CA LEU A 59 3.86 0.34 -17.15
C LEU A 59 3.08 -0.92 -17.49
N THR A 60 2.53 -0.95 -18.70
CA THR A 60 1.81 -2.11 -19.23
C THR A 60 2.50 -2.59 -20.50
N MET A 61 2.85 -3.86 -20.54
CA MET A 61 3.69 -4.38 -21.62
C MET A 61 3.17 -5.72 -22.11
N TYR A 62 3.72 -6.15 -23.22
CA TYR A 62 3.52 -7.50 -23.75
C TYR A 62 4.86 -8.22 -23.59
N PHE A 63 5.08 -8.77 -22.40
CA PHE A 63 6.36 -9.36 -22.05
C PHE A 63 6.47 -10.74 -22.67
N GLN A 64 7.35 -10.90 -23.64
CA GLN A 64 7.49 -12.16 -24.37
C GLN A 64 8.91 -12.70 -24.21
N GLN A 65 9.01 -14.02 -24.01
CA GLN A 65 10.30 -14.68 -23.87
C GLN A 65 10.50 -15.71 -24.97
N TYR A 66 11.72 -16.22 -25.11
CA TYR A 66 12.07 -17.06 -26.24
C TYR A 66 13.24 -17.98 -25.92
N TRP A 67 12.97 -19.25 -25.58
CA TRP A 67 14.08 -20.18 -25.39
C TRP A 67 13.85 -21.44 -26.22
N ARG A 68 14.74 -22.42 -26.07
CA ARG A 68 14.68 -23.61 -26.90
C ARG A 68 14.86 -24.84 -26.00
N ASP A 69 13.77 -25.57 -25.79
CA ASP A 69 13.76 -26.78 -24.97
C ASP A 69 13.75 -27.96 -25.93
N LYS A 70 14.76 -28.83 -25.80
CA LYS A 70 14.89 -29.97 -26.70
C LYS A 70 13.88 -31.07 -26.40
N ARG A 71 13.30 -31.05 -25.20
CA ARG A 71 12.32 -32.06 -24.83
C ARG A 71 10.97 -31.85 -25.48
N LEU A 72 10.72 -30.67 -26.07
CA LEU A 72 9.44 -30.35 -26.69
C LEU A 72 9.57 -30.27 -28.22
N ALA A 73 10.36 -31.18 -28.79
CA ALA A 73 10.56 -31.22 -30.23
C ALA A 73 9.64 -32.26 -30.85
N TYR A 74 8.99 -31.89 -31.95
CA TYR A 74 8.12 -32.80 -32.67
C TYR A 74 8.37 -32.64 -34.17
N SER A 75 8.13 -33.71 -34.91
CA SER A 75 8.43 -33.72 -36.35
C SER A 75 7.22 -34.04 -37.21
N GLY A 76 6.09 -34.42 -36.63
CA GLY A 76 4.92 -34.77 -37.42
C GLY A 76 4.12 -33.58 -37.89
N ILE A 77 3.81 -32.67 -36.97
CA ILE A 77 2.98 -31.51 -37.31
C ILE A 77 3.83 -30.49 -38.04
N PRO A 78 3.42 -30.02 -39.22
CA PRO A 78 4.22 -29.03 -39.94
C PRO A 78 3.87 -27.58 -39.61
N LEU A 79 3.10 -27.37 -38.55
CA LEU A 79 2.69 -26.02 -38.19
C LEU A 79 2.98 -25.76 -36.72
N ASN A 80 3.05 -24.48 -36.37
CA ASN A 80 3.30 -24.09 -34.99
C ASN A 80 2.07 -24.37 -34.13
N LEU A 81 2.27 -25.12 -33.05
CA LEU A 81 1.19 -25.49 -32.15
C LEU A 81 1.01 -24.39 -31.12
N THR A 82 -0.13 -23.71 -31.17
CA THR A 82 -0.49 -22.73 -30.16
C THR A 82 -1.47 -23.39 -29.20
N LEU A 83 -1.00 -23.76 -28.02
CA LEU A 83 -1.82 -24.47 -27.07
C LEU A 83 -2.60 -23.49 -26.19
N ASP A 84 -3.51 -24.05 -25.40
CA ASP A 84 -4.24 -23.28 -24.41
C ASP A 84 -3.27 -22.81 -23.32
N ASN A 85 -3.58 -21.67 -22.72
CA ASN A 85 -2.66 -20.99 -21.81
C ASN A 85 -2.44 -21.74 -20.50
N ARG A 86 -3.22 -22.76 -20.20
CA ARG A 86 -3.05 -23.54 -18.98
C ARG A 86 -1.99 -24.63 -19.09
N VAL A 87 -1.39 -24.82 -20.27
CA VAL A 87 -0.29 -25.78 -20.38
C VAL A 87 1.02 -25.16 -19.90
N ALA A 88 1.04 -23.84 -19.70
CA ALA A 88 2.22 -23.13 -19.21
C ALA A 88 2.56 -23.47 -17.77
N ASP A 89 1.64 -24.08 -17.03
CA ASP A 89 1.93 -24.56 -15.68
C ASP A 89 2.45 -25.99 -15.68
N GLN A 90 2.52 -26.65 -16.83
CA GLN A 90 3.09 -27.99 -16.93
C GLN A 90 4.40 -27.98 -17.71
N LEU A 91 4.95 -26.82 -18.01
CA LEU A 91 6.20 -26.70 -18.74
C LEU A 91 7.16 -25.84 -17.93
N TRP A 92 8.45 -26.04 -18.19
CA TRP A 92 9.46 -25.21 -17.54
C TRP A 92 9.42 -23.81 -18.11
N VAL A 93 9.37 -22.81 -17.23
CA VAL A 93 9.50 -21.42 -17.62
C VAL A 93 10.60 -20.80 -16.77
N PRO A 94 11.34 -19.82 -17.27
CA PRO A 94 12.35 -19.16 -16.44
C PRO A 94 11.70 -18.31 -15.37
N ASP A 95 12.41 -18.19 -14.24
CA ASP A 95 11.91 -17.42 -13.09
C ASP A 95 12.33 -15.95 -13.19
N THR A 96 11.85 -15.31 -14.25
CA THR A 96 12.17 -13.92 -14.50
C THR A 96 11.40 -13.01 -13.55
N TYR A 97 12.12 -12.14 -12.85
CA TYR A 97 11.51 -11.18 -11.95
C TYR A 97 12.06 -9.80 -12.24
N PHE A 98 11.32 -8.78 -11.84
CA PHE A 98 11.74 -7.40 -11.97
C PHE A 98 12.22 -6.90 -10.61
N LEU A 99 13.44 -6.35 -10.59
CA LEU A 99 14.06 -6.00 -9.32
C LEU A 99 13.45 -4.74 -8.71
N ASN A 100 13.09 -3.75 -9.53
CA ASN A 100 12.50 -2.53 -9.02
C ASN A 100 10.98 -2.58 -9.01
N ASP A 101 10.40 -3.79 -9.05
CA ASP A 101 8.96 -3.96 -8.99
C ASP A 101 8.42 -3.58 -7.62
N LYS A 102 7.20 -3.05 -7.60
CA LYS A 102 6.48 -2.80 -6.36
C LYS A 102 5.18 -3.57 -6.28
N LYS A 103 4.34 -3.49 -7.30
CA LYS A 103 3.08 -4.23 -7.33
C LYS A 103 2.73 -4.51 -8.78
N SER A 104 2.76 -5.78 -9.17
CA SER A 104 2.50 -6.17 -10.54
C SER A 104 1.54 -7.34 -10.58
N PHE A 105 0.83 -7.47 -11.69
CA PHE A 105 -0.15 -8.54 -11.85
C PHE A 105 -0.31 -8.83 -13.33
N VAL A 106 -0.72 -10.06 -13.63
CA VAL A 106 -1.11 -10.47 -14.97
C VAL A 106 -2.62 -10.32 -15.08
N HIS A 107 -3.07 -9.81 -16.22
CA HIS A 107 -4.50 -9.59 -16.41
C HIS A 107 -5.25 -10.91 -16.49
N GLY A 108 -6.40 -10.96 -15.81
CA GLY A 108 -7.13 -12.20 -15.70
C GLY A 108 -8.54 -12.15 -16.25
N VAL A 109 -8.79 -11.25 -17.19
CA VAL A 109 -10.08 -11.16 -17.86
C VAL A 109 -9.84 -11.30 -19.36
N THR A 110 -10.53 -12.24 -19.99
CA THR A 110 -11.51 -13.17 -19.44
C THR A 110 -10.85 -14.40 -18.83
N VAL A 111 -9.65 -14.72 -19.33
CA VAL A 111 -8.84 -15.78 -18.75
C VAL A 111 -7.50 -15.16 -18.37
N LYS A 112 -6.59 -15.99 -17.86
CA LYS A 112 -5.25 -15.53 -17.57
C LYS A 112 -4.52 -15.18 -18.85
N ASN A 113 -4.17 -13.91 -19.01
CA ASN A 113 -3.61 -13.41 -20.26
C ASN A 113 -2.18 -13.86 -20.46
N ARG A 114 -1.98 -15.07 -20.94
CA ARG A 114 -0.63 -15.51 -21.31
C ARG A 114 -0.72 -16.35 -22.58
N MET A 115 0.38 -16.37 -23.32
CA MET A 115 0.47 -17.04 -24.60
C MET A 115 1.50 -18.14 -24.52
N ILE A 116 1.20 -19.29 -25.12
CA ILE A 116 2.14 -20.40 -25.23
C ILE A 116 2.11 -20.89 -26.68
N ARG A 117 3.29 -21.17 -27.24
CA ARG A 117 3.37 -21.54 -28.64
C ARG A 117 4.56 -22.44 -28.92
N LEU A 118 4.31 -23.73 -29.10
CA LEU A 118 5.39 -24.69 -29.32
C LEU A 118 5.75 -24.76 -30.80
N HIS A 119 6.97 -24.34 -31.12
CA HIS A 119 7.51 -24.44 -32.47
C HIS A 119 8.04 -25.86 -32.67
N PRO A 120 8.10 -26.36 -33.90
CA PRO A 120 8.50 -27.76 -34.11
C PRO A 120 9.99 -28.05 -33.93
N ASP A 121 10.82 -27.05 -33.61
CA ASP A 121 12.20 -27.31 -33.23
C ASP A 121 12.39 -27.18 -31.72
N GLY A 122 11.29 -27.35 -30.97
CA GLY A 122 11.38 -27.27 -29.50
C GLY A 122 11.48 -25.84 -29.02
N THR A 123 11.48 -24.88 -29.95
CA THR A 123 11.50 -23.45 -29.57
C THR A 123 10.23 -23.13 -28.79
N VAL A 124 10.37 -22.49 -27.63
CA VAL A 124 9.18 -22.18 -26.78
C VAL A 124 8.90 -20.69 -26.80
N LEU A 125 7.71 -20.29 -27.26
CA LEU A 125 7.33 -18.85 -27.25
C LEU A 125 6.39 -18.60 -26.08
N TYR A 126 6.81 -17.79 -25.10
CA TYR A 126 5.98 -17.54 -23.89
C TYR A 126 5.74 -16.04 -23.75
N GLY A 127 4.48 -15.60 -23.91
CA GLY A 127 4.18 -14.15 -23.84
C GLY A 127 3.15 -13.82 -22.78
N LEU A 128 3.42 -12.79 -21.96
CA LEU A 128 2.46 -12.36 -20.95
C LEU A 128 2.08 -10.90 -21.18
N ARG A 129 0.93 -10.52 -20.64
CA ARG A 129 0.47 -9.14 -20.61
C ARG A 129 0.56 -8.68 -19.16
N ILE A 130 1.59 -7.92 -18.84
CA ILE A 130 1.96 -7.60 -17.47
C ILE A 130 1.80 -6.11 -17.25
N THR A 131 1.04 -5.74 -16.23
CA THR A 131 0.95 -4.36 -15.77
C THR A 131 1.74 -4.25 -14.49
N THR A 132 2.86 -3.55 -14.52
CA THR A 132 3.77 -3.45 -13.40
C THR A 132 3.91 -2.01 -12.96
N THR A 133 4.32 -1.84 -11.70
CA THR A 133 4.55 -0.53 -11.10
C THR A 133 6.00 -0.49 -10.64
N ALA A 134 6.90 -0.11 -11.54
CA ALA A 134 8.32 -0.11 -11.24
C ALA A 134 8.69 1.13 -10.45
N ALA A 135 9.55 0.96 -9.45
CA ALA A 135 10.04 2.07 -8.67
C ALA A 135 11.12 2.82 -9.43
N CYS A 136 11.00 4.14 -9.47
CA CYS A 136 11.94 5.00 -10.18
C CYS A 136 12.30 6.18 -9.28
N MET A 137 13.52 6.19 -8.78
CA MET A 137 14.00 7.29 -7.96
C MET A 137 14.24 8.51 -8.84
N MET A 138 13.75 9.66 -8.39
CA MET A 138 13.76 10.87 -9.18
C MET A 138 14.56 11.96 -8.47
N ASP A 139 15.40 12.65 -9.24
CA ASP A 139 16.17 13.79 -8.74
C ASP A 139 15.42 15.05 -9.17
N LEU A 140 14.74 15.69 -8.21
CA LEU A 140 13.92 16.86 -8.48
C LEU A 140 14.66 18.16 -8.22
N ARG A 141 15.97 18.20 -8.43
CA ARG A 141 16.74 19.41 -8.20
C ARG A 141 16.44 20.49 -9.23
N ARG A 142 15.99 20.12 -10.42
CA ARG A 142 15.64 21.07 -11.46
C ARG A 142 14.16 20.98 -11.82
N TYR A 143 13.33 20.63 -10.85
CA TYR A 143 11.90 20.59 -11.05
C TYR A 143 11.35 22.00 -11.25
N PRO A 144 10.48 22.22 -12.24
CA PRO A 144 9.92 21.27 -13.20
C PRO A 144 10.61 21.29 -14.57
N LEU A 145 11.79 21.90 -14.69
CA LEU A 145 12.55 21.87 -15.94
C LEU A 145 13.48 20.67 -16.04
N ASP A 146 13.20 19.61 -15.30
CA ASP A 146 14.10 18.48 -15.14
C ASP A 146 13.83 17.42 -16.19
N GLU A 147 14.74 16.45 -16.25
CA GLU A 147 14.54 15.22 -16.99
C GLU A 147 14.81 14.06 -16.05
N GLN A 148 14.15 12.94 -16.31
CA GLN A 148 14.24 11.78 -15.45
C GLN A 148 14.68 10.57 -16.25
N ASN A 149 15.25 9.60 -15.55
CA ASN A 149 15.73 8.36 -16.14
C ASN A 149 15.11 7.21 -15.33
N CYS A 150 14.04 6.64 -15.87
CA CYS A 150 13.33 5.56 -15.21
C CYS A 150 13.66 4.24 -15.89
N THR A 151 14.02 3.24 -15.09
CA THR A 151 14.49 1.96 -15.59
C THR A 151 13.55 0.84 -15.13
N LEU A 152 13.55 -0.24 -15.89
CA LEU A 152 12.90 -1.48 -15.51
C LEU A 152 13.96 -2.58 -15.55
N GLU A 153 14.24 -3.16 -14.39
CA GLU A 153 15.41 -4.03 -14.21
C GLU A 153 14.97 -5.48 -14.27
N ILE A 154 15.20 -6.12 -15.41
CA ILE A 154 14.80 -7.51 -15.59
C ILE A 154 15.96 -8.44 -15.26
N GLU A 155 15.71 -9.43 -14.42
CA GLU A 155 16.77 -10.31 -13.93
C GLU A 155 16.23 -11.71 -13.67
N SER A 156 17.03 -12.74 -13.94
CA SER A 156 16.68 -14.09 -13.50
C SER A 156 17.02 -14.27 -12.03
N TYR A 157 16.14 -14.95 -11.29
CA TYR A 157 16.31 -15.06 -9.85
C TYR A 157 17.16 -16.27 -9.44
N GLY A 158 16.69 -17.47 -9.76
CA GLY A 158 17.31 -18.66 -9.21
C GLY A 158 18.42 -19.25 -10.04
N TYR A 159 18.52 -18.89 -11.31
CA TYR A 159 19.49 -19.47 -12.22
C TYR A 159 20.61 -18.47 -12.47
N THR A 160 21.84 -18.94 -12.32
CA THR A 160 23.01 -18.08 -12.48
C THR A 160 23.39 -18.02 -13.97
N THR A 161 24.55 -17.43 -14.25
CA THR A 161 25.02 -17.34 -15.63
C THR A 161 25.56 -18.66 -16.15
N ASP A 162 25.77 -19.64 -15.29
CA ASP A 162 26.09 -21.00 -15.72
C ASP A 162 24.84 -21.81 -16.03
N ASP A 163 23.65 -21.25 -15.82
CA ASP A 163 22.40 -21.96 -16.03
C ASP A 163 21.47 -21.28 -17.02
N ILE A 164 21.59 -19.97 -17.24
CA ILE A 164 20.68 -19.23 -18.08
C ILE A 164 21.44 -18.08 -18.73
N GLU A 165 20.93 -17.62 -19.87
CA GLU A 165 21.52 -16.50 -20.59
C GLU A 165 20.40 -15.62 -21.14
N PHE A 166 20.58 -14.31 -21.01
CA PHE A 166 19.59 -13.34 -21.45
C PHE A 166 20.14 -12.49 -22.59
N TYR A 167 19.30 -12.21 -23.58
CA TYR A 167 19.68 -11.32 -24.67
C TYR A 167 18.41 -10.73 -25.25
N TRP A 168 18.46 -9.44 -25.63
CA TRP A 168 17.37 -8.81 -26.35
C TRP A 168 17.28 -9.37 -27.75
N ARG A 169 16.13 -9.97 -28.07
CA ARG A 169 15.92 -10.57 -29.37
C ARG A 169 15.55 -9.48 -30.38
N GLY A 170 16.36 -9.34 -31.42
CA GLY A 170 16.09 -8.36 -32.45
C GLY A 170 16.95 -7.11 -32.33
N GLY A 171 18.03 -7.20 -31.56
CA GLY A 171 18.93 -6.08 -31.37
C GLY A 171 18.29 -4.91 -30.64
N ASP A 172 18.27 -3.74 -31.28
CA ASP A 172 17.62 -2.55 -30.74
C ASP A 172 16.17 -2.44 -31.17
N LYS A 173 15.66 -3.43 -31.89
CA LYS A 173 14.27 -3.46 -32.31
C LYS A 173 13.41 -4.35 -31.41
N ALA A 174 13.95 -4.72 -30.24
CA ALA A 174 13.20 -5.58 -29.33
C ALA A 174 12.04 -4.83 -28.69
N VAL A 175 12.26 -3.60 -28.26
CA VAL A 175 11.21 -2.80 -27.62
C VAL A 175 10.51 -2.00 -28.71
N THR A 176 9.23 -2.29 -28.94
CA THR A 176 8.43 -1.61 -29.93
C THR A 176 7.19 -1.03 -29.24
N GLY A 177 6.87 0.22 -29.53
CA GLY A 177 5.67 0.81 -28.99
C GLY A 177 5.94 2.06 -28.18
N VAL A 178 7.21 2.34 -27.91
CA VAL A 178 7.58 3.52 -27.13
C VAL A 178 7.40 4.80 -27.94
N GLU A 179 7.35 4.71 -29.27
CA GLU A 179 7.18 5.88 -30.12
C GLU A 179 5.73 6.33 -30.24
N ARG A 180 4.79 5.56 -29.68
CA ARG A 180 3.38 5.91 -29.79
C ARG A 180 2.73 6.27 -28.46
N ILE A 181 3.42 6.14 -27.33
CA ILE A 181 2.80 6.43 -26.05
C ILE A 181 2.71 7.93 -25.85
N GLU A 182 1.63 8.37 -25.22
CA GLU A 182 1.34 9.78 -25.03
C GLU A 182 1.19 10.04 -23.53
N LEU A 183 2.29 10.36 -22.88
CA LEU A 183 2.22 10.79 -21.50
C LEU A 183 1.64 12.20 -21.44
N PRO A 184 0.76 12.49 -20.47
CA PRO A 184 0.17 13.83 -20.41
C PRO A 184 1.14 14.91 -19.96
N GLN A 185 2.07 14.59 -19.07
CA GLN A 185 2.97 15.59 -18.50
C GLN A 185 4.40 15.51 -19.02
N PHE A 186 4.88 14.31 -19.33
CA PHE A 186 6.25 14.12 -19.79
C PHE A 186 6.27 13.90 -21.30
N SER A 187 7.45 13.61 -21.82
CA SER A 187 7.62 13.25 -23.22
C SER A 187 8.84 12.37 -23.33
N ILE A 188 8.70 11.24 -24.02
CA ILE A 188 9.78 10.25 -24.09
C ILE A 188 10.83 10.74 -25.09
N VAL A 189 12.03 11.01 -24.59
CA VAL A 189 13.12 11.45 -25.46
C VAL A 189 13.89 10.29 -26.07
N GLU A 190 14.34 9.32 -25.25
CA GLU A 190 15.16 8.23 -25.74
C GLU A 190 14.85 6.99 -24.93
N HIS A 191 15.09 5.83 -25.55
CA HIS A 191 15.00 4.54 -24.88
C HIS A 191 16.25 3.75 -25.20
N ARG A 192 16.76 3.01 -24.21
CA ARG A 192 18.04 2.31 -24.33
C ARG A 192 17.94 0.92 -23.74
N LEU A 193 18.72 0.00 -24.30
CA LEU A 193 18.73 -1.40 -23.89
C LEU A 193 20.13 -1.81 -23.45
N VAL A 194 20.22 -2.35 -22.22
CA VAL A 194 21.49 -2.70 -21.61
C VAL A 194 21.42 -4.15 -21.17
N SER A 195 22.47 -4.92 -21.50
CA SER A 195 22.60 -6.30 -21.03
C SER A 195 23.80 -6.37 -20.09
N ARG A 196 23.58 -6.82 -18.86
CA ARG A 196 24.65 -6.84 -17.86
C ARG A 196 24.83 -8.20 -17.21
N ASN A 197 25.78 -8.28 -16.29
CA ASN A 197 26.04 -9.47 -15.47
C ASN A 197 26.33 -8.98 -14.06
N VAL A 198 25.29 -8.96 -13.21
CA VAL A 198 25.48 -8.50 -11.85
C VAL A 198 25.88 -9.66 -10.94
N VAL A 199 26.65 -9.34 -9.91
CA VAL A 199 27.19 -10.32 -8.99
C VAL A 199 26.58 -10.09 -7.62
N PHE A 200 26.01 -11.14 -7.03
CA PHE A 200 25.51 -11.11 -5.68
C PHE A 200 26.31 -12.10 -4.82
N ALA A 201 25.90 -12.25 -3.57
CA ALA A 201 26.58 -13.18 -2.67
C ALA A 201 26.32 -14.63 -3.03
N THR A 202 25.26 -14.92 -3.78
CA THR A 202 24.93 -16.28 -4.17
C THR A 202 25.38 -16.63 -5.58
N GLY A 203 26.04 -15.72 -6.27
CA GLY A 203 26.55 -15.99 -7.60
C GLY A 203 26.38 -14.78 -8.50
N ALA A 204 26.56 -15.01 -9.79
CA ALA A 204 26.43 -13.98 -10.81
C ALA A 204 25.20 -14.25 -11.65
N TYR A 205 24.38 -13.23 -11.85
CA TYR A 205 23.12 -13.40 -12.55
C TYR A 205 23.01 -12.45 -13.73
N PRO A 206 22.42 -12.88 -14.84
CA PRO A 206 22.24 -11.97 -15.98
C PRO A 206 21.15 -10.94 -15.72
N ARG A 207 21.28 -9.82 -16.41
CA ARG A 207 20.34 -8.73 -16.23
C ARG A 207 20.15 -8.00 -17.55
N LEU A 208 18.89 -7.73 -17.89
CA LEU A 208 18.53 -6.84 -18.99
C LEU A 208 17.84 -5.61 -18.43
N SER A 209 18.21 -4.44 -18.94
CA SER A 209 17.69 -3.18 -18.40
C SER A 209 17.06 -2.39 -19.54
N LEU A 210 15.82 -1.96 -19.32
CA LEU A 210 15.12 -1.08 -20.24
C LEU A 210 14.95 0.27 -19.54
N SER A 211 15.48 1.32 -20.15
CA SER A 211 15.51 2.64 -19.53
C SER A 211 14.95 3.67 -20.51
N PHE A 212 14.15 4.60 -19.99
CA PHE A 212 13.63 5.72 -20.76
C PHE A 212 14.17 7.02 -20.19
N ARG A 213 14.27 8.03 -21.05
CA ARG A 213 14.60 9.38 -20.60
C ARG A 213 13.38 10.26 -20.78
N LEU A 214 12.91 10.86 -19.68
CA LEU A 214 11.65 11.57 -19.66
C LEU A 214 11.88 13.03 -19.28
N LYS A 215 11.93 13.91 -20.27
CA LYS A 215 11.86 15.33 -19.98
C LYS A 215 10.42 15.70 -19.69
N ARG A 216 10.23 16.88 -19.10
CA ARG A 216 8.91 17.31 -18.63
C ARG A 216 8.42 18.42 -19.55
N ASN A 217 7.21 18.28 -20.08
CA ASN A 217 6.55 19.36 -20.78
C ASN A 217 6.23 20.49 -19.83
N ILE A 218 6.70 21.70 -20.16
CA ILE A 218 6.78 22.76 -19.16
C ILE A 218 5.56 23.67 -19.15
N GLY A 219 4.80 23.73 -20.24
CA GLY A 219 3.76 24.74 -20.44
C GLY A 219 2.62 24.70 -19.44
N TYR A 220 2.35 23.53 -18.86
CA TYR A 220 1.40 23.45 -17.75
C TYR A 220 1.89 24.25 -16.54
N PHE A 221 3.20 24.25 -16.30
CA PHE A 221 3.72 24.98 -15.15
C PHE A 221 3.73 26.49 -15.38
N ILE A 222 3.94 26.95 -16.62
CA ILE A 222 3.72 28.35 -16.93
C ILE A 222 2.26 28.72 -16.74
N LEU A 223 1.34 27.86 -17.20
CA LEU A 223 -0.08 28.17 -17.03
C LEU A 223 -0.56 28.02 -15.59
N GLN A 224 0.19 27.35 -14.72
CA GLN A 224 -0.27 27.04 -13.37
C GLN A 224 0.41 27.87 -12.28
N THR A 225 1.74 27.97 -12.30
CA THR A 225 2.48 28.54 -11.19
C THR A 225 3.30 29.76 -11.58
N TYR A 226 4.00 29.70 -12.71
CA TYR A 226 4.97 30.74 -13.06
C TYR A 226 4.29 32.06 -13.42
N MET A 227 3.26 32.00 -14.26
CA MET A 227 2.49 33.20 -14.58
C MET A 227 1.72 33.78 -13.38
N PRO A 228 1.05 32.99 -12.50
CA PRO A 228 0.52 33.63 -11.28
C PRO A 228 1.59 34.18 -10.35
N SER A 229 2.79 33.60 -10.34
CA SER A 229 3.83 34.13 -9.48
C SER A 229 4.41 35.42 -10.03
N ILE A 230 4.41 35.57 -11.35
CA ILE A 230 5.07 36.75 -11.93
C ILE A 230 4.12 37.96 -11.93
N LEU A 231 2.80 37.73 -11.95
CA LEU A 231 1.88 38.86 -11.96
C LEU A 231 1.77 39.51 -10.60
N ILE A 232 1.99 38.75 -9.52
CA ILE A 232 2.02 39.31 -8.18
C ILE A 232 3.23 40.23 -8.03
N THR A 233 4.34 39.88 -8.68
CA THR A 233 5.52 40.73 -8.68
C THR A 233 5.26 42.03 -9.44
N ILE A 234 4.50 41.96 -10.54
CA ILE A 234 4.02 43.17 -11.20
C ILE A 234 3.04 43.91 -10.30
N LEU A 235 2.21 43.17 -9.55
CA LEU A 235 1.19 43.77 -8.71
C LEU A 235 1.79 44.56 -7.56
N SER A 236 2.97 44.15 -7.06
CA SER A 236 3.60 44.84 -5.95
C SER A 236 4.16 46.19 -6.34
N TRP A 237 4.44 46.41 -7.62
CA TRP A 237 5.01 47.66 -8.09
C TRP A 237 3.97 48.72 -8.37
N VAL A 238 2.69 48.39 -8.25
CA VAL A 238 1.64 49.41 -8.32
C VAL A 238 1.72 50.33 -7.11
N SER A 239 2.23 49.81 -5.98
CA SER A 239 2.39 50.59 -4.76
C SER A 239 3.35 51.75 -4.90
N PHE A 240 4.29 51.70 -5.85
CA PHE A 240 5.16 52.84 -6.09
C PHE A 240 4.43 54.00 -6.77
N TRP A 241 3.37 53.71 -7.53
CA TRP A 241 2.60 54.77 -8.15
C TRP A 241 1.67 55.48 -7.17
N ILE A 242 1.26 54.80 -6.10
CA ILE A 242 0.39 55.39 -5.10
C ILE A 242 1.17 56.43 -4.30
N ASN A 243 0.47 57.48 -3.86
CA ASN A 243 1.06 58.53 -3.06
C ASN A 243 1.46 58.01 -1.68
N TYR A 244 2.43 58.68 -1.06
CA TYR A 244 3.01 58.21 0.19
C TYR A 244 2.07 58.34 1.37
N ASP A 245 1.20 59.35 1.38
CA ASP A 245 0.32 59.56 2.52
C ASP A 245 -0.83 58.57 2.56
N ALA A 246 -1.16 57.94 1.44
CA ALA A 246 -2.20 56.90 1.41
C ALA A 246 -1.58 55.64 1.98
N SER A 247 -1.62 55.52 3.31
CA SER A 247 -0.92 54.43 3.99
C SER A 247 -1.65 53.11 3.83
N ALA A 248 -2.98 53.13 3.99
CA ALA A 248 -3.76 51.90 4.06
C ALA A 248 -3.72 51.12 2.74
N ALA A 249 -3.76 51.84 1.61
CA ALA A 249 -3.75 51.19 0.31
C ALA A 249 -2.43 50.51 0.03
N ARG A 250 -1.31 51.18 0.33
CA ARG A 250 0.01 50.60 0.08
C ARG A 250 0.30 49.44 1.03
N VAL A 251 -0.09 49.58 2.30
CA VAL A 251 0.09 48.49 3.26
C VAL A 251 -0.77 47.28 2.87
N ALA A 252 -2.01 47.54 2.42
CA ALA A 252 -2.89 46.45 2.02
C ALA A 252 -2.36 45.74 0.77
N LEU A 253 -1.85 46.51 -0.20
CA LEU A 253 -1.30 45.91 -1.41
C LEU A 253 -0.05 45.07 -1.10
N GLY A 254 0.85 45.60 -0.27
CA GLY A 254 2.05 44.85 0.09
C GLY A 254 1.74 43.59 0.89
N ILE A 255 0.83 43.69 1.85
CA ILE A 255 0.48 42.55 2.70
C ILE A 255 -0.24 41.48 1.90
N THR A 256 -1.16 41.88 1.01
CA THR A 256 -1.86 40.90 0.17
C THR A 256 -0.91 40.23 -0.82
N THR A 257 0.10 40.96 -1.31
CA THR A 257 1.08 40.31 -2.18
C THR A 257 1.95 39.31 -1.42
N VAL A 258 2.35 39.65 -0.18
CA VAL A 258 3.12 38.72 0.64
C VAL A 258 2.29 37.47 0.96
N LEU A 259 1.03 37.67 1.31
CA LEU A 259 0.16 36.54 1.65
C LEU A 259 -0.14 35.67 0.44
N THR A 260 -0.30 36.29 -0.74
CA THR A 260 -0.49 35.53 -1.96
C THR A 260 0.75 34.73 -2.32
N MET A 261 1.93 35.31 -2.13
CA MET A 261 3.19 34.61 -2.37
C MET A 261 3.34 33.41 -1.44
N THR A 262 3.04 33.59 -0.15
CA THR A 262 3.25 32.48 0.76
C THR A 262 2.14 31.43 0.64
N THR A 263 0.93 31.80 0.23
CA THR A 263 -0.07 30.76 0.02
C THR A 263 0.16 30.01 -1.29
N ILE A 264 0.79 30.67 -2.28
CA ILE A 264 1.19 29.95 -3.49
C ILE A 264 2.33 28.99 -3.16
N ASN A 265 3.25 29.41 -2.30
CA ASN A 265 4.35 28.55 -1.87
C ASN A 265 3.86 27.35 -1.05
N THR A 266 2.91 27.57 -0.15
CA THR A 266 2.42 26.45 0.66
C THR A 266 1.49 25.56 -0.15
N HIS A 267 0.76 26.12 -1.13
CA HIS A 267 -0.13 25.29 -1.92
C HIS A 267 0.64 24.45 -2.94
N LEU A 268 1.77 24.95 -3.44
CA LEU A 268 2.53 24.22 -4.44
C LEU A 268 3.28 23.05 -3.83
N ARG A 269 3.88 23.25 -2.64
CA ARG A 269 4.74 22.26 -2.03
C ARG A 269 3.98 21.21 -1.22
N GLU A 270 2.66 21.09 -1.44
CA GLU A 270 1.88 20.06 -0.79
C GLU A 270 1.61 18.85 -1.68
N THR A 271 1.87 18.95 -2.98
CA THR A 271 1.75 17.84 -3.90
C THR A 271 3.09 17.22 -4.26
N LEU A 272 4.15 17.59 -3.54
CA LEU A 272 5.49 17.07 -3.73
C LEU A 272 5.92 16.31 -2.48
N PRO A 273 6.84 15.34 -2.61
CA PRO A 273 7.35 14.66 -1.42
C PRO A 273 8.27 15.55 -0.59
N LYS A 274 8.57 15.13 0.63
CA LYS A 274 9.31 15.96 1.58
C LYS A 274 10.81 15.87 1.33
N ILE A 275 11.22 16.33 0.16
CA ILE A 275 12.64 16.31 -0.21
C ILE A 275 13.39 17.38 0.57
N PRO A 276 14.64 17.14 0.98
CA PRO A 276 15.33 18.12 1.83
C PRO A 276 16.06 19.21 1.07
N TYR A 277 16.16 19.13 -0.25
CA TYR A 277 16.84 20.15 -1.02
C TYR A 277 15.82 21.11 -1.62
N VAL A 278 16.34 22.12 -2.30
CA VAL A 278 15.51 23.18 -2.88
C VAL A 278 15.44 22.95 -4.39
N LYS A 279 14.24 23.12 -4.94
CA LYS A 279 14.02 22.93 -6.36
C LYS A 279 14.20 24.26 -7.09
N ALA A 280 14.13 24.22 -8.42
CA ALA A 280 14.24 25.43 -9.21
C ALA A 280 13.00 26.30 -9.05
N ILE A 281 11.83 25.66 -8.98
CA ILE A 281 10.59 26.42 -8.80
C ILE A 281 10.52 27.03 -7.40
N ASP A 282 11.05 26.34 -6.38
CA ASP A 282 11.11 26.92 -5.05
C ASP A 282 12.10 28.07 -5.01
N MET A 283 13.17 27.99 -5.81
CA MET A 283 14.08 29.13 -5.96
C MET A 283 13.38 30.32 -6.59
N TYR A 284 12.54 30.08 -7.60
CA TYR A 284 11.84 31.18 -8.27
C TYR A 284 10.82 31.85 -7.36
N LEU A 285 10.02 31.05 -6.63
CA LEU A 285 9.10 31.63 -5.66
C LEU A 285 9.80 32.31 -4.49
N MET A 286 10.94 31.79 -4.03
CA MET A 286 11.65 32.48 -2.96
C MET A 286 12.25 33.80 -3.45
N GLY A 287 12.70 33.85 -4.71
CA GLY A 287 13.14 35.11 -5.29
C GLY A 287 12.02 36.12 -5.43
N CYS A 288 10.83 35.66 -5.85
CA CYS A 288 9.69 36.56 -5.94
C CYS A 288 9.24 37.03 -4.55
N PHE A 289 9.32 36.16 -3.54
CA PHE A 289 9.00 36.55 -2.17
C PHE A 289 9.99 37.59 -1.65
N VAL A 290 11.27 37.43 -1.99
CA VAL A 290 12.28 38.41 -1.61
C VAL A 290 12.01 39.75 -2.28
N PHE A 291 11.60 39.73 -3.55
CA PHE A 291 11.29 40.99 -4.25
C PHE A 291 10.08 41.70 -3.65
N VAL A 292 9.03 40.94 -3.31
CA VAL A 292 7.84 41.55 -2.71
C VAL A 292 8.15 42.07 -1.31
N PHE A 293 8.96 41.33 -0.55
CA PHE A 293 9.38 41.78 0.77
C PHE A 293 10.24 43.03 0.69
N LEU A 294 11.08 43.13 -0.35
CA LEU A 294 11.88 44.33 -0.54
C LEU A 294 11.01 45.52 -0.95
N ALA A 295 9.94 45.29 -1.70
CA ALA A 295 9.01 46.38 -2.00
C ALA A 295 8.31 46.89 -0.75
N LEU A 296 7.87 45.97 0.11
CA LEU A 296 7.22 46.39 1.36
C LEU A 296 8.22 47.07 2.31
N LEU A 297 9.47 46.60 2.31
CA LEU A 297 10.51 47.27 3.08
C LEU A 297 10.85 48.65 2.50
N GLU A 298 10.73 48.81 1.18
CA GLU A 298 10.92 50.12 0.57
C GLU A 298 9.84 51.10 1.01
N TYR A 299 8.59 50.65 1.06
CA TYR A 299 7.53 51.52 1.58
C TYR A 299 7.74 51.83 3.06
N ALA A 300 8.18 50.84 3.84
CA ALA A 300 8.46 51.07 5.26
C ALA A 300 9.60 52.05 5.44
N PHE A 301 10.62 51.98 4.59
CA PHE A 301 11.72 52.95 4.62
C PHE A 301 11.24 54.34 4.27
N VAL A 302 10.36 54.47 3.28
CA VAL A 302 9.80 55.77 2.90
C VAL A 302 8.99 56.37 4.04
N ASN A 303 8.14 55.55 4.67
CA ASN A 303 7.31 55.97 5.79
C ASN A 303 8.12 56.23 7.06
N TYR A 304 9.33 55.67 7.18
CA TYR A 304 10.18 55.99 8.30
C TYR A 304 10.95 57.28 8.05
N ILE A 305 11.35 57.50 6.79
CA ILE A 305 12.10 58.71 6.46
C ILE A 305 11.21 59.95 6.56
N PHE A 306 10.00 59.89 6.00
CA PHE A 306 9.16 61.09 6.01
C PHE A 306 8.48 61.30 7.37
N PHE A 307 7.79 60.28 7.86
CA PHE A 307 6.96 60.44 9.05
C PHE A 307 7.72 60.19 10.35
N GLY A 308 9.02 59.96 10.28
CA GLY A 308 9.79 59.71 11.49
C GLY A 308 10.99 60.61 11.62
N ARG A 309 11.17 61.52 10.68
CA ARG A 309 12.29 62.46 10.71
C ARG A 309 11.82 63.88 10.40
N VAL A 420 11.66 61.67 -0.69
CA VAL A 420 10.52 60.75 -0.80
C VAL A 420 10.22 60.50 -2.27
N ASN A 421 10.03 61.59 -3.02
CA ASN A 421 9.76 61.46 -4.46
C ASN A 421 10.99 60.96 -5.21
N ALA A 422 12.19 61.32 -4.74
CA ALA A 422 13.41 60.80 -5.35
C ALA A 422 13.56 59.31 -5.10
N ILE A 423 13.19 58.84 -3.91
CA ILE A 423 13.26 57.41 -3.60
C ILE A 423 12.18 56.66 -4.38
N ASP A 424 10.99 57.24 -4.50
CA ASP A 424 9.88 56.57 -5.17
C ASP A 424 10.10 56.46 -6.67
N ARG A 425 10.73 57.47 -7.27
CA ARG A 425 11.07 57.39 -8.69
C ARG A 425 12.19 56.38 -8.93
N TRP A 426 13.13 56.28 -7.99
CA TRP A 426 14.26 55.37 -8.15
C TRP A 426 13.83 53.91 -7.99
N SER A 427 12.94 53.64 -7.04
CA SER A 427 12.47 52.27 -6.84
C SER A 427 11.50 51.86 -7.95
N ARG A 428 10.90 52.83 -8.62
CA ARG A 428 10.02 52.52 -9.75
C ARG A 428 10.83 52.15 -10.98
N ILE A 429 12.10 52.52 -11.01
CA ILE A 429 12.95 52.19 -12.15
C ILE A 429 13.74 50.91 -11.88
N VAL A 430 14.31 50.78 -10.68
CA VAL A 430 15.23 49.70 -10.38
C VAL A 430 14.52 48.36 -10.28
N PHE A 431 13.34 48.33 -9.66
CA PHE A 431 12.63 47.08 -9.41
C PHE A 431 12.17 46.34 -10.67
N PRO A 432 11.61 46.97 -11.71
CA PRO A 432 11.39 46.20 -12.95
C PRO A 432 12.67 45.82 -13.66
N PHE A 433 13.74 46.60 -13.50
CA PHE A 433 15.00 46.26 -14.14
C PHE A 433 15.68 45.08 -13.44
N THR A 434 15.65 45.06 -12.11
CA THR A 434 16.34 44.02 -11.36
C THR A 434 15.60 42.69 -11.43
N PHE A 435 14.27 42.71 -11.47
CA PHE A 435 13.50 41.48 -11.59
C PHE A 435 13.65 40.86 -12.97
N SER A 436 13.83 41.68 -14.00
CA SER A 436 14.13 41.15 -15.33
C SER A 436 15.56 40.62 -15.40
N LEU A 437 16.47 41.17 -14.58
CA LEU A 437 17.80 40.61 -14.46
C LEU A 437 17.75 39.23 -13.80
N PHE A 438 16.87 39.07 -12.81
CA PHE A 438 16.69 37.78 -12.17
C PHE A 438 16.05 36.77 -13.13
N ASN A 439 15.14 37.25 -13.98
CA ASN A 439 14.48 36.37 -14.94
C ASN A 439 15.45 35.90 -16.03
N LEU A 440 16.37 36.78 -16.44
CA LEU A 440 17.35 36.38 -17.46
C LEU A 440 18.37 35.41 -16.88
N VAL A 441 18.72 35.56 -15.61
CA VAL A 441 19.65 34.64 -14.97
C VAL A 441 19.00 33.27 -14.78
N TYR A 442 17.76 33.26 -14.31
CA TYR A 442 17.07 32.01 -13.99
C TYR A 442 16.74 31.21 -15.24
N TRP A 443 16.28 31.88 -16.29
CA TRP A 443 15.85 31.16 -17.49
C TRP A 443 16.98 30.85 -18.45
N LEU A 444 18.21 31.30 -18.16
CA LEU A 444 19.36 30.90 -18.94
C LEU A 444 20.25 29.89 -18.21
N TYR A 445 20.11 29.78 -16.89
CA TYR A 445 20.85 28.79 -16.13
C TYR A 445 20.14 27.45 -16.08
N TYR A 446 18.81 27.47 -15.97
CA TYR A 446 18.03 26.24 -15.89
C TYR A 446 17.53 25.76 -17.25
N VAL A 447 17.84 26.47 -18.33
CA VAL A 447 17.47 26.04 -19.66
C VAL A 447 18.70 26.10 -20.56
N ASP B 10 17.39 -39.09 -22.52
CA ASP B 10 17.72 -39.99 -21.43
C ASP B 10 18.80 -39.39 -20.53
N ASN B 11 19.37 -38.26 -20.96
CA ASN B 11 20.41 -37.59 -20.17
C ASN B 11 19.84 -36.91 -18.93
N THR B 12 18.59 -36.47 -18.97
CA THR B 12 17.94 -35.88 -17.82
C THR B 12 17.22 -36.90 -16.94
N THR B 13 17.21 -38.17 -17.34
CA THR B 13 16.60 -39.19 -16.51
C THR B 13 17.46 -39.53 -15.29
N VAL B 14 18.74 -39.18 -15.32
CA VAL B 14 19.59 -39.37 -14.14
C VAL B 14 19.18 -38.42 -13.02
N PHE B 15 18.97 -37.14 -13.37
CA PHE B 15 18.57 -36.17 -12.36
C PHE B 15 17.12 -36.35 -11.94
N THR B 16 16.28 -36.88 -12.83
CA THR B 16 14.90 -37.17 -12.47
C THR B 16 14.83 -38.30 -11.45
N ARG B 17 15.70 -39.30 -11.60
CA ARG B 17 15.70 -40.42 -10.66
C ARG B 17 16.28 -40.03 -9.30
N ILE B 18 17.10 -38.98 -9.27
CA ILE B 18 17.68 -38.50 -8.02
C ILE B 18 16.61 -37.80 -7.19
N LEU B 19 15.87 -36.89 -7.82
CA LEU B 19 14.89 -36.09 -7.10
C LEU B 19 13.68 -36.91 -6.68
N ASP B 20 13.31 -37.90 -7.48
CA ASP B 20 12.22 -38.80 -7.08
C ASP B 20 12.64 -39.74 -5.97
N ARG B 21 13.94 -39.98 -5.81
CA ARG B 21 14.42 -40.83 -4.73
C ARG B 21 14.48 -40.05 -3.41
N LEU B 22 14.87 -38.77 -3.48
CA LEU B 22 14.97 -37.91 -2.31
C LEU B 22 13.62 -37.67 -1.67
N LEU B 23 12.60 -37.43 -2.50
CA LEU B 23 11.25 -37.20 -2.00
C LEU B 23 10.52 -38.49 -1.65
N ASP B 24 11.11 -39.65 -1.97
CA ASP B 24 10.50 -40.92 -1.65
C ASP B 24 10.67 -41.20 -0.16
N GLY B 25 9.54 -41.24 0.56
CA GLY B 25 9.59 -41.42 2.00
C GLY B 25 9.89 -40.17 2.78
N TYR B 26 10.03 -39.02 2.12
CA TYR B 26 10.28 -37.77 2.82
C TYR B 26 9.00 -37.27 3.44
N ASP B 27 9.07 -36.90 4.72
CA ASP B 27 7.94 -36.32 5.43
C ASP B 27 8.24 -34.84 5.65
N ASN B 28 7.52 -33.98 4.93
CA ASN B 28 7.77 -32.55 4.99
C ASN B 28 7.09 -31.87 6.17
N ARG B 29 6.33 -32.60 6.97
CA ARG B 29 5.68 -32.05 8.14
C ARG B 29 6.54 -32.09 9.38
N LEU B 30 7.75 -32.66 9.29
CA LEU B 30 8.64 -32.79 10.43
C LEU B 30 9.96 -32.11 10.13
N ARG B 31 10.49 -31.41 11.14
CA ARG B 31 11.78 -30.70 11.01
C ARG B 31 12.89 -31.74 10.97
N PRO B 32 14.01 -31.50 10.28
CA PRO B 32 15.13 -32.46 10.30
C PRO B 32 15.78 -32.54 11.66
N GLY B 33 16.18 -33.75 12.04
CA GLY B 33 16.76 -33.99 13.35
C GLY B 33 15.76 -33.76 14.46
N LEU B 34 14.55 -34.31 14.30
CA LEU B 34 13.48 -34.06 15.26
C LEU B 34 13.76 -34.70 16.62
N GLY B 35 14.29 -35.92 16.62
CA GLY B 35 14.57 -36.62 17.85
C GLY B 35 16.02 -36.62 18.30
N GLU B 36 16.92 -35.97 17.57
CA GLU B 36 18.34 -36.01 17.88
C GLU B 36 18.90 -34.66 18.29
N ARG B 37 18.75 -33.64 17.45
CA ARG B 37 19.44 -32.37 17.70
C ARG B 37 18.50 -31.18 17.55
N VAL B 38 19.05 -29.96 17.41
CA VAL B 38 18.20 -28.76 17.15
C VAL B 38 18.46 -28.34 15.71
N THR B 39 17.47 -27.81 14.99
CA THR B 39 17.65 -27.46 13.55
C THR B 39 18.22 -26.05 13.43
N GLU B 40 19.54 -25.90 13.31
CA GLU B 40 20.17 -24.59 13.24
C GLU B 40 19.88 -23.98 11.87
N VAL B 41 19.18 -22.85 11.86
CA VAL B 41 18.86 -22.13 10.64
C VAL B 41 19.77 -20.91 10.57
N LYS B 42 20.71 -20.93 9.64
CA LYS B 42 21.61 -19.81 9.45
C LYS B 42 21.02 -18.86 8.41
N THR B 43 20.92 -17.58 8.77
CA THR B 43 20.22 -16.61 7.93
C THR B 43 21.02 -15.33 7.79
N ASP B 44 20.76 -14.61 6.70
CA ASP B 44 21.29 -13.28 6.47
C ASP B 44 20.37 -12.55 5.52
N ILE B 45 20.46 -11.22 5.55
CA ILE B 45 19.55 -10.35 4.82
C ILE B 45 20.36 -9.47 3.88
N PHE B 46 19.99 -9.45 2.61
CA PHE B 46 20.51 -8.49 1.64
C PHE B 46 19.39 -7.50 1.33
N VAL B 47 19.58 -6.25 1.71
CA VAL B 47 18.58 -5.20 1.50
C VAL B 47 18.82 -4.61 0.13
N THR B 48 17.88 -4.84 -0.79
CA THR B 48 18.00 -4.27 -2.13
C THR B 48 17.69 -2.79 -2.12
N SER B 49 16.68 -2.37 -1.38
CA SER B 49 16.28 -0.96 -1.34
C SER B 49 15.52 -0.71 -0.05
N PHE B 50 16.01 0.22 0.76
CA PHE B 50 15.29 0.66 1.96
C PHE B 50 14.26 1.69 1.54
N GLY B 51 12.99 1.32 1.59
CA GLY B 51 11.93 2.16 1.05
C GLY B 51 11.58 3.32 1.95
N PRO B 52 10.55 4.07 1.59
CA PRO B 52 10.22 5.30 2.34
C PRO B 52 9.63 4.99 3.70
N VAL B 53 9.92 5.85 4.68
CA VAL B 53 9.39 5.69 6.05
C VAL B 53 8.16 6.58 6.19
N SER B 54 6.99 6.00 6.44
CA SER B 54 5.74 6.78 6.54
C SER B 54 5.56 7.20 7.98
N ASP B 55 5.95 8.41 8.31
CA ASP B 55 5.92 8.88 9.68
C ASP B 55 4.51 9.05 10.23
N HIS B 56 3.50 9.07 9.36
CA HIS B 56 2.12 9.15 9.82
C HIS B 56 1.63 7.83 10.39
N ASP B 57 2.07 6.70 9.84
CA ASP B 57 1.51 5.41 10.31
C ASP B 57 2.61 4.66 11.06
N MET B 58 3.66 5.38 11.44
CA MET B 58 4.79 4.75 12.17
C MET B 58 5.23 3.46 11.49
N GLU B 59 5.77 3.51 10.27
CA GLU B 59 6.13 2.24 9.60
C GLU B 59 7.16 2.52 8.51
N TYR B 60 7.89 1.49 8.07
CA TYR B 60 8.93 1.62 7.02
C TYR B 60 8.84 0.46 6.06
N THR B 61 8.93 0.67 4.75
CA THR B 61 8.97 -0.40 3.77
C THR B 61 10.41 -0.80 3.52
N ILE B 62 10.67 -2.11 3.47
CA ILE B 62 12.01 -2.59 3.14
C ILE B 62 11.87 -3.77 2.20
N ASP B 63 12.70 -3.80 1.15
CA ASP B 63 12.75 -4.90 0.20
C ASP B 63 14.03 -5.69 0.44
N VAL B 64 13.89 -6.97 0.80
CA VAL B 64 15.02 -7.77 1.25
C VAL B 64 15.18 -8.98 0.36
N PHE B 65 16.36 -9.57 0.42
CA PHE B 65 16.63 -10.91 -0.09
C PHE B 65 16.84 -11.78 1.14
N PHE B 66 15.75 -12.31 1.67
CA PHE B 66 15.79 -13.02 2.94
C PHE B 66 16.35 -14.41 2.71
N ARG B 67 17.66 -14.56 2.93
CA ARG B 67 18.33 -15.84 2.75
C ARG B 67 18.29 -16.64 4.04
N GLN B 68 18.06 -17.94 3.91
CA GLN B 68 18.09 -18.87 5.03
C GLN B 68 18.88 -20.11 4.61
N SER B 69 19.45 -20.79 5.60
CA SER B 69 20.23 -21.98 5.32
C SER B 69 20.23 -22.89 6.55
N TRP B 70 19.96 -24.17 6.32
CA TRP B 70 19.96 -25.15 7.41
C TRP B 70 20.54 -26.46 6.90
N LYS B 71 20.39 -27.53 7.67
CA LYS B 71 20.99 -28.81 7.30
C LYS B 71 19.94 -29.90 7.42
N ASP B 72 19.74 -30.65 6.34
CA ASP B 72 18.83 -31.79 6.32
C ASP B 72 19.60 -33.00 5.85
N GLU B 73 19.66 -34.04 6.68
CA GLU B 73 20.40 -35.25 6.35
C GLU B 73 19.59 -36.26 5.58
N ARG B 74 18.33 -35.96 5.28
CA ARG B 74 17.51 -36.83 4.44
C ARG B 74 17.63 -36.49 2.97
N LEU B 75 18.17 -35.31 2.66
CA LEU B 75 18.22 -34.84 1.26
C LEU B 75 19.67 -34.92 0.79
N LYS B 76 20.38 -35.95 1.22
CA LYS B 76 21.78 -36.14 0.77
C LYS B 76 21.72 -36.88 -0.56
N PHE B 77 22.48 -36.45 -1.54
CA PHE B 77 22.50 -37.19 -2.82
C PHE B 77 23.92 -37.40 -3.32
N LYS B 78 24.08 -38.36 -4.22
CA LYS B 78 25.40 -38.58 -4.84
C LYS B 78 25.17 -38.52 -6.36
N GLY B 79 25.72 -37.52 -7.04
CA GLY B 79 25.43 -37.39 -8.47
C GLY B 79 26.54 -36.76 -9.29
N PRO B 80 26.31 -36.49 -10.60
CA PRO B 80 27.33 -35.93 -11.47
C PRO B 80 27.76 -34.50 -11.10
N MET B 81 26.94 -33.81 -10.28
CA MET B 81 27.27 -32.45 -9.81
C MET B 81 27.32 -32.45 -8.28
N THR B 82 27.46 -31.28 -7.66
CA THR B 82 27.49 -31.19 -6.17
C THR B 82 26.33 -30.30 -5.69
N VAL B 83 26.10 -29.19 -6.38
CA VAL B 83 25.00 -28.25 -6.00
C VAL B 83 23.82 -28.45 -6.96
N LEU B 84 22.61 -28.58 -6.42
CA LEU B 84 21.40 -28.77 -7.27
C LEU B 84 20.63 -27.45 -7.33
N ARG B 85 20.92 -26.60 -8.32
CA ARG B 85 20.15 -25.37 -8.46
C ARG B 85 18.78 -25.72 -9.02
N LEU B 86 17.87 -26.07 -8.12
CA LEU B 86 16.58 -26.63 -8.49
C LEU B 86 15.57 -25.53 -8.76
N ASN B 87 14.38 -25.94 -9.21
CA ASN B 87 13.28 -25.02 -9.48
C ASN B 87 12.63 -24.60 -8.17
N ASN B 88 11.65 -23.70 -8.28
CA ASN B 88 11.02 -23.14 -7.09
C ASN B 88 10.03 -24.10 -6.45
N LEU B 89 9.33 -24.92 -7.24
CA LEU B 89 8.28 -25.76 -6.69
C LEU B 89 8.80 -26.95 -5.90
N MET B 90 10.11 -27.21 -5.93
CA MET B 90 10.68 -28.24 -5.05
C MET B 90 10.63 -27.80 -3.59
N ALA B 91 10.70 -26.49 -3.34
CA ALA B 91 10.75 -25.96 -1.98
C ALA B 91 9.47 -26.18 -1.20
N SER B 92 8.33 -26.32 -1.87
CA SER B 92 7.10 -26.65 -1.16
C SER B 92 6.97 -28.12 -0.84
N LYS B 93 7.83 -28.95 -1.42
CA LYS B 93 7.75 -30.42 -1.19
C LYS B 93 8.76 -30.85 -0.15
N ILE B 94 9.40 -29.90 0.54
CA ILE B 94 10.36 -30.20 1.59
C ILE B 94 10.08 -29.30 2.79
N TRP B 95 10.77 -29.59 3.89
CA TRP B 95 10.61 -28.81 5.10
C TRP B 95 11.29 -27.46 4.96
N THR B 96 10.58 -26.39 5.26
CA THR B 96 11.12 -25.05 5.32
C THR B 96 10.77 -24.43 6.66
N PRO B 97 11.65 -23.60 7.21
CA PRO B 97 11.35 -22.94 8.48
C PRO B 97 10.23 -21.92 8.31
N ASP B 98 9.41 -21.82 9.35
CA ASP B 98 8.26 -20.91 9.35
C ASP B 98 8.64 -19.57 9.99
N THR B 99 9.62 -18.91 9.36
CA THR B 99 10.10 -17.64 9.86
C THR B 99 9.10 -16.55 9.57
N PHE B 100 8.67 -15.84 10.61
CA PHE B 100 7.75 -14.73 10.47
C PHE B 100 8.34 -13.51 11.14
N PHE B 101 7.83 -12.34 10.78
CA PHE B 101 8.33 -11.09 11.33
C PHE B 101 7.45 -10.66 12.50
N HIS B 102 8.10 -10.35 13.63
CA HIS B 102 7.36 -10.03 14.85
C HIS B 102 6.62 -8.70 14.73
N ASN B 103 7.24 -7.71 14.12
CA ASN B 103 6.66 -6.37 14.00
C ASN B 103 6.25 -6.04 12.57
N GLY B 104 6.01 -7.05 11.75
CA GLY B 104 5.47 -6.80 10.43
C GLY B 104 3.99 -6.47 10.50
N LYS B 105 3.53 -5.78 9.47
CA LYS B 105 2.12 -5.35 9.46
C LYS B 105 1.43 -5.89 8.20
N LYS B 106 2.14 -5.90 7.07
CA LYS B 106 1.58 -6.50 5.83
C LYS B 106 2.70 -6.69 4.82
N SER B 107 3.40 -7.81 4.86
CA SER B 107 4.55 -8.02 3.96
C SER B 107 4.16 -8.86 2.75
N VAL B 108 4.61 -8.49 1.57
CA VAL B 108 4.21 -9.18 0.32
C VAL B 108 5.36 -10.04 -0.16
N ALA B 109 5.09 -11.24 -0.61
CA ALA B 109 6.15 -12.05 -1.22
C ALA B 109 5.87 -11.90 -2.69
N HIS B 110 6.83 -11.44 -3.44
CA HIS B 110 6.60 -11.12 -4.84
C HIS B 110 6.44 -12.39 -5.67
N ASN B 111 5.59 -12.39 -6.70
CA ASN B 111 5.32 -13.64 -7.44
C ASN B 111 5.49 -13.45 -8.94
N MET B 112 5.91 -12.28 -9.41
CA MET B 112 6.04 -11.99 -10.84
C MET B 112 7.44 -12.34 -11.30
N THR B 113 7.55 -13.19 -12.32
CA THR B 113 6.49 -13.89 -13.05
C THR B 113 6.26 -15.25 -12.41
N MET B 114 7.35 -15.95 -12.16
CA MET B 114 7.36 -17.06 -11.24
C MET B 114 7.46 -16.52 -9.81
N PRO B 115 7.18 -17.34 -8.80
CA PRO B 115 7.48 -16.91 -7.42
C PRO B 115 8.97 -16.66 -7.24
N ASN B 116 9.29 -15.54 -6.60
CA ASN B 116 10.69 -15.10 -6.51
C ASN B 116 11.43 -15.79 -5.38
N LYS B 117 11.61 -17.11 -5.49
CA LYS B 117 12.33 -17.87 -4.49
C LYS B 117 13.26 -18.82 -5.23
N LEU B 118 14.35 -19.20 -4.57
CA LEU B 118 15.25 -20.20 -5.13
C LEU B 118 15.59 -21.22 -4.06
N LEU B 119 16.06 -22.39 -4.51
CA LEU B 119 16.41 -23.47 -3.61
C LEU B 119 17.60 -24.21 -4.19
N ARG B 120 18.70 -24.26 -3.43
CA ARG B 120 19.90 -24.98 -3.83
C ARG B 120 20.20 -26.04 -2.79
N ILE B 121 20.48 -27.26 -3.24
CA ILE B 121 20.73 -28.39 -2.35
C ILE B 121 22.15 -28.87 -2.61
N THR B 122 23.01 -28.69 -1.61
CA THR B 122 24.37 -29.21 -1.68
C THR B 122 24.33 -30.72 -1.44
N GLU B 123 25.34 -31.42 -1.96
CA GLU B 123 25.34 -32.88 -1.95
C GLU B 123 25.49 -33.48 -0.56
N ASP B 124 26.03 -32.73 0.41
CA ASP B 124 26.15 -33.26 1.76
C ASP B 124 24.88 -33.09 2.58
N GLY B 125 23.91 -32.32 2.10
CA GLY B 125 22.70 -32.07 2.82
C GLY B 125 22.49 -30.63 3.25
N THR B 126 23.38 -29.72 2.87
CA THR B 126 23.19 -28.31 3.19
C THR B 126 22.25 -27.67 2.19
N LEU B 127 21.30 -26.87 2.68
CA LEU B 127 20.31 -26.23 1.83
C LEU B 127 20.44 -24.72 1.89
N LEU B 128 20.05 -24.07 0.80
CA LEU B 128 19.98 -22.58 0.76
C LEU B 128 18.60 -22.33 0.24
N TYR B 129 17.95 -21.30 0.71
CA TYR B 129 16.57 -21.01 0.34
C TYR B 129 16.33 -19.53 0.60
N THR B 130 16.40 -18.74 -0.47
CA THR B 130 16.29 -17.29 -0.35
C THR B 130 14.95 -16.83 -0.92
N MET B 131 14.41 -15.79 -0.32
CA MET B 131 13.13 -15.24 -0.73
C MET B 131 13.26 -13.75 -0.96
N ARG B 132 12.53 -13.25 -1.95
CA ARG B 132 12.43 -11.82 -2.18
C ARG B 132 11.13 -11.34 -1.57
N LEU B 133 11.23 -10.45 -0.58
CA LEU B 133 10.08 -9.97 0.16
C LEU B 133 10.12 -8.45 0.22
N THR B 134 8.94 -7.85 0.27
CA THR B 134 8.80 -6.48 0.74
C THR B 134 8.08 -6.51 2.08
N VAL B 135 8.63 -5.82 3.07
CA VAL B 135 8.16 -5.90 4.44
C VAL B 135 7.77 -4.51 4.90
N ARG B 136 6.51 -4.35 5.29
CA ARG B 136 6.04 -3.05 5.80
C ARG B 136 6.06 -3.19 7.29
N ALA B 137 7.19 -2.94 7.93
CA ALA B 137 7.31 -3.23 9.37
C ALA B 137 6.83 -2.09 10.22
N GLU B 138 6.79 -2.32 11.52
CA GLU B 138 6.33 -1.27 12.43
C GLU B 138 7.52 -0.67 13.16
N CYS B 139 7.69 0.65 13.06
CA CYS B 139 8.84 1.32 13.68
C CYS B 139 8.33 2.31 14.69
N PRO B 140 8.21 1.99 15.99
CA PRO B 140 7.80 2.95 17.02
C PRO B 140 8.87 4.00 17.23
N MET B 141 8.42 5.23 16.97
CA MET B 141 9.31 6.40 16.99
C MET B 141 8.93 7.35 18.11
N HIS B 142 9.86 8.19 18.54
CA HIS B 142 9.59 9.17 19.62
C HIS B 142 9.67 10.57 19.01
N LEU B 143 8.62 10.99 18.32
CA LEU B 143 8.63 12.29 17.62
C LEU B 143 8.54 13.40 18.66
N GLU B 144 9.56 13.58 19.50
CA GLU B 144 9.57 14.71 20.45
C GLU B 144 10.50 15.78 19.89
N ASP B 145 11.64 15.36 19.38
CA ASP B 145 12.61 16.36 18.89
C ASP B 145 12.34 16.67 17.42
N PHE B 146 11.13 16.42 16.92
CA PHE B 146 10.86 16.64 15.48
C PHE B 146 11.19 18.11 15.19
N PRO B 147 11.91 18.48 14.13
CA PRO B 147 12.28 17.61 13.07
C PRO B 147 13.75 17.25 13.14
N MET B 148 14.40 17.47 14.26
CA MET B 148 15.83 17.16 14.40
C MET B 148 15.94 15.87 15.19
N ASP B 149 15.19 14.84 14.82
CA ASP B 149 15.13 13.57 15.61
C ASP B 149 15.75 12.38 14.88
N ALA B 150 16.17 11.38 15.63
CA ALA B 150 16.73 10.14 15.05
C ALA B 150 15.85 8.98 15.45
N HIS B 151 15.90 7.88 14.70
CA HIS B 151 15.02 6.76 15.01
C HIS B 151 15.74 5.47 14.64
N ALA B 152 15.74 4.48 15.51
CA ALA B 152 16.28 3.17 15.19
C ALA B 152 15.10 2.24 14.92
N CYS B 153 14.70 2.16 13.65
CA CYS B 153 13.56 1.34 13.28
C CYS B 153 13.94 -0.13 13.32
N PRO B 154 13.25 -0.97 14.10
CA PRO B 154 13.65 -2.36 14.25
C PRO B 154 13.02 -3.28 13.22
N LEU B 155 13.57 -4.48 13.12
CA LEU B 155 13.03 -5.52 12.26
C LEU B 155 13.31 -6.86 12.96
N LYS B 156 12.31 -7.39 13.65
CA LYS B 156 12.46 -8.57 14.48
C LYS B 156 11.79 -9.76 13.81
N PHE B 157 12.54 -10.85 13.64
CA PHE B 157 12.00 -12.05 13.02
C PHE B 157 12.46 -13.28 13.80
N GLY B 158 11.69 -14.34 13.67
CA GLY B 158 12.01 -15.58 14.35
C GLY B 158 11.01 -16.66 13.97
N SER B 159 11.18 -17.82 14.57
CA SER B 159 10.28 -18.93 14.31
C SER B 159 8.93 -18.68 14.97
N TYR B 160 7.90 -19.34 14.44
CA TYR B 160 6.55 -19.22 14.99
C TYR B 160 6.16 -20.42 15.83
N ALA B 161 6.21 -21.60 15.27
CA ALA B 161 5.69 -22.74 16.02
C ALA B 161 6.80 -23.53 16.69
N TYR B 162 8.06 -23.17 16.51
CA TYR B 162 9.16 -24.02 17.02
C TYR B 162 9.89 -23.29 18.14
N THR B 163 10.04 -23.91 19.31
CA THR B 163 10.65 -23.26 20.49
C THR B 163 12.18 -23.34 20.43
N ARG B 164 12.89 -22.62 21.31
CA ARG B 164 14.37 -22.55 21.28
C ARG B 164 14.97 -23.92 21.55
N ALA B 165 14.13 -24.93 21.68
CA ALA B 165 14.66 -26.30 21.82
C ALA B 165 14.31 -27.07 20.56
N GLU B 166 13.94 -26.34 19.51
CA GLU B 166 13.55 -27.01 18.26
C GLU B 166 14.17 -26.28 17.07
N VAL B 167 14.15 -24.97 16.98
CA VAL B 167 14.82 -24.34 15.82
C VAL B 167 15.48 -23.06 16.28
N VAL B 168 16.81 -23.06 16.38
CA VAL B 168 17.56 -21.85 16.83
C VAL B 168 18.14 -21.17 15.61
N TYR B 169 18.12 -19.87 15.58
CA TYR B 169 18.60 -19.10 14.44
C TYR B 169 20.01 -18.60 14.70
N GLU B 170 20.71 -18.29 13.60
CA GLU B 170 22.07 -17.78 13.67
C GLU B 170 22.35 -17.01 12.39
N TRP B 171 23.40 -16.19 12.43
CA TRP B 171 23.82 -15.46 11.25
C TRP B 171 24.84 -16.29 10.47
N THR B 172 24.79 -16.16 9.14
CA THR B 172 25.67 -16.96 8.28
C THR B 172 27.10 -16.47 8.39
N ARG B 173 27.35 -15.22 8.00
CA ARG B 173 28.65 -14.61 8.15
C ARG B 173 28.73 -13.97 9.54
N GLU B 174 29.74 -13.12 9.75
CA GLU B 174 29.86 -12.39 10.99
C GLU B 174 28.70 -11.42 11.14
N PRO B 175 28.23 -11.15 12.37
CA PRO B 175 27.06 -10.28 12.57
C PRO B 175 27.24 -8.85 12.07
N ALA B 176 28.48 -8.39 11.99
CA ALA B 176 28.76 -7.12 11.31
C ALA B 176 28.48 -7.20 9.82
N ARG B 177 28.77 -8.35 9.21
CA ARG B 177 28.64 -8.55 7.77
C ARG B 177 27.47 -9.47 7.42
N SER B 178 26.41 -9.45 8.22
CA SER B 178 25.27 -10.32 7.98
C SER B 178 24.03 -9.58 7.51
N VAL B 179 24.00 -8.26 7.58
CA VAL B 179 22.97 -7.45 6.95
C VAL B 179 23.67 -6.44 6.06
N VAL B 180 23.44 -6.55 4.75
CA VAL B 180 24.12 -5.72 3.76
C VAL B 180 23.05 -4.87 3.06
N VAL B 181 23.30 -3.57 2.97
CA VAL B 181 22.42 -2.65 2.26
C VAL B 181 23.06 -2.31 0.92
N ALA B 182 22.28 -2.43 -0.15
CA ALA B 182 22.76 -2.11 -1.47
C ALA B 182 23.00 -0.60 -1.61
N GLU B 183 23.99 -0.25 -2.42
CA GLU B 183 24.38 1.15 -2.56
C GLU B 183 23.35 1.94 -3.35
N ASP B 184 22.80 1.34 -4.41
CA ASP B 184 21.83 2.05 -5.24
C ASP B 184 20.47 2.17 -4.58
N GLY B 185 20.15 1.26 -3.65
CA GLY B 185 18.84 1.30 -3.02
C GLY B 185 18.80 2.23 -1.84
N SER B 186 18.37 3.46 -2.08
CA SER B 186 18.33 4.51 -1.07
C SER B 186 17.03 5.28 -1.19
N ARG B 187 15.90 4.57 -1.21
CA ARG B 187 14.59 5.17 -1.49
C ARG B 187 14.08 6.10 -0.39
N LEU B 188 14.83 6.33 0.68
CA LEU B 188 14.48 7.36 1.64
C LEU B 188 14.60 8.74 1.00
N ASN B 189 13.56 9.54 1.12
CA ASN B 189 13.61 10.92 0.66
C ASN B 189 13.69 11.93 1.78
N GLN B 190 13.13 11.61 2.95
CA GLN B 190 13.16 12.50 4.11
C GLN B 190 14.27 12.16 5.08
N TYR B 191 14.41 10.88 5.43
CA TYR B 191 15.40 10.47 6.42
C TYR B 191 16.77 10.26 5.77
N ASP B 192 17.69 9.71 6.55
CA ASP B 192 19.03 9.41 6.07
C ASP B 192 19.54 8.19 6.81
N LEU B 193 19.83 7.12 6.08
CA LEU B 193 20.29 5.89 6.71
C LEU B 193 21.76 6.02 7.09
N LEU B 194 22.06 5.75 8.36
CA LEU B 194 23.42 5.84 8.89
C LEU B 194 24.12 4.50 8.96
N GLY B 195 23.42 3.47 9.44
CA GLY B 195 24.02 2.16 9.55
C GLY B 195 23.02 1.19 10.13
N GLN B 196 23.46 -0.06 10.25
CA GLN B 196 22.61 -1.13 10.75
C GLN B 196 23.35 -1.92 11.82
N THR B 197 22.60 -2.38 12.81
CA THR B 197 23.15 -3.17 13.92
C THR B 197 22.20 -4.31 14.23
N VAL B 198 22.76 -5.49 14.46
CA VAL B 198 21.95 -6.69 14.68
C VAL B 198 22.17 -7.20 16.10
N ASP B 199 21.26 -8.06 16.54
CA ASP B 199 21.33 -8.66 17.86
C ASP B 199 20.49 -9.94 17.86
N SER B 200 20.70 -10.76 18.88
CA SER B 200 19.94 -11.99 19.06
C SER B 200 19.54 -12.14 20.53
N GLY B 201 18.38 -12.74 20.75
CA GLY B 201 17.88 -12.88 22.10
C GLY B 201 16.76 -13.88 22.18
N ILE B 202 16.23 -14.02 23.39
CA ILE B 202 15.15 -14.96 23.69
C ILE B 202 13.93 -14.16 24.13
N VAL B 203 12.77 -14.48 23.57
CA VAL B 203 11.51 -13.89 23.99
C VAL B 203 10.73 -14.94 24.77
N GLN B 204 9.81 -14.47 25.61
CA GLN B 204 8.98 -15.33 26.43
C GLN B 204 7.54 -15.23 25.99
N SER B 205 6.91 -16.40 25.82
CA SER B 205 5.50 -16.46 25.47
C SER B 205 4.84 -17.53 26.30
N SER B 206 3.52 -17.64 26.19
CA SER B 206 2.79 -18.66 26.95
C SER B 206 3.07 -20.05 26.41
N THR B 207 3.34 -20.16 25.11
CA THR B 207 3.64 -21.47 24.53
C THR B 207 5.05 -21.93 24.85
N GLY B 208 6.00 -21.01 24.96
CA GLY B 208 7.36 -21.38 25.26
C GLY B 208 8.31 -20.23 25.03
N GLU B 209 9.59 -20.57 24.91
CA GLU B 209 10.64 -19.60 24.67
C GLU B 209 11.10 -19.71 23.23
N TYR B 210 11.19 -18.57 22.54
CA TYR B 210 11.53 -18.54 21.13
C TYR B 210 12.79 -17.72 20.92
N VAL B 211 13.60 -18.13 19.95
CA VAL B 211 14.77 -17.35 19.56
C VAL B 211 14.32 -16.24 18.62
N VAL B 212 14.59 -15.01 19.00
CA VAL B 212 14.25 -13.86 18.18
C VAL B 212 15.53 -13.31 17.57
N MET B 213 15.41 -12.75 16.37
CA MET B 213 16.53 -12.16 15.65
C MET B 213 16.18 -10.72 15.33
N THR B 214 16.88 -9.78 15.96
CA THR B 214 16.56 -8.38 15.87
C THR B 214 17.65 -7.64 15.11
N THR B 215 17.24 -6.74 14.23
CA THR B 215 18.16 -5.79 13.62
C THR B 215 17.57 -4.40 13.69
N HIS B 216 18.43 -3.40 13.79
CA HIS B 216 18.03 -2.01 13.93
C HIS B 216 18.63 -1.19 12.80
N PHE B 217 17.80 -0.38 12.16
CA PHE B 217 18.25 0.53 11.11
C PHE B 217 18.23 1.94 11.67
N HIS B 218 19.40 2.54 11.81
CA HIS B 218 19.54 3.86 12.43
C HIS B 218 19.30 4.92 11.36
N LEU B 219 18.27 5.74 11.57
CA LEU B 219 17.90 6.79 10.62
C LEU B 219 17.99 8.14 11.31
N LYS B 220 18.44 9.15 10.56
CA LYS B 220 18.45 10.53 11.02
C LYS B 220 17.67 11.37 10.03
N ARG B 221 16.74 12.18 10.56
CA ARG B 221 15.89 12.99 9.69
C ARG B 221 16.65 14.21 9.17
N LYS B 222 16.56 14.47 7.88
CA LYS B 222 17.11 15.66 7.27
C LYS B 222 16.10 16.80 7.40
N ILE B 223 16.57 17.93 7.93
CA ILE B 223 15.68 19.03 8.28
C ILE B 223 15.59 20.07 7.17
N GLY B 224 16.15 19.77 5.98
CA GLY B 224 16.18 20.75 4.92
C GLY B 224 14.80 21.02 4.32
N TYR B 225 13.89 20.06 4.44
CA TYR B 225 12.52 20.32 4.01
C TYR B 225 11.81 21.27 4.96
N PHE B 226 12.00 21.07 6.26
CA PHE B 226 11.21 21.82 7.24
C PHE B 226 11.76 23.23 7.45
N VAL B 227 12.98 23.50 7.04
CA VAL B 227 13.48 24.87 7.06
C VAL B 227 12.75 25.73 6.04
N ILE B 228 12.67 25.25 4.80
CA ILE B 228 12.08 26.03 3.72
C ILE B 228 10.56 25.94 3.67
N GLN B 229 9.95 25.17 4.56
CA GLN B 229 8.50 25.06 4.64
C GLN B 229 7.91 25.69 5.89
N THR B 230 8.57 25.50 7.04
CA THR B 230 8.04 26.00 8.31
C THR B 230 8.95 27.02 8.97
N TYR B 231 10.26 26.74 9.05
CA TYR B 231 11.14 27.57 9.85
C TYR B 231 11.40 28.93 9.18
N LEU B 232 11.70 28.93 7.89
CA LEU B 232 11.87 30.21 7.18
C LEU B 232 10.58 31.04 7.05
N PRO B 233 9.40 30.49 6.71
CA PRO B 233 8.21 31.37 6.69
C PRO B 233 7.77 31.84 8.08
N CYS B 234 8.10 31.12 9.15
CA CYS B 234 7.80 31.64 10.48
C CYS B 234 8.79 32.72 10.89
N ILE B 235 10.03 32.62 10.44
CA ILE B 235 11.00 33.68 10.69
C ILE B 235 10.63 34.94 9.93
N MET B 236 10.22 34.78 8.66
CA MET B 236 9.82 35.93 7.86
C MET B 236 8.53 36.56 8.35
N THR B 237 7.67 35.79 9.03
CA THR B 237 6.46 36.36 9.62
C THR B 237 6.80 37.25 10.81
N VAL B 238 7.76 36.83 11.63
CA VAL B 238 8.19 37.62 12.78
C VAL B 238 8.83 38.93 12.33
N ILE B 239 9.65 38.89 11.28
CA ILE B 239 10.23 40.11 10.72
C ILE B 239 9.15 40.98 10.09
N LEU B 240 8.14 40.35 9.49
CA LEU B 240 7.00 41.10 8.96
C LEU B 240 6.17 41.72 10.07
N SER B 241 6.14 41.11 11.25
CA SER B 241 5.45 41.72 12.38
C SER B 241 6.25 42.85 12.99
N GLN B 242 7.58 42.75 12.97
CA GLN B 242 8.44 43.73 13.63
C GLN B 242 8.76 44.93 12.77
N VAL B 243 8.34 44.94 11.50
CA VAL B 243 8.50 46.14 10.69
C VAL B 243 7.41 47.16 10.99
N SER B 244 6.37 46.75 11.72
CA SER B 244 5.29 47.64 12.12
C SER B 244 5.75 48.72 13.10
N PHE B 245 6.85 48.48 13.81
CA PHE B 245 7.39 49.50 14.71
C PHE B 245 8.06 50.65 13.98
N TRP B 246 8.38 50.48 12.69
CA TRP B 246 9.07 51.51 11.93
C TRP B 246 8.11 52.50 11.28
N LEU B 247 6.81 52.32 11.44
CA LEU B 247 5.84 53.24 10.88
C LEU B 247 5.52 54.35 11.88
N ASN B 248 4.50 55.15 11.55
CA ASN B 248 4.08 56.24 12.41
C ASN B 248 2.96 55.78 13.33
N ARG B 249 2.68 56.60 14.35
CA ARG B 249 1.63 56.28 15.30
C ARG B 249 0.24 56.50 14.73
N GLU B 250 0.09 57.46 13.81
CA GLU B 250 -1.21 57.87 13.34
C GLU B 250 -1.79 56.94 12.28
N SER B 251 -1.00 56.01 11.75
CA SER B 251 -1.46 55.08 10.73
C SER B 251 -2.12 53.87 11.40
N VAL B 252 -3.28 54.14 12.01
CA VAL B 252 -4.02 53.10 12.72
C VAL B 252 -4.55 51.99 11.81
N PRO B 253 -5.18 52.27 10.64
CA PRO B 253 -5.54 51.14 9.77
C PRO B 253 -4.35 50.45 9.12
N ALA B 254 -3.22 51.13 8.96
CA ALA B 254 -2.07 50.50 8.33
C ALA B 254 -1.39 49.51 9.26
N ARG B 255 -1.20 49.88 10.52
CA ARG B 255 -0.46 48.99 11.42
C ARG B 255 -1.30 47.81 11.87
N THR B 256 -2.63 47.92 11.85
CA THR B 256 -3.45 46.78 12.23
C THR B 256 -3.52 45.74 11.11
N VAL B 257 -3.17 46.14 9.88
CA VAL B 257 -3.02 45.16 8.81
C VAL B 257 -1.77 44.31 9.04
N PHE B 258 -0.67 44.94 9.47
CA PHE B 258 0.48 44.19 9.97
C PHE B 258 0.12 43.36 11.20
N GLY B 259 -0.76 43.90 12.06
CA GLY B 259 -1.10 43.20 13.28
C GLY B 259 -1.96 41.97 13.03
N VAL B 260 -2.98 42.09 12.17
CA VAL B 260 -3.95 41.03 12.01
C VAL B 260 -3.42 39.95 11.08
N THR B 261 -2.86 40.34 9.94
CA THR B 261 -2.51 39.36 8.91
C THR B 261 -1.28 38.54 9.29
N THR B 262 -0.39 39.08 10.13
CA THR B 262 0.75 38.30 10.56
C THR B 262 0.34 37.23 11.56
N VAL B 263 -0.56 37.56 12.46
CA VAL B 263 -1.00 36.55 13.43
C VAL B 263 -2.00 35.61 12.79
N LEU B 264 -2.66 36.02 11.71
CA LEU B 264 -3.50 35.09 10.97
C LEU B 264 -2.69 34.17 10.08
N THR B 265 -1.55 34.64 9.54
CA THR B 265 -0.70 33.71 8.81
C THR B 265 0.21 32.94 9.75
N MET B 266 0.29 33.34 11.02
CA MET B 266 0.99 32.53 12.00
C MET B 266 0.15 31.32 12.39
N THR B 267 -1.15 31.51 12.57
CA THR B 267 -1.99 30.42 13.02
C THR B 267 -2.37 29.45 11.90
N THR B 268 -2.25 29.87 10.63
CA THR B 268 -2.43 28.92 9.55
C THR B 268 -1.22 28.01 9.41
N LEU B 269 -0.02 28.58 9.56
CA LEU B 269 1.19 27.76 9.61
C LEU B 269 1.25 26.91 10.87
N SER B 270 0.63 27.37 11.96
CA SER B 270 0.53 26.55 13.15
C SER B 270 -0.36 25.33 12.92
N ILE B 271 -1.44 25.51 12.15
CA ILE B 271 -2.31 24.40 11.82
C ILE B 271 -1.65 23.47 10.81
N SER B 272 -1.06 24.04 9.77
CA SER B 272 -0.57 23.27 8.62
C SER B 272 0.80 22.66 8.84
N ALA B 273 1.44 22.87 10.00
CA ALA B 273 2.68 22.20 10.31
C ALA B 273 2.46 20.88 11.03
N ARG B 274 1.24 20.59 11.48
CA ARG B 274 0.95 19.37 12.20
C ARG B 274 0.11 18.39 11.39
N ASN B 275 -0.11 18.68 10.10
CA ASN B 275 -0.93 17.78 9.28
C ASN B 275 -0.17 16.50 8.93
N SER B 276 1.12 16.60 8.65
CA SER B 276 1.93 15.44 8.35
C SER B 276 2.27 14.63 9.59
N LEU B 277 2.21 15.24 10.76
CA LEU B 277 2.49 14.57 12.01
C LEU B 277 1.34 13.63 12.38
N PRO B 278 1.59 12.64 13.23
CA PRO B 278 0.47 11.90 13.84
C PRO B 278 -0.25 12.73 14.89
N LYS B 279 -1.30 12.17 15.49
CA LYS B 279 -2.06 12.90 16.50
C LYS B 279 -1.37 12.78 17.86
N VAL B 280 -0.21 13.44 17.95
CA VAL B 280 0.68 13.28 19.09
C VAL B 280 0.16 14.11 20.25
N ALA B 281 0.07 13.48 21.43
CA ALA B 281 -0.41 14.19 22.62
C ALA B 281 0.61 15.22 23.09
N TYR B 282 1.89 14.85 23.14
CA TYR B 282 2.91 15.78 23.62
C TYR B 282 3.32 16.73 22.51
N ALA B 283 4.13 17.73 22.87
CA ALA B 283 4.52 18.80 21.96
C ALA B 283 5.93 18.56 21.44
N THR B 284 6.10 18.69 20.12
CA THR B 284 7.38 18.48 19.49
C THR B 284 8.25 19.74 19.61
N ALA B 285 9.48 19.65 19.10
CA ALA B 285 10.37 20.81 19.14
C ALA B 285 9.98 21.86 18.11
N MET B 286 9.30 21.44 17.04
CA MET B 286 8.78 22.42 16.09
C MET B 286 7.61 23.20 16.66
N ASP B 287 6.83 22.56 17.54
CA ASP B 287 5.73 23.28 18.19
C ASP B 287 6.24 24.29 19.20
N TRP B 288 7.41 24.05 19.79
CA TRP B 288 8.00 25.04 20.66
C TRP B 288 8.53 26.24 19.88
N PHE B 289 9.03 26.02 18.67
CA PHE B 289 9.50 27.13 17.85
C PHE B 289 8.33 27.96 17.34
N ILE B 290 7.22 27.29 16.99
CA ILE B 290 6.05 28.02 16.50
C ILE B 290 5.41 28.84 17.60
N ALA B 291 5.22 28.23 18.79
CA ALA B 291 4.47 28.88 19.86
C ALA B 291 5.22 30.06 20.44
N VAL B 292 6.55 30.01 20.47
CA VAL B 292 7.33 31.18 20.86
C VAL B 292 7.22 32.26 19.79
N CYS B 293 7.31 31.88 18.51
CA CYS B 293 7.08 32.83 17.43
C CYS B 293 5.62 33.29 17.37
N TYR B 294 4.71 32.45 17.87
CA TYR B 294 3.32 32.86 18.02
C TYR B 294 3.17 33.87 19.15
N ALA B 295 4.15 33.92 20.05
CA ALA B 295 4.07 34.86 21.16
C ALA B 295 4.66 36.22 20.80
N PHE B 296 5.60 36.28 19.85
CA PHE B 296 6.15 37.57 19.45
C PHE B 296 5.13 38.40 18.66
N VAL B 297 4.27 37.73 17.88
CA VAL B 297 3.34 38.50 17.05
C VAL B 297 2.20 39.10 17.88
N PHE B 298 1.80 38.46 18.98
CA PHE B 298 0.95 39.15 19.94
C PHE B 298 1.72 40.21 20.70
N SER B 299 3.01 39.97 20.95
CA SER B 299 3.83 40.97 21.63
C SER B 299 4.03 42.21 20.76
N ALA B 300 4.03 42.02 19.44
CA ALA B 300 3.98 43.17 18.54
C ALA B 300 2.60 43.78 18.48
N LEU B 301 1.55 42.95 18.62
CA LEU B 301 0.18 43.43 18.50
C LEU B 301 -0.24 44.25 19.73
N ILE B 302 0.11 43.78 20.92
CA ILE B 302 -0.22 44.54 22.12
C ILE B 302 0.69 45.75 22.29
N GLU B 303 1.84 45.75 21.60
CA GLU B 303 2.67 46.94 21.55
C GLU B 303 1.98 48.05 20.77
N PHE B 304 1.34 47.69 19.66
CA PHE B 304 0.59 48.67 18.87
C PHE B 304 -0.66 49.14 19.61
N ALA B 305 -1.33 48.22 20.32
CA ALA B 305 -2.51 48.59 21.09
C ALA B 305 -2.13 49.50 22.26
N THR B 306 -0.91 49.35 22.77
CA THR B 306 -0.42 50.27 23.79
C THR B 306 -0.18 51.65 23.21
N VAL B 307 0.48 51.73 22.06
CA VAL B 307 0.84 53.02 21.49
C VAL B 307 -0.37 53.70 20.84
N ASN B 308 -1.38 52.92 20.46
CA ASN B 308 -2.62 53.53 19.96
C ASN B 308 -3.44 54.12 21.09
N TYR B 309 -3.38 53.52 22.28
CA TYR B 309 -4.08 54.06 23.43
C TYR B 309 -3.45 55.37 23.90
N PHE B 310 -2.12 55.48 23.78
CA PHE B 310 -1.42 56.68 24.19
C PHE B 310 -1.30 57.71 23.08
N THR B 311 -1.84 57.43 21.90
CA THR B 311 -1.86 58.44 20.85
C THR B 311 -2.89 59.51 21.17
N SER B 388 4.56 63.53 18.55
CA SER B 388 5.95 63.12 18.42
C SER B 388 6.05 61.60 18.36
N VAL B 389 7.27 61.12 18.13
CA VAL B 389 7.51 59.68 18.15
C VAL B 389 7.43 59.16 19.58
N SER B 390 7.07 57.90 19.73
CA SER B 390 6.87 57.30 21.04
C SER B 390 8.13 56.62 21.54
N LYS B 391 8.26 56.54 22.86
CA LYS B 391 9.35 55.77 23.45
C LYS B 391 9.12 54.28 23.32
N ILE B 392 7.87 53.85 23.15
CA ILE B 392 7.56 52.43 23.03
C ILE B 392 8.05 51.91 21.67
N ASP B 393 7.80 52.66 20.60
CA ASP B 393 8.26 52.24 19.28
C ASP B 393 9.77 52.38 19.16
N ARG B 394 10.36 53.35 19.86
CA ARG B 394 11.81 53.53 19.81
C ARG B 394 12.54 52.48 20.63
N LEU B 395 11.84 51.79 21.54
CA LEU B 395 12.44 50.69 22.29
C LEU B 395 12.13 49.34 21.66
N SER B 396 10.95 49.18 21.08
CA SER B 396 10.58 47.93 20.43
C SER B 396 11.23 47.76 19.06
N ARG B 397 11.81 48.83 18.50
CA ARG B 397 12.58 48.69 17.27
C ARG B 397 13.92 48.00 17.51
N ILE B 398 14.40 47.99 18.75
CA ILE B 398 15.69 47.40 19.08
C ILE B 398 15.52 46.11 19.87
N ALA B 399 14.58 46.08 20.84
CA ALA B 399 14.45 44.93 21.71
C ALA B 399 13.82 43.74 21.01
N PHE B 400 12.80 43.99 20.17
CA PHE B 400 12.13 42.89 19.47
C PHE B 400 13.04 42.14 18.48
N PRO B 401 13.87 42.79 17.64
CA PRO B 401 14.86 41.99 16.90
C PRO B 401 15.96 41.40 17.77
N LEU B 402 16.15 41.92 19.00
CA LEU B 402 17.21 41.37 19.85
C LEU B 402 16.76 40.08 20.52
N LEU B 403 15.61 40.09 21.19
CA LEU B 403 15.14 38.90 21.92
C LEU B 403 14.70 37.79 20.97
N PHE B 404 14.33 38.12 19.74
CA PHE B 404 14.11 37.08 18.74
C PHE B 404 15.44 36.45 18.33
N GLY B 405 16.50 37.25 18.26
CA GLY B 405 17.82 36.70 17.93
C GLY B 405 18.38 35.83 19.04
N ILE B 406 18.14 36.21 20.29
CA ILE B 406 18.64 35.44 21.43
C ILE B 406 17.93 34.09 21.53
N PHE B 407 16.61 34.09 21.30
CA PHE B 407 15.86 32.84 21.29
C PHE B 407 16.27 31.95 20.12
N ASN B 408 16.51 32.55 18.95
CA ASN B 408 16.92 31.78 17.78
C ASN B 408 18.32 31.22 17.94
N LEU B 409 19.18 31.92 18.67
CA LEU B 409 20.52 31.41 18.92
C LEU B 409 20.49 30.25 19.90
N VAL B 410 19.59 30.31 20.88
CA VAL B 410 19.59 29.30 21.93
C VAL B 410 18.74 28.10 21.53
N TYR B 411 17.80 28.26 20.60
CA TYR B 411 16.97 27.13 20.19
C TYR B 411 17.75 26.19 19.27
N TRP B 412 18.49 26.76 18.32
CA TRP B 412 19.22 25.92 17.37
C TRP B 412 20.43 25.26 18.02
N ALA B 413 21.03 25.92 19.03
CA ALA B 413 22.22 25.37 19.66
C ALA B 413 21.87 24.16 20.53
N THR B 414 20.71 24.19 21.18
CA THR B 414 20.34 23.12 22.08
C THR B 414 19.71 21.93 21.37
N TYR B 415 19.48 22.02 20.06
CA TYR B 415 18.82 20.94 19.33
C TYR B 415 19.64 20.39 18.18
N LEU B 416 20.47 21.21 17.53
CA LEU B 416 21.34 20.68 16.49
C LEU B 416 22.60 20.02 17.03
N ASN B 417 22.87 20.15 18.33
CA ASN B 417 24.10 19.64 18.93
C ASN B 417 23.74 18.66 20.06
N ARG B 418 22.75 17.81 19.80
CA ARG B 418 22.39 16.77 20.77
C ARG B 418 23.00 15.44 20.37
N PRO C 23 13.31 -37.41 11.96
CA PRO C 23 11.91 -37.83 12.15
C PRO C 23 11.80 -39.16 12.89
N GLU C 24 12.85 -40.00 12.80
CA GLU C 24 13.06 -41.24 13.52
C GLU C 24 12.10 -42.36 13.13
N GLY C 25 11.15 -42.08 12.23
CA GLY C 25 10.20 -43.08 11.79
C GLY C 25 8.95 -43.19 12.64
N ASP C 26 9.10 -43.07 13.95
CA ASP C 26 7.96 -43.27 14.85
C ASP C 26 7.00 -42.09 14.78
N VAL C 27 7.50 -40.88 14.59
CA VAL C 27 6.68 -39.68 14.50
C VAL C 27 5.88 -39.72 13.20
N THR C 28 6.50 -40.25 12.15
CA THR C 28 5.86 -40.43 10.85
C THR C 28 4.71 -41.43 10.87
N VAL C 29 4.89 -42.58 11.52
CA VAL C 29 3.85 -43.60 11.53
C VAL C 29 2.76 -43.23 12.53
N ILE C 30 3.06 -42.33 13.46
CA ILE C 30 2.03 -41.79 14.35
C ILE C 30 1.09 -40.88 13.55
N LEU C 31 1.67 -40.02 12.72
CA LEU C 31 0.86 -39.09 11.91
C LEU C 31 0.10 -39.81 10.81
N ASN C 32 0.67 -40.88 10.26
CA ASN C 32 -0.05 -41.66 9.26
C ASN C 32 -1.22 -42.42 9.89
N ASN C 33 -1.09 -42.84 11.15
CA ASN C 33 -2.20 -43.51 11.81
C ASN C 33 -3.29 -42.53 12.23
N LEU C 34 -2.92 -41.31 12.58
CA LEU C 34 -3.92 -40.34 13.05
C LEU C 34 -4.79 -39.79 11.93
N LEU C 35 -4.30 -39.78 10.69
CA LEU C 35 -5.07 -39.22 9.59
C LEU C 35 -5.71 -40.25 8.67
N GLU C 36 -5.38 -41.52 8.83
CA GLU C 36 -6.10 -42.52 8.06
C GLU C 36 -7.46 -42.74 8.71
N GLY C 37 -8.51 -42.74 7.88
CA GLY C 37 -9.84 -42.83 8.41
C GLY C 37 -10.34 -41.59 9.11
N TYR C 38 -9.66 -40.45 8.93
CA TYR C 38 -10.04 -39.21 9.58
C TYR C 38 -10.93 -38.39 8.64
N ASP C 39 -12.10 -37.99 9.15
CA ASP C 39 -13.01 -37.14 8.41
C ASP C 39 -12.97 -35.75 9.02
N ASN C 40 -12.38 -34.81 8.30
CA ASN C 40 -12.26 -33.44 8.79
C ASN C 40 -13.51 -32.61 8.59
N LYS C 41 -14.57 -33.20 8.04
CA LYS C 41 -15.80 -32.44 7.78
C LYS C 41 -16.71 -32.58 9.00
N LEU C 42 -16.33 -33.41 9.98
CA LEU C 42 -17.20 -33.66 11.15
C LEU C 42 -16.49 -33.28 12.45
N ARG C 43 -17.10 -32.43 13.29
CA ARG C 43 -16.52 -32.02 14.54
C ARG C 43 -16.37 -33.23 15.47
N PRO C 44 -15.43 -33.18 16.42
CA PRO C 44 -15.35 -34.25 17.42
C PRO C 44 -16.60 -34.30 18.29
N ASP C 45 -17.04 -35.52 18.61
CA ASP C 45 -18.27 -35.82 19.34
C ASP C 45 -19.48 -35.17 18.67
N ILE C 46 -19.75 -35.63 17.45
CA ILE C 46 -20.76 -35.01 16.59
C ILE C 46 -22.16 -35.20 17.15
N GLY C 47 -22.47 -36.37 17.72
CA GLY C 47 -23.79 -36.60 18.26
C GLY C 47 -23.79 -37.04 19.70
N VAL C 48 -22.77 -36.64 20.47
CA VAL C 48 -22.66 -37.07 21.85
C VAL C 48 -22.76 -35.87 22.79
N LYS C 49 -21.81 -34.96 22.70
CA LYS C 49 -21.72 -33.81 23.57
C LYS C 49 -21.19 -32.63 22.77
N PRO C 50 -21.52 -31.40 23.16
CA PRO C 50 -20.95 -30.24 22.47
C PRO C 50 -19.46 -30.13 22.71
N THR C 51 -18.75 -29.66 21.68
CA THR C 51 -17.31 -29.51 21.75
C THR C 51 -16.96 -28.27 22.57
N LEU C 52 -16.22 -28.47 23.65
CA LEU C 52 -15.81 -27.37 24.52
C LEU C 52 -14.49 -26.82 24.01
N ILE C 53 -14.48 -25.54 23.65
CA ILE C 53 -13.30 -24.88 23.10
C ILE C 53 -12.86 -23.80 24.08
N HIS C 54 -11.63 -23.89 24.54
CA HIS C 54 -11.04 -22.85 25.38
C HIS C 54 -10.31 -21.86 24.48
N THR C 55 -10.45 -20.57 24.77
CA THR C 55 -9.93 -19.52 23.92
C THR C 55 -8.95 -18.66 24.69
N ASP C 56 -7.82 -18.35 24.05
CA ASP C 56 -6.79 -17.49 24.61
C ASP C 56 -6.44 -16.43 23.58
N MET C 57 -5.99 -15.28 24.06
CA MET C 57 -5.62 -14.18 23.18
C MET C 57 -4.44 -13.45 23.78
N TYR C 58 -3.56 -12.95 22.91
CA TYR C 58 -2.43 -12.12 23.32
C TYR C 58 -2.36 -10.94 22.37
N VAL C 59 -2.74 -9.76 22.83
CA VAL C 59 -2.80 -8.59 21.99
C VAL C 59 -1.40 -8.03 21.79
N ASN C 60 -1.00 -7.85 20.54
CA ASN C 60 0.31 -7.24 20.26
C ASN C 60 0.23 -5.73 20.37
N SER C 61 -0.58 -5.10 19.52
CA SER C 61 -0.67 -3.64 19.51
C SER C 61 -2.02 -3.24 18.96
N ILE C 62 -2.74 -2.40 19.69
CA ILE C 62 -3.97 -1.80 19.18
C ILE C 62 -3.59 -0.63 18.30
N GLY C 63 -4.02 -0.69 17.03
CA GLY C 63 -3.60 0.30 16.06
C GLY C 63 -4.36 1.61 16.18
N PRO C 64 -4.45 2.34 15.07
CA PRO C 64 -5.12 3.64 15.10
C PRO C 64 -6.63 3.49 15.22
N VAL C 65 -7.24 4.36 16.02
CA VAL C 65 -8.68 4.37 16.22
C VAL C 65 -9.25 5.42 15.27
N ASN C 66 -9.83 4.97 14.16
CA ASN C 66 -10.37 5.88 13.16
C ASN C 66 -11.71 6.41 13.64
N ALA C 67 -11.73 7.68 14.07
CA ALA C 67 -12.96 8.27 14.59
C ALA C 67 -13.96 8.53 13.48
N ILE C 68 -13.48 8.85 12.27
CA ILE C 68 -14.38 9.15 11.17
C ILE C 68 -15.01 7.90 10.57
N ASN C 69 -14.43 6.72 10.79
CA ASN C 69 -14.95 5.47 10.27
C ASN C 69 -15.53 4.58 11.35
N MET C 70 -15.42 4.99 12.63
CA MET C 70 -15.86 4.21 13.81
C MET C 70 -15.22 2.82 13.82
N GLU C 71 -13.93 2.76 13.52
CA GLU C 71 -13.21 1.49 13.43
C GLU C 71 -11.85 1.62 14.07
N TYR C 72 -11.26 0.47 14.38
CA TYR C 72 -9.93 0.41 14.98
C TYR C 72 -9.27 -0.88 14.56
N THR C 73 -7.94 -0.88 14.61
CA THR C 73 -7.13 -2.01 14.18
C THR C 73 -6.51 -2.68 15.39
N ILE C 74 -6.59 -4.01 15.44
CA ILE C 74 -6.01 -4.78 16.53
C ILE C 74 -5.20 -5.93 15.94
N ASP C 75 -4.06 -6.23 16.55
CA ASP C 75 -3.19 -7.33 16.15
C ASP C 75 -3.07 -8.28 17.32
N ILE C 76 -3.51 -9.53 17.14
CA ILE C 76 -3.61 -10.48 18.24
C ILE C 76 -2.96 -11.79 17.83
N PHE C 77 -2.65 -12.61 18.84
CA PHE C 77 -2.20 -13.98 18.68
C PHE C 77 -3.35 -14.86 19.17
N PHE C 78 -4.29 -15.15 18.27
CA PHE C 78 -5.48 -15.90 18.63
C PHE C 78 -5.15 -17.37 18.82
N ALA C 79 -5.45 -17.91 20.00
CA ALA C 79 -5.13 -19.28 20.34
C ALA C 79 -6.37 -20.00 20.83
N GLN C 80 -6.64 -21.18 20.27
CA GLN C 80 -7.81 -21.98 20.64
C GLN C 80 -7.36 -23.36 21.08
N THR C 81 -8.13 -23.96 21.98
CA THR C 81 -7.81 -25.28 22.51
C THR C 81 -9.10 -26.08 22.66
N TRP C 82 -9.10 -27.30 22.09
CA TRP C 82 -10.26 -28.22 22.24
C TRP C 82 -9.71 -29.64 22.33
N TYR C 83 -10.60 -30.64 22.40
CA TYR C 83 -10.16 -32.05 22.46
C TYR C 83 -10.72 -32.83 21.26
N ASP C 84 -9.87 -33.64 20.61
CA ASP C 84 -10.34 -34.49 19.48
C ASP C 84 -10.00 -35.95 19.83
N ARG C 85 -11.00 -36.72 20.27
CA ARG C 85 -10.73 -38.09 20.68
C ARG C 85 -10.06 -38.92 19.60
N ARG C 86 -10.16 -38.52 18.34
CA ARG C 86 -9.57 -39.28 17.25
C ARG C 86 -8.07 -39.06 17.12
N LEU C 87 -7.52 -38.05 17.79
CA LEU C 87 -6.10 -37.74 17.71
C LEU C 87 -5.33 -38.25 18.94
N LYS C 88 -5.87 -39.25 19.63
CA LYS C 88 -5.18 -39.83 20.77
C LYS C 88 -4.17 -40.86 20.30
N PHE C 89 -2.93 -40.75 20.78
CA PHE C 89 -1.89 -41.69 20.44
C PHE C 89 -1.14 -42.09 21.70
N ASN C 90 -0.69 -43.34 21.74
CA ASN C 90 0.03 -43.90 22.88
C ASN C 90 1.47 -44.15 22.45
N SER C 91 2.38 -43.29 22.88
CA SER C 91 3.79 -43.42 22.56
C SER C 91 4.60 -42.65 23.60
N THR C 92 5.92 -42.76 23.48
CA THR C 92 6.81 -42.01 24.37
C THR C 92 6.82 -40.52 24.05
N ILE C 93 6.50 -40.14 22.83
CA ILE C 93 6.44 -38.74 22.45
C ILE C 93 5.17 -38.13 23.04
N LYS C 94 5.32 -37.06 23.81
CA LYS C 94 4.18 -36.45 24.48
C LYS C 94 3.48 -35.43 23.60
N VAL C 95 4.22 -34.46 23.05
CA VAL C 95 3.67 -33.35 22.30
C VAL C 95 4.16 -33.43 20.87
N LEU C 96 3.25 -33.32 19.92
CA LEU C 96 3.58 -33.25 18.50
C LEU C 96 3.52 -31.79 18.07
N ARG C 97 4.66 -31.12 18.18
CA ARG C 97 4.74 -29.71 17.76
C ARG C 97 4.90 -29.70 16.25
N LEU C 98 3.88 -29.28 15.52
CA LEU C 98 3.85 -29.32 14.06
C LEU C 98 3.77 -27.91 13.49
N ASN C 99 4.01 -27.82 12.19
CA ASN C 99 3.94 -26.56 11.46
C ASN C 99 2.53 -26.36 10.90
N SER C 100 2.38 -25.41 9.98
CA SER C 100 1.05 -25.03 9.53
C SER C 100 0.45 -25.99 8.52
N ASN C 101 1.22 -26.96 8.02
CA ASN C 101 0.72 -27.83 6.95
C ASN C 101 -0.22 -28.92 7.45
N MET C 102 -0.33 -29.11 8.76
CA MET C 102 -1.23 -30.11 9.33
C MET C 102 -2.62 -29.52 9.57
N VAL C 103 -2.73 -28.19 9.55
CA VAL C 103 -3.96 -27.47 9.91
C VAL C 103 -5.09 -27.79 8.93
N GLY C 104 -4.78 -27.83 7.63
CA GLY C 104 -5.80 -28.12 6.65
C GLY C 104 -6.25 -29.57 6.61
N LYS C 105 -5.57 -30.47 7.33
CA LYS C 105 -5.91 -31.88 7.34
C LYS C 105 -6.83 -32.27 8.49
N ILE C 106 -6.78 -31.56 9.61
CA ILE C 106 -7.58 -31.90 10.77
C ILE C 106 -8.71 -30.87 10.92
N TRP C 107 -9.64 -31.17 11.81
CA TRP C 107 -10.80 -30.30 12.00
C TRP C 107 -10.40 -29.03 12.74
N ILE C 108 -10.93 -27.91 12.26
CA ILE C 108 -10.67 -26.58 12.83
C ILE C 108 -12.01 -25.90 13.07
N PRO C 109 -12.25 -25.33 14.25
CA PRO C 109 -13.50 -24.60 14.47
C PRO C 109 -13.58 -23.34 13.63
N ASP C 110 -14.81 -22.98 13.27
CA ASP C 110 -15.07 -21.89 12.34
C ASP C 110 -15.31 -20.58 13.10
N THR C 111 -14.31 -20.17 13.87
CA THR C 111 -14.43 -18.95 14.66
C THR C 111 -14.32 -17.73 13.76
N PHE C 112 -15.36 -16.90 13.76
CA PHE C 112 -15.38 -15.67 12.99
C PHE C 112 -15.69 -14.52 13.92
N PHE C 113 -15.21 -13.34 13.54
CA PHE C 113 -15.40 -12.14 14.36
C PHE C 113 -16.63 -11.39 13.85
N ARG C 114 -17.59 -11.16 14.74
CA ARG C 114 -18.90 -10.67 14.33
C ARG C 114 -18.88 -9.21 13.95
N ASN C 115 -18.00 -8.41 14.56
CA ASN C 115 -17.95 -6.98 14.31
C ASN C 115 -16.70 -6.56 13.55
N SER C 116 -16.20 -7.43 12.67
CA SER C 116 -14.99 -7.17 11.92
C SER C 116 -15.36 -6.71 10.52
N LYS C 117 -14.93 -5.49 10.16
CA LYS C 117 -15.16 -5.00 8.81
C LYS C 117 -14.22 -5.66 7.81
N LYS C 118 -12.95 -5.82 8.19
CA LYS C 118 -11.96 -6.42 7.31
C LYS C 118 -10.85 -7.02 8.16
N ALA C 119 -10.50 -8.27 7.88
CA ALA C 119 -9.46 -8.94 8.65
C ALA C 119 -8.69 -9.88 7.74
N ASP C 120 -7.44 -10.14 8.12
CA ASP C 120 -6.59 -11.05 7.36
C ASP C 120 -5.52 -11.61 8.29
N ALA C 121 -5.01 -12.79 7.92
CA ALA C 121 -3.89 -13.38 8.64
C ALA C 121 -2.60 -12.93 7.95
N HIS C 122 -1.47 -13.52 8.38
CA HIS C 122 -0.17 -13.22 7.73
C HIS C 122 0.29 -14.52 7.04
N TRP C 123 0.95 -14.41 5.88
CA TRP C 123 1.27 -15.64 5.10
C TRP C 123 2.78 -15.82 4.91
N ILE C 124 3.60 -14.77 5.16
CA ILE C 124 5.06 -14.80 4.83
C ILE C 124 5.96 -14.97 6.06
N THR C 125 7.01 -15.81 5.99
CA THR C 125 7.42 -16.74 4.90
C THR C 125 6.39 -17.87 4.78
N THR C 126 5.96 -18.43 5.91
CA THR C 126 4.96 -19.53 5.92
C THR C 126 3.72 -19.05 6.67
N PRO C 127 2.48 -19.36 6.26
CA PRO C 127 1.28 -19.00 7.02
C PRO C 127 1.46 -19.17 8.52
N ASN C 128 1.26 -18.07 9.26
CA ASN C 128 1.59 -18.02 10.67
C ASN C 128 0.60 -18.83 11.49
N ARG C 129 0.78 -20.15 11.53
CA ARG C 129 -0.11 -21.02 12.27
C ARG C 129 0.72 -22.00 13.09
N MET C 130 0.21 -22.32 14.27
CA MET C 130 0.82 -23.27 15.18
C MET C 130 -0.17 -24.38 15.45
N LEU C 131 0.31 -25.62 15.48
CA LEU C 131 -0.54 -26.76 15.75
C LEU C 131 0.23 -27.76 16.59
N ARG C 132 -0.15 -27.88 17.86
CA ARG C 132 0.47 -28.82 18.79
C ARG C 132 -0.58 -29.81 19.27
N ILE C 133 -0.26 -31.08 19.20
CA ILE C 133 -1.18 -32.15 19.58
C ILE C 133 -0.55 -32.93 20.72
N TRP C 134 -1.26 -33.01 21.84
CA TRP C 134 -0.81 -33.81 22.97
C TRP C 134 -1.24 -35.25 22.80
N ASN C 135 -0.75 -36.11 23.69
CA ASN C 135 -1.01 -37.54 23.58
C ASN C 135 -2.40 -37.94 24.03
N ASP C 136 -3.08 -37.11 24.82
CA ASP C 136 -4.43 -37.42 25.27
C ASP C 136 -5.50 -36.86 24.34
N GLY C 137 -5.10 -36.23 23.24
CA GLY C 137 -6.04 -35.66 22.29
C GLY C 137 -6.24 -34.16 22.42
N ARG C 138 -5.56 -33.51 23.35
CA ARG C 138 -5.68 -32.06 23.47
C ARG C 138 -4.96 -31.38 22.33
N VAL C 139 -5.63 -30.46 21.65
CA VAL C 139 -5.12 -29.81 20.45
C VAL C 139 -5.03 -28.31 20.71
N LEU C 140 -3.88 -27.73 20.43
CA LEU C 140 -3.68 -26.29 20.52
C LEU C 140 -3.47 -25.72 19.13
N TYR C 141 -4.23 -24.68 18.79
CA TYR C 141 -4.17 -24.07 17.48
C TYR C 141 -4.04 -22.56 17.66
N THR C 142 -2.97 -22.00 17.13
CA THR C 142 -2.64 -20.59 17.31
C THR C 142 -2.34 -19.95 15.96
N LEU C 143 -2.88 -18.75 15.74
CA LEU C 143 -2.61 -18.03 14.50
C LEU C 143 -2.58 -16.53 14.80
N ARG C 144 -1.87 -15.80 13.95
CA ARG C 144 -1.71 -14.36 14.08
C ARG C 144 -2.69 -13.67 13.15
N LEU C 145 -3.47 -12.73 13.70
CA LEU C 145 -4.54 -12.08 12.95
C LEU C 145 -4.49 -10.58 13.16
N THR C 146 -4.96 -9.85 12.15
CA THR C 146 -5.12 -8.41 12.21
C THR C 146 -6.55 -8.08 11.84
N ILE C 147 -7.27 -7.40 12.74
CA ILE C 147 -8.71 -7.18 12.60
C ILE C 147 -8.99 -5.69 12.59
N ASP C 148 -9.72 -5.23 11.58
CA ASP C 148 -10.28 -3.88 11.57
C ASP C 148 -11.71 -3.97 12.10
N ALA C 149 -11.83 -4.01 13.41
CA ALA C 149 -13.13 -4.21 14.04
C ALA C 149 -13.92 -2.91 14.09
N GLU C 150 -15.23 -3.05 14.35
CA GLU C 150 -16.13 -1.92 14.48
C GLU C 150 -16.29 -1.55 15.95
N CYS C 151 -16.11 -0.26 16.25
CA CYS C 151 -16.27 0.24 17.61
C CYS C 151 -17.19 1.44 17.57
N GLN C 152 -18.22 1.44 18.42
CA GLN C 152 -19.11 2.58 18.52
C GLN C 152 -18.42 3.72 19.24
N LEU C 153 -18.61 4.94 18.73
CA LEU C 153 -17.99 6.13 19.29
C LEU C 153 -19.05 7.21 19.44
N GLN C 154 -19.37 7.56 20.68
CA GLN C 154 -20.23 8.71 20.91
C GLN C 154 -19.44 9.99 20.70
N LEU C 155 -20.09 10.97 20.06
CA LEU C 155 -19.48 12.27 19.84
C LEU C 155 -20.03 13.34 20.75
N HIS C 156 -20.85 12.98 21.74
CA HIS C 156 -21.24 13.91 22.77
C HIS C 156 -20.13 14.01 23.81
N ASN C 157 -19.87 15.25 24.26
CA ASN C 157 -18.74 15.68 25.08
C ASN C 157 -17.38 15.46 24.41
N PHE C 158 -17.35 15.24 23.10
CA PHE C 158 -16.10 15.05 22.38
C PHE C 158 -15.36 16.38 22.30
N PRO C 159 -14.02 16.41 22.43
CA PRO C 159 -13.08 15.30 22.67
C PRO C 159 -12.77 14.99 24.14
N MET C 160 -13.74 14.99 25.05
CA MET C 160 -13.53 14.50 26.40
C MET C 160 -14.54 13.37 26.61
N ASP C 161 -14.15 12.16 26.18
CA ASP C 161 -15.07 11.03 26.14
C ASP C 161 -14.32 9.74 26.44
N GLU C 162 -15.08 8.72 26.82
CA GLU C 162 -14.55 7.40 27.11
C GLU C 162 -15.35 6.37 26.32
N HIS C 163 -14.65 5.38 25.77
CA HIS C 163 -15.29 4.35 24.96
C HIS C 163 -14.92 2.97 25.46
N SER C 164 -15.77 2.00 25.14
CA SER C 164 -15.53 0.59 25.38
C SER C 164 -15.60 -0.09 24.01
N CYS C 165 -14.47 -0.15 23.34
CA CYS C 165 -14.41 -0.76 22.01
C CYS C 165 -14.51 -2.27 22.13
N PRO C 166 -15.49 -2.91 21.52
CA PRO C 166 -15.69 -4.35 21.72
C PRO C 166 -14.99 -5.19 20.65
N LEU C 167 -15.01 -6.51 20.89
CA LEU C 167 -14.51 -7.48 19.93
C LEU C 167 -15.28 -8.77 20.17
N GLU C 168 -16.25 -9.05 19.31
CA GLU C 168 -17.15 -10.19 19.47
C GLU C 168 -16.78 -11.26 18.46
N PHE C 169 -16.60 -12.50 18.94
CA PHE C 169 -16.39 -13.61 18.03
C PHE C 169 -17.23 -14.80 18.46
N SER C 170 -17.56 -15.65 17.50
CA SER C 170 -18.38 -16.83 17.72
C SER C 170 -18.13 -17.80 16.58
N SER C 171 -18.72 -18.98 16.70
CA SER C 171 -18.69 -19.93 15.60
C SER C 171 -19.78 -19.57 14.59
N TYR C 172 -19.45 -19.63 13.30
CA TYR C 172 -20.40 -19.21 12.28
C TYR C 172 -21.51 -20.22 12.09
N GLY C 173 -21.17 -21.49 12.03
CA GLY C 173 -22.16 -22.49 11.67
C GLY C 173 -22.71 -23.28 12.84
N TYR C 174 -21.82 -23.65 13.76
CA TYR C 174 -22.23 -24.58 14.83
C TYR C 174 -22.97 -23.79 15.89
N PRO C 175 -24.21 -24.20 16.25
CA PRO C 175 -24.96 -23.52 17.32
C PRO C 175 -24.47 -23.85 18.73
N ARG C 176 -25.25 -23.42 19.72
CA ARG C 176 -24.88 -23.56 21.13
C ARG C 176 -24.76 -25.03 21.54
N GLU C 177 -25.62 -25.88 21.00
CA GLU C 177 -25.59 -27.29 21.33
C GLU C 177 -24.54 -28.08 20.54
N GLU C 178 -23.66 -27.40 19.80
CA GLU C 178 -22.58 -28.05 19.08
C GLU C 178 -21.21 -27.58 19.49
N ILE C 179 -21.02 -26.27 19.69
CA ILE C 179 -19.75 -25.69 20.13
C ILE C 179 -20.02 -24.72 21.26
N VAL C 180 -19.33 -24.90 22.37
CA VAL C 180 -19.41 -23.99 23.51
C VAL C 180 -18.02 -23.41 23.75
N TYR C 181 -17.90 -22.09 23.68
CA TYR C 181 -16.63 -21.44 23.93
C TYR C 181 -16.44 -21.23 25.43
N GLN C 182 -15.24 -20.82 25.84
CA GLN C 182 -14.95 -20.66 27.28
C GLN C 182 -13.59 -20.00 27.48
N TRP C 183 -13.57 -18.79 28.05
CA TRP C 183 -12.31 -18.02 28.23
C TRP C 183 -11.27 -18.84 29.01
N LYS C 184 -9.98 -18.66 28.67
CA LYS C 184 -8.90 -19.35 29.42
C LYS C 184 -8.57 -18.48 30.65
N ARG C 185 -7.74 -18.99 31.56
CA ARG C 185 -7.44 -18.22 32.80
C ARG C 185 -6.91 -16.84 32.41
N SER C 186 -5.95 -16.77 31.49
CA SER C 186 -5.45 -15.46 31.00
C SER C 186 -6.19 -15.12 29.69
N SER C 187 -7.52 -15.00 29.75
CA SER C 187 -8.31 -14.75 28.52
C SER C 187 -7.62 -13.72 27.62
N VAL C 188 -7.34 -12.52 28.14
CA VAL C 188 -6.72 -11.45 27.32
C VAL C 188 -5.42 -10.98 27.98
N GLU C 189 -4.33 -10.91 27.21
CA GLU C 189 -3.02 -10.48 27.76
C GLU C 189 -2.49 -9.31 26.92
N VAL C 190 -2.09 -8.21 27.56
CA VAL C 190 -1.64 -7.07 26.79
C VAL C 190 -0.11 -7.08 26.72
N GLY C 191 0.42 -6.38 25.74
CA GLY C 191 1.86 -6.35 25.55
C GLY C 191 2.55 -5.33 26.43
N ASP C 192 3.42 -4.52 25.83
CA ASP C 192 4.13 -3.50 26.60
C ASP C 192 3.23 -2.33 26.95
N THR C 193 2.23 -2.04 26.10
CA THR C 193 1.33 -0.89 26.19
C THR C 193 2.08 0.44 26.25
N ARG C 194 3.23 0.51 25.58
CA ARG C 194 4.01 1.75 25.48
C ARG C 194 4.42 2.08 24.06
N SER C 195 4.49 1.11 23.15
CA SER C 195 4.69 1.34 21.73
C SER C 195 3.38 1.25 20.97
N TRP C 196 2.26 1.21 21.68
CA TRP C 196 0.95 1.11 21.05
C TRP C 196 0.59 2.42 20.36
N ARG C 197 -0.32 2.32 19.39
CA ARG C 197 -0.75 3.47 18.61
C ARG C 197 -1.95 4.19 19.21
N LEU C 198 -2.17 4.02 20.52
CA LEU C 198 -3.23 4.76 21.20
C LEU C 198 -2.74 6.20 21.38
N TYR C 199 -2.98 7.00 20.35
CA TYR C 199 -2.56 8.39 20.36
C TYR C 199 -3.54 9.26 21.14
N GLN C 200 -4.81 9.21 20.75
CA GLN C 200 -5.81 10.01 21.43
C GLN C 200 -6.11 9.46 22.82
N PHE C 201 -6.20 8.14 22.93
CA PHE C 201 -6.67 7.48 24.13
C PHE C 201 -5.51 6.84 24.88
N SER C 202 -5.83 6.27 26.04
CA SER C 202 -4.92 5.43 26.78
C SER C 202 -5.65 4.17 27.20
N PHE C 203 -4.94 3.05 27.21
CA PHE C 203 -5.55 1.76 27.54
C PHE C 203 -5.86 1.72 29.03
N VAL C 204 -7.14 1.86 29.38
CA VAL C 204 -7.52 1.87 30.78
C VAL C 204 -7.59 0.45 31.34
N GLY C 205 -8.32 -0.43 30.66
CA GLY C 205 -8.45 -1.79 31.15
C GLY C 205 -9.23 -2.64 30.17
N LEU C 206 -9.37 -3.91 30.52
CA LEU C 206 -10.05 -4.89 29.68
C LEU C 206 -11.02 -5.69 30.53
N ARG C 207 -12.10 -6.13 29.89
CA ARG C 207 -13.12 -6.97 30.58
C ARG C 207 -13.64 -8.00 29.59
N ASN C 208 -13.50 -9.28 29.93
CA ASN C 208 -13.92 -10.39 29.05
C ASN C 208 -15.31 -10.81 29.47
N THR C 209 -16.21 -11.06 28.52
CA THR C 209 -17.59 -11.52 28.86
C THR C 209 -18.07 -12.57 27.86
N THR C 210 -19.17 -13.26 28.15
CA THR C 210 -19.74 -14.27 27.24
C THR C 210 -21.26 -14.20 27.25
N GLU C 211 -21.94 -14.75 26.25
CA GLU C 211 -23.40 -14.61 26.16
C GLU C 211 -23.97 -15.60 25.15
N VAL C 212 -25.29 -15.62 24.97
CA VAL C 212 -25.85 -16.47 23.93
C VAL C 212 -26.80 -15.62 23.10
N VAL C 213 -26.45 -15.39 21.84
CA VAL C 213 -27.29 -14.61 20.95
C VAL C 213 -28.21 -15.57 20.22
N LYS C 214 -29.41 -15.09 19.88
CA LYS C 214 -30.39 -15.90 19.16
C LYS C 214 -30.59 -15.31 17.77
N THR C 215 -30.23 -16.07 16.75
CA THR C 215 -30.41 -15.67 15.36
C THR C 215 -31.36 -16.66 14.68
N THR C 216 -31.48 -16.50 13.37
CA THR C 216 -32.42 -17.33 12.59
C THR C 216 -31.90 -18.77 12.43
N SER C 217 -30.59 -18.97 12.44
CA SER C 217 -30.01 -20.29 12.31
C SER C 217 -29.81 -21.00 13.65
N GLY C 218 -30.14 -20.35 14.76
CA GLY C 218 -30.03 -20.99 16.05
C GLY C 218 -29.42 -20.12 17.13
N ASP C 219 -29.11 -20.71 18.27
CA ASP C 219 -28.47 -19.99 19.38
C ASP C 219 -26.97 -20.15 19.29
N TYR C 220 -26.23 -19.05 19.37
CA TYR C 220 -24.79 -19.08 19.23
C TYR C 220 -24.12 -18.46 20.45
N VAL C 221 -23.04 -19.09 20.90
CA VAL C 221 -22.28 -18.60 22.05
C VAL C 221 -21.28 -17.56 21.56
N VAL C 222 -21.34 -16.36 22.12
CA VAL C 222 -20.53 -15.24 21.69
C VAL C 222 -19.61 -14.85 22.83
N MET C 223 -18.32 -14.81 22.56
CA MET C 223 -17.33 -14.28 23.49
C MET C 223 -17.00 -12.84 23.12
N SER C 224 -16.89 -12.00 24.12
CA SER C 224 -16.69 -10.57 23.92
C SER C 224 -15.50 -10.09 24.74
N VAL C 225 -14.68 -9.25 24.14
CA VAL C 225 -13.61 -8.53 24.83
C VAL C 225 -13.86 -7.05 24.67
N TYR C 226 -13.88 -6.32 25.78
CA TYR C 226 -14.10 -4.88 25.77
C TYR C 226 -12.79 -4.18 26.14
N PHE C 227 -12.46 -3.13 25.40
CA PHE C 227 -11.25 -2.36 25.65
C PHE C 227 -11.66 -0.95 26.06
N ASP C 228 -11.33 -0.57 27.28
CA ASP C 228 -11.68 0.75 27.81
C ASP C 228 -10.64 1.77 27.35
N LEU C 229 -11.08 2.74 26.56
CA LEU C 229 -10.21 3.78 26.04
C LEU C 229 -10.71 5.14 26.51
N SER C 230 -9.82 5.92 27.12
CA SER C 230 -10.15 7.24 27.63
C SER C 230 -9.21 8.26 27.00
N ARG C 231 -9.79 9.28 26.35
CA ARG C 231 -9.02 10.30 25.66
C ARG C 231 -8.38 11.28 26.63
N ASN D 9 -31.44 -41.63 -11.95
CA ASN D 9 -32.40 -41.99 -13.03
C ASN D 9 -32.23 -41.01 -14.18
N ASN D 10 -33.01 -39.94 -14.19
CA ASN D 10 -32.80 -38.89 -15.23
C ASN D 10 -31.47 -38.21 -14.91
N ILE D 11 -31.18 -38.01 -13.63
CA ILE D 11 -29.86 -37.44 -13.28
C ILE D 11 -28.81 -38.43 -13.76
N THR D 12 -29.02 -39.73 -13.64
CA THR D 12 -27.93 -40.65 -14.06
C THR D 12 -27.77 -40.58 -15.58
N ILE D 13 -28.87 -40.47 -16.33
CA ILE D 13 -28.69 -40.32 -17.80
C ILE D 13 -27.83 -39.09 -18.06
N PHE D 14 -28.19 -37.97 -17.44
CA PHE D 14 -27.43 -36.74 -17.80
C PHE D 14 -25.97 -36.88 -17.36
N THR D 15 -25.71 -37.56 -16.26
CA THR D 15 -24.30 -37.77 -15.82
C THR D 15 -23.56 -38.62 -16.85
N ARG D 16 -24.12 -39.74 -17.27
CA ARG D 16 -23.43 -40.50 -18.33
C ARG D 16 -23.16 -39.58 -19.52
N ILE D 17 -24.13 -38.79 -19.95
CA ILE D 17 -23.85 -37.99 -21.18
C ILE D 17 -22.69 -37.03 -20.89
N LEU D 18 -22.71 -36.29 -19.78
CA LEU D 18 -21.66 -35.26 -19.52
C LEU D 18 -20.30 -35.91 -19.31
N ASP D 19 -20.28 -37.16 -18.87
CA ASP D 19 -18.99 -37.86 -18.72
C ASP D 19 -18.49 -38.27 -20.11
N ARG D 20 -19.18 -39.20 -20.76
CA ARG D 20 -18.79 -39.64 -22.14
C ARG D 20 -18.09 -38.49 -22.87
N LEU D 21 -18.69 -37.29 -22.89
CA LEU D 21 -18.12 -36.15 -23.65
C LEU D 21 -16.75 -35.76 -23.10
N LEU D 22 -16.61 -35.67 -21.77
CA LEU D 22 -15.33 -35.24 -21.15
C LEU D 22 -14.25 -36.29 -21.36
N ASP D 23 -14.65 -37.56 -21.56
CA ASP D 23 -13.68 -38.66 -21.76
C ASP D 23 -12.87 -38.39 -23.04
N GLY D 24 -11.55 -38.64 -23.01
CA GLY D 24 -10.74 -38.43 -24.19
C GLY D 24 -10.69 -36.99 -24.66
N TYR D 25 -11.28 -36.07 -23.92
CA TYR D 25 -11.27 -34.66 -24.28
C TYR D 25 -10.01 -34.00 -23.78
N ASP D 26 -9.36 -33.21 -24.64
CA ASP D 26 -8.23 -32.39 -24.26
C ASP D 26 -8.62 -30.92 -24.39
N ASN D 27 -8.49 -30.18 -23.30
CA ASN D 27 -8.77 -28.75 -23.31
C ASN D 27 -7.62 -27.91 -23.81
N ARG D 28 -6.48 -28.52 -24.13
CA ARG D 28 -5.33 -27.78 -24.63
C ARG D 28 -5.38 -27.55 -26.14
N LEU D 29 -6.33 -28.13 -26.83
CA LEU D 29 -6.34 -28.02 -28.31
C LEU D 29 -7.64 -27.34 -28.74
N ARG D 30 -7.57 -26.30 -29.57
CA ARG D 30 -8.76 -25.50 -29.98
C ARG D 30 -9.71 -26.38 -30.77
N PRO D 31 -11.03 -26.10 -30.88
CA PRO D 31 -11.91 -26.90 -31.73
C PRO D 31 -11.48 -26.76 -33.20
N GLY D 32 -11.43 -27.87 -33.94
CA GLY D 32 -10.97 -27.82 -35.34
C GLY D 32 -9.55 -27.28 -35.44
N LEU D 33 -8.67 -27.68 -34.52
CA LEU D 33 -7.28 -27.15 -34.49
C LEU D 33 -6.54 -27.55 -35.78
N GLY D 34 -6.62 -28.82 -36.18
CA GLY D 34 -5.84 -29.28 -37.35
C GLY D 34 -6.71 -29.49 -38.58
N ASP D 35 -7.97 -29.02 -38.57
CA ASP D 35 -8.87 -29.28 -39.70
C ASP D 35 -9.47 -27.97 -40.22
N SER D 36 -9.54 -26.90 -39.40
CA SER D 36 -10.23 -25.64 -39.83
C SER D 36 -9.86 -24.40 -38.99
N ILE D 37 -10.83 -23.52 -38.70
CA ILE D 37 -10.60 -22.30 -37.88
C ILE D 37 -11.83 -22.06 -36.99
N THR D 38 -11.67 -21.84 -35.68
CA THR D 38 -12.83 -21.65 -34.76
C THR D 38 -13.40 -20.24 -34.95
N GLU D 39 -14.72 -20.13 -35.20
CA GLU D 39 -15.33 -18.80 -35.28
C GLU D 39 -16.03 -18.52 -33.96
N VAL D 40 -15.74 -17.40 -33.32
CA VAL D 40 -16.33 -17.15 -32.00
C VAL D 40 -17.39 -16.06 -32.14
N PHE D 41 -18.67 -16.36 -32.38
CA PHE D 41 -19.63 -15.25 -32.61
C PHE D 41 -19.86 -14.47 -31.31
N THR D 42 -19.61 -13.17 -31.27
CA THR D 42 -19.68 -12.44 -29.98
C THR D 42 -20.77 -11.37 -29.89
N ASN D 43 -21.13 -10.88 -28.68
CA ASN D 43 -22.13 -9.82 -28.44
C ASN D 43 -21.77 -9.17 -27.10
N ILE D 44 -22.48 -8.10 -26.73
CA ILE D 44 -22.16 -7.36 -25.47
C ILE D 44 -23.44 -6.74 -24.92
N TYR D 45 -23.82 -7.08 -23.68
CA TYR D 45 -25.00 -6.44 -23.06
C TYR D 45 -24.50 -5.40 -22.05
N VAL D 46 -24.53 -4.12 -22.43
CA VAL D 46 -24.04 -3.04 -21.52
C VAL D 46 -25.10 -2.81 -20.44
N THR D 47 -25.04 -3.59 -19.36
CA THR D 47 -26.04 -3.46 -18.26
C THR D 47 -25.98 -2.05 -17.68
N SER D 48 -24.77 -1.54 -17.44
CA SER D 48 -24.61 -0.17 -16.90
C SER D 48 -23.30 0.44 -17.43
N PHE D 49 -23.33 1.71 -17.83
CA PHE D 49 -22.11 2.40 -18.32
C PHE D 49 -21.49 3.16 -17.13
N GLY D 50 -20.36 2.67 -16.61
CA GLY D 50 -19.72 3.30 -15.44
C GLY D 50 -19.25 4.71 -15.74
N PRO D 51 -18.99 5.55 -14.72
CA PRO D 51 -18.60 6.95 -14.93
C PRO D 51 -17.35 7.10 -15.80
N VAL D 52 -17.28 8.16 -16.61
CA VAL D 52 -16.11 8.42 -17.49
C VAL D 52 -15.12 9.32 -16.77
N SER D 53 -14.38 8.78 -15.81
CA SER D 53 -13.33 9.59 -15.14
C SER D 53 -12.52 10.31 -16.20
N ASP D 54 -12.31 11.61 -16.04
CA ASP D 54 -11.63 12.41 -17.09
C ASP D 54 -10.19 12.65 -16.65
N THR D 55 -9.93 12.60 -15.35
CA THR D 55 -8.58 12.94 -14.84
C THR D 55 -7.62 11.76 -14.98
N ASP D 56 -8.00 10.68 -15.68
CA ASP D 56 -7.09 9.54 -15.92
C ASP D 56 -7.24 9.02 -17.35
N MET D 57 -8.19 9.58 -18.10
CA MET D 57 -8.46 9.10 -19.47
C MET D 57 -8.87 7.64 -19.40
N GLU D 58 -10.06 7.34 -18.87
CA GLU D 58 -10.54 5.94 -18.79
C GLU D 58 -12.03 5.96 -18.55
N TYR D 59 -12.70 4.85 -18.79
CA TYR D 59 -14.14 4.76 -18.47
C TYR D 59 -14.36 3.40 -17.85
N THR D 60 -15.51 3.18 -17.25
CA THR D 60 -15.92 1.89 -16.70
C THR D 60 -17.16 1.42 -17.43
N ILE D 61 -17.27 0.11 -17.65
CA ILE D 61 -18.41 -0.47 -18.34
C ILE D 61 -18.69 -1.85 -17.75
N ASP D 62 -19.97 -2.17 -17.55
CA ASP D 62 -20.39 -3.47 -17.04
C ASP D 62 -21.12 -4.20 -18.16
N VAL D 63 -20.53 -5.28 -18.63
CA VAL D 63 -21.08 -5.95 -19.83
C VAL D 63 -21.50 -7.35 -19.43
N PHE D 64 -22.17 -8.06 -20.30
CA PHE D 64 -22.48 -9.47 -20.07
C PHE D 64 -21.90 -10.16 -21.30
N PHE D 65 -20.59 -10.13 -21.46
CA PHE D 65 -19.96 -10.65 -22.68
C PHE D 65 -20.40 -12.06 -23.00
N ARG D 66 -21.11 -12.27 -24.10
CA ARG D 66 -21.56 -13.56 -24.60
C ARG D 66 -20.70 -13.99 -25.78
N GLN D 67 -20.21 -15.23 -25.73
CA GLN D 67 -19.42 -15.81 -26.80
C GLN D 67 -20.07 -17.13 -27.23
N LYS D 68 -19.87 -17.47 -28.50
CA LYS D 68 -20.52 -18.66 -29.06
C LYS D 68 -19.63 -19.24 -30.15
N TRP D 69 -19.26 -20.50 -30.01
CA TRP D 69 -18.46 -21.21 -30.99
C TRP D 69 -19.02 -22.62 -31.15
N LYS D 70 -18.45 -23.37 -32.08
CA LYS D 70 -18.85 -24.74 -32.33
C LYS D 70 -17.70 -25.69 -32.02
N ASP D 71 -17.98 -26.70 -31.20
CA ASP D 71 -17.02 -27.77 -30.87
C ASP D 71 -17.67 -29.08 -31.29
N GLU D 72 -17.04 -29.79 -32.22
CA GLU D 72 -17.59 -31.01 -32.77
C GLU D 72 -17.49 -32.15 -31.76
N ARG D 73 -16.55 -32.04 -30.82
CA ARG D 73 -16.38 -33.09 -29.81
C ARG D 73 -17.53 -33.10 -28.81
N LEU D 74 -18.18 -31.96 -28.61
CA LEU D 74 -19.28 -31.86 -27.66
C LEU D 74 -20.64 -31.98 -28.37
N LYS D 75 -20.91 -33.13 -28.96
CA LYS D 75 -22.23 -33.31 -29.58
C LYS D 75 -22.93 -34.45 -28.86
N PHE D 76 -24.04 -34.18 -28.19
CA PHE D 76 -24.70 -35.25 -27.40
C PHE D 76 -25.94 -35.72 -28.14
N LYS D 77 -26.42 -36.89 -27.78
CA LYS D 77 -27.67 -37.42 -28.37
C LYS D 77 -28.47 -37.96 -27.21
N GLY D 78 -29.18 -37.08 -26.51
CA GLY D 78 -29.92 -37.51 -25.33
C GLY D 78 -31.34 -36.97 -25.36
N PRO D 79 -32.06 -37.00 -24.22
CA PRO D 79 -33.44 -36.55 -24.19
C PRO D 79 -33.55 -35.04 -24.02
N MET D 80 -32.42 -34.33 -24.14
CA MET D 80 -32.41 -32.87 -23.95
C MET D 80 -32.07 -32.21 -25.29
N ASN D 81 -31.99 -30.89 -25.32
CA ASN D 81 -31.55 -30.19 -26.54
C ASN D 81 -30.45 -29.23 -26.14
N ILE D 82 -30.62 -28.54 -25.02
CA ILE D 82 -29.56 -27.68 -24.49
C ILE D 82 -29.27 -28.14 -23.07
N LEU D 83 -28.00 -28.10 -22.67
CA LEU D 83 -27.59 -28.51 -21.33
C LEU D 83 -27.14 -27.29 -20.55
N ARG D 84 -28.06 -26.73 -19.79
CA ARG D 84 -27.78 -25.54 -18.98
C ARG D 84 -26.95 -25.93 -17.77
N LEU D 85 -25.63 -25.94 -17.92
CA LEU D 85 -24.73 -26.44 -16.90
C LEU D 85 -24.18 -25.29 -16.07
N ASN D 86 -23.36 -25.62 -15.07
CA ASN D 86 -22.80 -24.64 -14.15
C ASN D 86 -21.39 -24.24 -14.60
N ASN D 87 -20.69 -23.55 -13.70
CA ASN D 87 -19.42 -22.91 -14.01
C ASN D 87 -18.28 -23.90 -14.12
N LEU D 88 -18.42 -25.06 -13.47
CA LEU D 88 -17.35 -26.04 -13.35
C LEU D 88 -17.01 -26.67 -14.70
N MET D 89 -18.02 -26.84 -15.56
CA MET D 89 -17.79 -27.46 -16.85
C MET D 89 -17.04 -26.54 -17.81
N ALA D 90 -17.08 -25.23 -17.54
CA ALA D 90 -16.42 -24.26 -18.40
C ALA D 90 -14.90 -24.38 -18.33
N SER D 91 -14.38 -24.73 -17.16
CA SER D 91 -12.94 -24.87 -16.98
C SER D 91 -12.41 -26.20 -17.48
N LYS D 92 -13.28 -27.17 -17.78
CA LYS D 92 -12.85 -28.47 -18.25
C LYS D 92 -12.83 -28.60 -19.76
N ILE D 93 -13.43 -27.65 -20.48
CA ILE D 93 -13.55 -27.70 -21.96
C ILE D 93 -12.80 -26.52 -22.55
N TRP D 94 -12.72 -26.37 -23.88
CA TRP D 94 -11.93 -25.25 -24.45
C TRP D 94 -12.77 -23.99 -24.51
N THR D 95 -12.35 -22.91 -23.84
CA THR D 95 -13.04 -21.61 -23.91
C THR D 95 -12.11 -20.61 -24.59
N PRO D 96 -12.59 -19.67 -25.42
CA PRO D 96 -11.71 -18.78 -26.18
C PRO D 96 -11.02 -17.75 -25.28
N ASP D 97 -9.79 -17.35 -25.58
CA ASP D 97 -9.02 -16.47 -24.66
C ASP D 97 -9.28 -14.98 -24.89
N THR D 98 -10.53 -14.59 -25.11
CA THR D 98 -10.74 -13.18 -25.47
C THR D 98 -10.21 -12.28 -24.37
N PHE D 99 -9.56 -11.20 -24.76
CA PHE D 99 -9.02 -10.22 -23.80
C PHE D 99 -9.29 -8.85 -24.36
N PHE D 100 -9.18 -7.82 -23.56
CA PHE D 100 -9.47 -6.46 -24.00
C PHE D 100 -8.18 -5.70 -24.21
N HIS D 101 -7.96 -5.23 -25.44
CA HIS D 101 -6.67 -4.62 -25.81
C HIS D 101 -6.54 -3.27 -25.16
N ASN D 102 -7.65 -2.71 -24.72
CA ASN D 102 -7.57 -1.33 -24.18
C ASN D 102 -7.97 -1.41 -22.72
N GLY D 103 -8.04 -2.62 -22.16
CA GLY D 103 -8.48 -2.80 -20.76
C GLY D 103 -7.38 -2.50 -19.77
N LYS D 104 -7.69 -1.76 -18.72
CA LYS D 104 -6.70 -1.45 -17.65
C LYS D 104 -6.90 -2.42 -16.48
N LYS D 105 -8.16 -2.61 -16.07
CA LYS D 105 -8.46 -3.56 -14.96
C LYS D 105 -9.94 -4.00 -15.08
N SER D 106 -10.24 -5.26 -14.79
CA SER D 106 -11.62 -5.76 -14.95
C SER D 106 -11.99 -6.67 -13.76
N VAL D 107 -13.25 -6.65 -13.33
CA VAL D 107 -13.68 -7.45 -12.15
C VAL D 107 -14.64 -8.55 -12.62
N ALA D 108 -14.23 -9.82 -12.51
CA ALA D 108 -15.13 -10.94 -12.86
C ALA D 108 -15.87 -11.38 -11.59
N HIS D 109 -16.98 -10.70 -11.26
CA HIS D 109 -17.72 -11.01 -10.00
C HIS D 109 -18.00 -12.51 -9.91
N ASN D 110 -17.50 -13.08 -8.80
CA ASN D 110 -17.65 -14.52 -8.54
C ASN D 110 -18.52 -14.70 -7.31
N MET D 111 -19.10 -13.63 -6.76
CA MET D 111 -20.05 -13.72 -5.62
C MET D 111 -21.43 -14.01 -6.19
N THR D 112 -22.20 -14.92 -5.60
CA THR D 112 -21.85 -15.85 -4.51
C THR D 112 -21.20 -17.04 -5.19
N MET D 113 -21.41 -17.19 -6.48
CA MET D 113 -20.73 -18.24 -7.26
C MET D 113 -20.32 -17.53 -8.52
N PRO D 114 -19.34 -18.02 -9.27
CA PRO D 114 -18.76 -17.34 -10.42
C PRO D 114 -19.87 -16.96 -11.42
N ASN D 115 -19.99 -15.69 -11.75
CA ASN D 115 -21.11 -15.24 -12.63
C ASN D 115 -20.81 -15.63 -14.08
N LYS D 116 -20.80 -16.93 -14.39
CA LYS D 116 -20.61 -17.37 -15.78
C LYS D 116 -21.76 -18.31 -16.16
N LEU D 117 -21.93 -18.67 -17.42
CA LEU D 117 -23.06 -19.51 -17.88
C LEU D 117 -22.49 -20.36 -18.99
N LEU D 118 -22.84 -21.62 -19.08
CA LEU D 118 -22.37 -22.41 -20.24
C LEU D 118 -23.59 -23.15 -20.74
N ARG D 119 -23.75 -23.41 -22.03
CA ARG D 119 -24.99 -24.06 -22.48
C ARG D 119 -24.73 -24.90 -23.72
N ILE D 120 -24.01 -26.00 -23.55
CA ILE D 120 -23.77 -26.91 -24.70
C ILE D 120 -25.13 -27.19 -25.32
N GLN D 121 -25.21 -27.28 -26.63
CA GLN D 121 -26.48 -27.67 -27.29
C GLN D 121 -26.25 -29.04 -27.88
N ASP D 122 -27.19 -29.53 -28.67
CA ASP D 122 -27.11 -30.88 -29.21
C ASP D 122 -26.15 -30.97 -30.39
N ASP D 123 -26.15 -29.97 -31.27
CA ASP D 123 -25.33 -30.05 -32.48
C ASP D 123 -23.88 -29.68 -32.23
N GLY D 124 -23.53 -29.19 -31.05
CA GLY D 124 -22.17 -28.83 -30.75
C GLY D 124 -21.99 -27.35 -30.50
N THR D 125 -23.09 -26.60 -30.56
CA THR D 125 -23.04 -25.18 -30.30
C THR D 125 -22.92 -24.92 -28.80
N LEU D 126 -21.98 -24.02 -28.45
CA LEU D 126 -21.74 -23.72 -27.01
C LEU D 126 -22.01 -22.24 -26.73
N LEU D 127 -22.85 -21.95 -25.73
CA LEU D 127 -23.10 -20.54 -25.35
C LEU D 127 -22.34 -20.24 -24.05
N TYR D 128 -21.27 -19.45 -24.13
CA TYR D 128 -20.50 -19.08 -22.92
C TYR D 128 -20.63 -17.58 -22.69
N THR D 129 -21.09 -17.17 -21.50
CA THR D 129 -21.32 -15.73 -21.23
C THR D 129 -20.81 -15.37 -19.83
N MET D 130 -20.00 -14.31 -19.72
CA MET D 130 -19.60 -13.86 -18.38
C MET D 130 -20.09 -12.45 -18.06
N ARG D 131 -19.90 -11.98 -16.84
CA ARG D 131 -20.18 -10.64 -16.34
C ARG D 131 -18.85 -9.98 -16.01
N LEU D 132 -18.57 -8.84 -16.64
CA LEU D 132 -17.27 -8.19 -16.54
C LEU D 132 -17.44 -6.73 -16.12
N THR D 133 -16.32 -6.15 -15.69
CA THR D 133 -16.28 -4.79 -15.16
C THR D 133 -15.07 -4.07 -15.79
N VAL D 134 -15.02 -4.09 -17.13
CA VAL D 134 -13.88 -3.59 -17.88
C VAL D 134 -13.69 -2.10 -17.64
N GLN D 135 -12.50 -1.74 -17.15
CA GLN D 135 -12.12 -0.34 -16.99
C GLN D 135 -11.18 0.03 -18.14
N ALA D 136 -11.78 0.22 -19.31
CA ALA D 136 -11.02 0.39 -20.53
C ALA D 136 -10.48 1.82 -20.66
N GLU D 137 -9.48 1.98 -21.52
CA GLU D 137 -8.88 3.27 -21.79
C GLU D 137 -9.74 4.09 -22.74
N CYS D 138 -9.50 5.39 -22.76
CA CYS D 138 -10.20 6.31 -23.66
C CYS D 138 -9.27 7.49 -23.91
N PRO D 139 -8.70 7.60 -25.12
CA PRO D 139 -7.77 8.71 -25.41
C PRO D 139 -8.52 10.03 -25.52
N MET D 140 -8.20 10.95 -24.62
CA MET D 140 -8.88 12.23 -24.52
C MET D 140 -7.98 13.34 -25.03
N HIS D 141 -8.56 14.27 -25.81
CA HIS D 141 -7.88 15.47 -26.27
C HIS D 141 -8.71 16.65 -25.79
N LEU D 142 -8.26 17.28 -24.70
CA LEU D 142 -9.02 18.34 -24.05
C LEU D 142 -8.59 19.71 -24.59
N GLU D 143 -8.76 19.87 -25.90
CA GLU D 143 -8.49 21.14 -26.55
C GLU D 143 -9.75 21.98 -26.74
N ASP D 144 -10.92 21.36 -26.71
CA ASP D 144 -12.20 22.06 -26.74
C ASP D 144 -12.91 21.93 -25.40
N PHE D 145 -12.16 21.89 -24.31
CA PHE D 145 -12.71 21.71 -22.98
C PHE D 145 -13.49 22.95 -22.55
N PRO D 146 -14.69 22.79 -21.98
CA PRO D 146 -15.41 21.54 -21.72
C PRO D 146 -16.51 21.24 -22.73
N MET D 147 -16.41 21.71 -23.98
CA MET D 147 -17.38 21.36 -25.02
C MET D 147 -16.93 20.15 -25.83
N ASP D 148 -16.04 19.33 -25.28
CA ASP D 148 -15.52 18.16 -25.97
C ASP D 148 -16.59 17.07 -26.10
N ALA D 149 -16.45 16.26 -27.14
CA ALA D 149 -17.33 15.13 -27.39
C ALA D 149 -16.45 13.93 -27.76
N HIS D 150 -16.04 13.17 -26.75
CA HIS D 150 -15.15 12.04 -26.98
C HIS D 150 -15.92 10.87 -27.58
N SER D 151 -15.16 9.92 -28.11
CA SER D 151 -15.68 8.64 -28.59
C SER D 151 -14.80 7.55 -27.97
N CYS D 152 -15.19 7.09 -26.79
CA CYS D 152 -14.38 6.14 -26.05
C CYS D 152 -14.50 4.75 -26.67
N PRO D 153 -13.38 4.12 -27.04
CA PRO D 153 -13.47 2.84 -27.73
C PRO D 153 -13.41 1.64 -26.79
N LEU D 154 -13.59 0.45 -27.35
CA LEU D 154 -13.45 -0.79 -26.60
C LEU D 154 -13.00 -1.87 -27.58
N LYS D 155 -11.72 -2.23 -27.52
CA LYS D 155 -11.15 -3.18 -28.45
C LYS D 155 -10.86 -4.50 -27.75
N PHE D 156 -11.32 -5.60 -28.35
CA PHE D 156 -11.06 -6.91 -27.79
C PHE D 156 -10.80 -7.91 -28.91
N GLY D 157 -9.95 -8.88 -28.63
CA GLY D 157 -9.63 -9.93 -29.58
C GLY D 157 -8.96 -11.09 -28.89
N SER D 158 -8.56 -12.08 -29.67
CA SER D 158 -7.83 -13.21 -29.13
C SER D 158 -6.42 -12.80 -28.74
N TYR D 159 -5.84 -13.54 -27.81
CA TYR D 159 -4.49 -13.22 -27.35
C TYR D 159 -3.43 -14.10 -27.98
N ALA D 160 -3.69 -15.40 -28.11
CA ALA D 160 -2.69 -16.33 -28.60
C ALA D 160 -2.97 -16.86 -29.99
N TYR D 161 -4.22 -16.86 -30.43
CA TYR D 161 -4.60 -17.42 -31.73
C TYR D 161 -4.65 -16.31 -32.77
N THR D 162 -4.02 -16.55 -33.92
CA THR D 162 -3.97 -15.52 -34.99
C THR D 162 -5.13 -15.74 -35.98
N THR D 163 -5.34 -14.85 -36.94
CA THR D 163 -6.50 -14.96 -37.84
C THR D 163 -6.40 -16.22 -38.66
N SER D 164 -5.40 -17.03 -38.41
CA SER D 164 -5.34 -18.34 -39.09
C SER D 164 -5.82 -19.42 -38.13
N GLU D 165 -6.29 -19.02 -36.95
CA GLU D 165 -6.66 -20.00 -35.91
C GLU D 165 -7.93 -19.61 -35.17
N VAL D 166 -8.32 -18.33 -35.14
CA VAL D 166 -9.59 -17.90 -34.49
C VAL D 166 -10.06 -16.58 -35.09
N THR D 167 -11.11 -16.56 -35.89
CA THR D 167 -11.69 -15.29 -36.42
C THR D 167 -12.94 -14.93 -35.64
N TYR D 168 -12.96 -13.78 -34.97
CA TYR D 168 -14.17 -13.34 -34.24
C TYR D 168 -15.17 -12.73 -35.22
N ILE D 169 -16.46 -12.70 -34.89
CA ILE D 169 -17.53 -12.19 -35.80
C ILE D 169 -18.66 -11.66 -34.93
N TRP D 170 -19.27 -10.52 -35.21
CA TRP D 170 -20.42 -10.07 -34.37
C TRP D 170 -21.61 -10.95 -34.76
N THR D 171 -22.45 -11.40 -33.82
CA THR D 171 -23.50 -12.40 -34.16
C THR D 171 -24.58 -11.81 -35.04
N TYR D 172 -25.42 -10.96 -34.44
CA TYR D 172 -26.54 -10.37 -35.19
C TYR D 172 -25.99 -9.29 -36.11
N ASN D 173 -26.89 -8.39 -36.54
CA ASN D 173 -26.44 -7.32 -37.45
C ASN D 173 -25.26 -6.65 -36.77
N ALA D 174 -24.27 -6.21 -37.53
CA ALA D 174 -23.20 -5.48 -36.86
C ALA D 174 -23.86 -4.37 -36.04
N SER D 175 -24.99 -3.87 -36.52
CA SER D 175 -25.66 -2.75 -35.81
C SER D 175 -26.13 -3.17 -34.41
N ASP D 176 -26.98 -4.18 -34.30
CA ASP D 176 -27.55 -4.60 -32.99
C ASP D 176 -26.85 -5.83 -32.44
N SER D 177 -25.55 -5.74 -32.17
CA SER D 177 -24.83 -6.84 -31.50
C SER D 177 -24.29 -6.29 -30.19
N VAL D 178 -23.95 -5.02 -30.14
CA VAL D 178 -23.55 -4.39 -28.85
C VAL D 178 -24.77 -3.60 -28.37
N GLN D 179 -25.65 -4.17 -27.54
CA GLN D 179 -26.88 -3.50 -27.07
C GLN D 179 -26.66 -2.85 -25.70
N VAL D 180 -27.14 -1.63 -25.49
CA VAL D 180 -26.99 -0.94 -24.18
C VAL D 180 -28.30 -1.08 -23.43
N ALA D 181 -28.37 -0.69 -22.15
CA ALA D 181 -29.58 -0.97 -21.36
C ALA D 181 -30.28 0.32 -20.95
N PRO D 182 -31.63 0.38 -21.01
CA PRO D 182 -32.36 1.63 -20.76
C PRO D 182 -32.02 2.32 -19.45
N ASP D 183 -32.22 1.63 -18.33
CA ASP D 183 -31.98 2.25 -17.00
C ASP D 183 -30.50 2.45 -16.74
N GLY D 184 -29.64 1.61 -17.33
CA GLY D 184 -28.18 1.68 -17.09
C GLY D 184 -27.60 3.02 -17.47
N SER D 185 -27.37 3.90 -16.49
CA SER D 185 -26.75 5.23 -16.77
C SER D 185 -26.02 5.73 -15.51
N ARG D 186 -24.71 5.44 -15.41
CA ARG D 186 -23.92 5.94 -14.25
C ARG D 186 -23.20 7.22 -14.68
N LEU D 187 -23.42 7.62 -15.95
CA LEU D 187 -22.72 8.78 -16.53
C LEU D 187 -23.36 10.04 -15.96
N ASN D 188 -22.57 10.91 -15.36
CA ASN D 188 -23.12 12.14 -14.74
C ASN D 188 -22.71 13.32 -15.59
N GLN D 189 -21.42 13.46 -15.87
CA GLN D 189 -20.89 14.57 -16.70
C GLN D 189 -21.31 14.42 -18.16
N TYR D 190 -21.35 13.21 -18.71
CA TYR D 190 -21.68 13.10 -20.15
C TYR D 190 -23.01 12.41 -20.35
N ASP D 191 -23.40 12.14 -21.58
CA ASP D 191 -24.58 11.38 -21.91
C ASP D 191 -24.29 10.54 -23.15
N LEU D 192 -24.90 9.36 -23.21
CA LEU D 192 -24.64 8.41 -24.28
C LEU D 192 -25.41 8.82 -25.52
N LEU D 193 -24.70 9.05 -26.62
CA LEU D 193 -25.33 9.39 -27.89
C LEU D 193 -25.65 8.13 -28.70
N GLY D 194 -24.64 7.32 -28.99
CA GLY D 194 -24.85 6.12 -29.76
C GLY D 194 -23.60 5.28 -29.77
N GLN D 195 -23.73 4.07 -30.33
CA GLN D 195 -22.63 3.12 -30.40
C GLN D 195 -22.42 2.69 -31.85
N SER D 196 -21.16 2.50 -32.22
CA SER D 196 -20.79 1.97 -33.52
C SER D 196 -19.69 0.93 -33.32
N ILE D 197 -19.73 -0.12 -34.15
CA ILE D 197 -18.81 -1.24 -34.03
C ILE D 197 -17.99 -1.35 -35.30
N GLY D 198 -16.94 -2.16 -35.23
CA GLY D 198 -16.08 -2.39 -36.38
C GLY D 198 -15.37 -3.73 -36.31
N LYS D 199 -14.54 -4.01 -37.32
CA LYS D 199 -13.78 -5.25 -37.37
C LYS D 199 -12.50 -5.05 -38.18
N GLU D 200 -11.38 -4.99 -37.50
CA GLU D 200 -10.09 -4.73 -38.15
C GLU D 200 -9.08 -5.79 -37.76
N THR D 201 -7.99 -5.85 -38.53
CA THR D 201 -6.91 -6.79 -38.31
C THR D 201 -5.68 -6.03 -37.86
N ILE D 202 -5.10 -6.44 -36.74
CA ILE D 202 -3.91 -5.80 -36.19
C ILE D 202 -2.74 -6.75 -36.37
N LYS D 203 -1.68 -6.27 -37.02
CA LYS D 203 -0.47 -7.04 -37.24
C LYS D 203 0.53 -6.69 -36.13
N SER D 204 0.60 -7.55 -35.12
CA SER D 204 1.50 -7.36 -33.99
C SER D 204 2.79 -8.14 -34.23
N SER D 205 3.59 -8.28 -33.17
CA SER D 205 4.88 -8.95 -33.27
C SER D 205 4.75 -10.45 -33.53
N THR D 206 3.67 -11.07 -33.09
CA THR D 206 3.48 -12.51 -33.25
C THR D 206 2.53 -12.88 -34.37
N GLY D 207 2.07 -11.91 -35.16
CA GLY D 207 1.21 -12.22 -36.28
C GLY D 207 -0.02 -11.32 -36.37
N GLU D 208 -0.89 -11.60 -37.33
CA GLU D 208 -2.12 -10.84 -37.49
C GLU D 208 -3.18 -11.34 -36.53
N TYR D 209 -3.95 -10.40 -35.97
CA TYR D 209 -4.99 -10.74 -35.02
C TYR D 209 -6.29 -10.05 -35.43
N THR D 210 -7.39 -10.81 -35.39
CA THR D 210 -8.70 -10.24 -35.62
C THR D 210 -9.13 -9.48 -34.38
N VAL D 211 -9.23 -8.15 -34.49
CA VAL D 211 -9.53 -7.30 -33.37
C VAL D 211 -10.93 -6.73 -33.55
N MET D 212 -11.81 -7.03 -32.61
CA MET D 212 -13.16 -6.47 -32.60
C MET D 212 -13.15 -5.17 -31.81
N THR D 213 -13.79 -4.15 -32.35
CA THR D 213 -13.83 -2.85 -31.73
C THR D 213 -15.26 -2.32 -31.65
N ALA D 214 -15.48 -1.42 -30.70
CA ALA D 214 -16.76 -0.76 -30.54
C ALA D 214 -16.51 0.61 -29.91
N HIS D 215 -17.08 1.65 -30.52
CA HIS D 215 -16.89 3.02 -30.06
C HIS D 215 -18.20 3.53 -29.49
N PHE D 216 -18.15 3.99 -28.24
CA PHE D 216 -19.30 4.65 -27.63
C PHE D 216 -19.13 6.16 -27.75
N HIS D 217 -20.15 6.83 -28.26
CA HIS D 217 -20.10 8.27 -28.50
C HIS D 217 -20.59 9.02 -27.27
N LEU D 218 -19.82 10.01 -26.84
CA LEU D 218 -20.13 10.77 -25.65
C LEU D 218 -20.12 12.26 -25.97
N LYS D 219 -20.72 13.04 -25.06
CA LYS D 219 -20.77 14.48 -25.16
C LYS D 219 -20.85 15.06 -23.77
N ARG D 220 -19.95 15.98 -23.44
CA ARG D 220 -19.92 16.53 -22.10
C ARG D 220 -21.03 17.56 -21.90
N LYS D 221 -21.77 17.40 -20.81
CA LYS D 221 -22.74 18.41 -20.41
C LYS D 221 -22.00 19.58 -19.78
N ILE D 222 -22.32 20.80 -20.25
CA ILE D 222 -21.56 21.98 -19.89
C ILE D 222 -21.93 22.45 -18.48
N GLY D 223 -23.12 22.07 -18.01
CA GLY D 223 -23.79 22.71 -16.89
C GLY D 223 -23.08 22.65 -15.56
N TYR D 224 -22.15 21.69 -15.37
CA TYR D 224 -21.38 21.69 -14.14
C TYR D 224 -20.37 22.82 -14.11
N PHE D 225 -19.65 23.03 -15.22
CA PHE D 225 -18.58 24.01 -15.24
C PHE D 225 -19.09 25.44 -15.39
N VAL D 226 -20.38 25.62 -15.71
CA VAL D 226 -20.95 26.96 -15.74
C VAL D 226 -21.05 27.53 -14.33
N ILE D 227 -21.56 26.72 -13.40
CA ILE D 227 -21.89 27.20 -12.06
C ILE D 227 -20.63 27.47 -11.24
N GLN D 228 -19.58 26.66 -11.41
CA GLN D 228 -18.43 26.72 -10.53
C GLN D 228 -17.22 27.40 -11.16
N THR D 229 -17.17 27.51 -12.49
CA THR D 229 -15.99 28.11 -13.10
C THR D 229 -16.32 29.34 -13.95
N TYR D 230 -17.36 29.24 -14.79
CA TYR D 230 -17.65 30.31 -15.72
C TYR D 230 -18.33 31.48 -15.03
N LEU D 231 -19.44 31.21 -14.33
CA LEU D 231 -20.16 32.25 -13.61
C LEU D 231 -19.36 32.92 -12.49
N PRO D 232 -18.53 32.21 -11.64
CA PRO D 232 -17.65 32.96 -10.72
C PRO D 232 -16.64 33.86 -11.41
N CYS D 233 -16.14 33.45 -12.57
CA CYS D 233 -15.17 34.29 -13.29
C CYS D 233 -15.85 35.49 -13.92
N ILE D 234 -17.09 35.32 -14.37
CA ILE D 234 -17.83 36.43 -14.96
C ILE D 234 -18.23 37.45 -13.89
N MET D 235 -18.70 36.96 -12.74
CA MET D 235 -19.27 37.84 -11.72
C MET D 235 -18.20 38.68 -11.04
N THR D 236 -16.98 38.16 -10.93
CA THR D 236 -15.91 38.96 -10.32
C THR D 236 -15.37 39.99 -11.30
N VAL D 237 -15.60 39.79 -12.60
CA VAL D 237 -15.26 40.82 -13.58
C VAL D 237 -16.24 42.00 -13.46
N ILE D 238 -17.52 41.69 -13.30
CA ILE D 238 -18.56 42.69 -13.08
C ILE D 238 -18.32 43.39 -11.76
N LEU D 239 -17.88 42.63 -10.76
CA LEU D 239 -17.45 43.18 -9.48
C LEU D 239 -16.22 44.09 -9.61
N SER D 240 -15.28 43.74 -10.49
CA SER D 240 -14.11 44.58 -10.71
C SER D 240 -14.45 45.87 -11.45
N GLN D 241 -15.55 45.90 -12.21
CA GLN D 241 -15.95 47.10 -12.93
C GLN D 241 -16.76 48.06 -12.08
N VAL D 242 -17.06 47.70 -10.82
CA VAL D 242 -17.69 48.62 -9.89
C VAL D 242 -16.72 49.75 -9.51
N SER D 243 -15.41 49.50 -9.58
CA SER D 243 -14.40 50.48 -9.20
C SER D 243 -14.38 51.71 -10.09
N PHE D 244 -14.93 51.61 -11.31
CA PHE D 244 -15.01 52.79 -12.17
C PHE D 244 -16.13 53.74 -11.76
N TRP D 245 -17.03 53.31 -10.87
CA TRP D 245 -18.20 54.09 -10.51
C TRP D 245 -18.07 54.80 -9.18
N LEU D 246 -16.92 54.74 -8.53
CA LEU D 246 -16.74 55.39 -7.25
C LEU D 246 -16.11 56.77 -7.42
N ASN D 247 -15.80 57.41 -6.29
CA ASN D 247 -15.07 58.67 -6.30
C ASN D 247 -13.61 58.41 -6.64
N ARG D 248 -12.98 59.40 -7.28
CA ARG D 248 -11.56 59.32 -7.60
C ARG D 248 -10.70 59.28 -6.33
N GLU D 249 -11.04 60.12 -5.36
CA GLU D 249 -10.20 60.33 -4.18
C GLU D 249 -10.29 59.20 -3.17
N SER D 250 -11.19 58.24 -3.35
CA SER D 250 -11.33 57.12 -2.41
C SER D 250 -10.28 56.07 -2.77
N VAL D 251 -9.05 56.35 -2.38
CA VAL D 251 -7.88 55.52 -2.69
C VAL D 251 -7.94 54.12 -2.06
N PRO D 252 -8.21 53.91 -0.75
CA PRO D 252 -8.14 52.53 -0.24
C PRO D 252 -9.31 51.67 -0.66
N ALA D 253 -10.45 52.26 -1.02
CA ALA D 253 -11.62 51.46 -1.39
C ALA D 253 -11.43 50.81 -2.76
N ARG D 254 -10.93 51.58 -3.74
CA ARG D 254 -10.67 51.01 -5.05
C ARG D 254 -9.45 50.10 -5.03
N THR D 255 -8.54 50.31 -4.08
CA THR D 255 -7.41 49.38 -3.91
C THR D 255 -7.89 48.04 -3.38
N VAL D 256 -8.85 48.09 -2.45
CA VAL D 256 -9.40 46.79 -1.96
C VAL D 256 -10.00 46.08 -3.17
N PHE D 257 -10.95 46.72 -3.86
CA PHE D 257 -11.53 46.12 -5.09
C PHE D 257 -10.43 45.37 -5.85
N GLY D 258 -9.44 46.09 -6.37
CA GLY D 258 -8.40 45.45 -7.21
C GLY D 258 -7.64 44.34 -6.51
N VAL D 259 -6.99 44.64 -5.39
CA VAL D 259 -6.12 43.60 -4.74
C VAL D 259 -6.95 42.36 -4.44
N THR D 260 -8.28 42.50 -4.30
CA THR D 260 -9.10 41.32 -3.94
C THR D 260 -9.49 40.55 -5.21
N THR D 261 -10.05 41.25 -6.20
CA THR D 261 -10.38 40.59 -7.48
C THR D 261 -9.17 39.80 -7.98
N VAL D 262 -8.02 40.45 -8.15
CA VAL D 262 -6.83 39.80 -8.67
C VAL D 262 -6.53 38.52 -7.88
N LEU D 263 -6.66 38.58 -6.55
CA LEU D 263 -6.39 37.43 -5.72
C LEU D 263 -7.40 36.31 -5.95
N THR D 264 -8.68 36.66 -6.12
CA THR D 264 -9.68 35.62 -6.32
C THR D 264 -9.65 35.07 -7.74
N MET D 265 -9.08 35.82 -8.70
CA MET D 265 -8.93 35.27 -10.04
C MET D 265 -7.77 34.29 -10.10
N THR D 266 -6.69 34.59 -9.35
CA THR D 266 -5.59 33.63 -9.21
C THR D 266 -6.04 32.39 -8.45
N THR D 267 -6.88 32.58 -7.43
CA THR D 267 -7.44 31.46 -6.67
C THR D 267 -8.35 30.60 -7.56
N LEU D 268 -9.17 31.24 -8.39
CA LEU D 268 -9.99 30.49 -9.33
C LEU D 268 -9.15 29.83 -10.41
N SER D 269 -8.04 30.45 -10.79
CA SER D 269 -7.14 29.86 -11.78
C SER D 269 -6.47 28.60 -11.25
N ILE D 270 -6.13 28.59 -9.96
CA ILE D 270 -5.61 27.38 -9.33
C ILE D 270 -6.71 26.33 -9.19
N SER D 271 -7.90 26.75 -8.75
CA SER D 271 -8.95 25.80 -8.40
C SER D 271 -9.62 25.19 -9.62
N ALA D 272 -9.75 25.95 -10.71
CA ALA D 272 -10.39 25.41 -11.92
C ALA D 272 -9.51 24.38 -12.61
N ARG D 273 -8.19 24.49 -12.48
CA ARG D 273 -7.27 23.49 -13.03
C ARG D 273 -6.96 22.42 -11.99
N ASN D 274 -8.03 21.85 -11.42
CA ASN D 274 -7.97 20.76 -10.46
C ASN D 274 -8.98 19.71 -10.89
N SER D 275 -8.66 18.45 -10.58
CA SER D 275 -9.36 17.25 -11.08
C SER D 275 -9.40 17.25 -12.61
N LEU D 276 -8.30 17.70 -13.22
CA LEU D 276 -8.06 17.73 -14.65
C LEU D 276 -6.70 17.10 -14.92
N PRO D 277 -6.52 16.49 -16.10
CA PRO D 277 -5.20 15.97 -16.45
C PRO D 277 -4.19 17.09 -16.64
N LYS D 278 -2.91 16.74 -16.41
CA LYS D 278 -1.82 17.71 -16.49
C LYS D 278 -1.35 17.87 -17.94
N VAL D 279 -2.26 18.41 -18.76
CA VAL D 279 -2.04 18.50 -20.19
C VAL D 279 -1.02 19.58 -20.51
N ALA D 280 -0.35 19.44 -21.66
CA ALA D 280 0.70 20.35 -22.06
C ALA D 280 0.20 21.53 -22.85
N TYR D 281 -1.07 21.56 -23.22
CA TYR D 281 -1.63 22.65 -24.02
C TYR D 281 -2.54 23.49 -23.14
N ALA D 282 -3.13 24.52 -23.75
CA ALA D 282 -4.06 25.41 -23.09
C ALA D 282 -5.47 25.11 -23.56
N THR D 283 -6.37 24.89 -22.60
CA THR D 283 -7.76 24.58 -22.90
C THR D 283 -8.52 25.85 -23.26
N ALA D 284 -9.76 25.66 -23.70
CA ALA D 284 -10.64 26.82 -23.90
C ALA D 284 -11.09 27.38 -22.56
N MET D 285 -11.07 26.56 -21.51
CA MET D 285 -11.29 27.05 -20.16
C MET D 285 -10.18 27.99 -19.72
N ASP D 286 -8.93 27.64 -20.05
CA ASP D 286 -7.80 28.49 -19.70
C ASP D 286 -7.76 29.74 -20.58
N TRP D 287 -8.35 29.66 -21.78
CA TRP D 287 -8.45 30.82 -22.64
C TRP D 287 -9.59 31.74 -22.25
N PHE D 288 -10.40 31.37 -21.26
CA PHE D 288 -11.43 32.24 -20.72
C PHE D 288 -10.97 32.96 -19.46
N ILE D 289 -10.29 32.23 -18.56
CA ILE D 289 -9.86 32.81 -17.29
C ILE D 289 -8.74 33.83 -17.52
N ALA D 290 -7.83 33.54 -18.47
CA ALA D 290 -6.72 34.45 -18.75
C ALA D 290 -7.20 35.76 -19.34
N VAL D 291 -8.21 35.70 -20.22
CA VAL D 291 -8.80 36.93 -20.74
C VAL D 291 -9.61 37.64 -19.65
N CYS D 292 -10.27 36.86 -18.78
CA CYS D 292 -11.01 37.45 -17.67
C CYS D 292 -10.08 38.12 -16.67
N TYR D 293 -8.89 37.53 -16.50
CA TYR D 293 -7.90 38.10 -15.55
C TYR D 293 -7.27 39.33 -16.18
N ALA D 294 -7.03 39.29 -17.50
CA ALA D 294 -6.48 40.48 -18.19
C ALA D 294 -7.40 41.67 -17.90
N PHE D 295 -8.70 41.49 -18.08
CA PHE D 295 -9.66 42.61 -17.84
C PHE D 295 -9.47 43.19 -16.43
N VAL D 296 -9.43 42.33 -15.41
CA VAL D 296 -9.30 42.80 -14.01
C VAL D 296 -7.98 43.54 -13.83
N PHE D 297 -6.88 42.95 -14.29
CA PHE D 297 -5.56 43.59 -14.07
C PHE D 297 -5.60 44.96 -14.73
N SER D 298 -6.21 45.06 -15.92
CA SER D 298 -6.27 46.34 -16.67
C SER D 298 -7.11 47.38 -15.93
N ALA D 299 -8.24 46.99 -15.38
CA ALA D 299 -9.05 47.93 -14.56
C ALA D 299 -8.26 48.38 -13.34
N LEU D 300 -7.50 47.48 -12.69
CA LEU D 300 -6.66 47.96 -11.57
C LEU D 300 -5.62 48.98 -12.08
N ILE D 301 -4.98 48.70 -13.21
CA ILE D 301 -4.01 49.66 -13.81
C ILE D 301 -4.77 50.93 -14.17
N GLU D 302 -5.90 50.81 -14.87
CA GLU D 302 -6.69 52.01 -15.10
C GLU D 302 -6.80 52.86 -13.83
N PHE D 303 -6.98 52.22 -12.67
CA PHE D 303 -7.05 52.95 -11.42
C PHE D 303 -5.69 53.54 -11.04
N ALA D 304 -4.61 52.84 -11.37
CA ALA D 304 -3.27 53.34 -11.09
C ALA D 304 -2.95 54.57 -11.94
N THR D 305 -3.48 54.61 -13.17
CA THR D 305 -3.35 55.82 -13.99
C THR D 305 -4.25 56.94 -13.48
N VAL D 306 -5.40 56.57 -12.88
CA VAL D 306 -6.27 57.55 -12.27
C VAL D 306 -5.62 58.18 -11.04
N ASN D 307 -5.03 57.33 -10.18
CA ASN D 307 -4.41 57.84 -8.97
C ASN D 307 -3.10 58.56 -9.26
N TYR D 308 -2.46 58.27 -10.40
CA TYR D 308 -1.26 59.02 -10.77
C TYR D 308 -1.63 60.40 -11.29
N PHE D 309 -2.82 60.56 -11.87
CA PHE D 309 -3.26 61.83 -12.46
C PHE D 309 -4.25 62.56 -11.58
N THR D 310 -4.13 62.44 -10.26
CA THR D 310 -5.03 63.09 -9.33
C THR D 310 -4.39 64.35 -8.74
N LYS D 311 -5.21 65.15 -8.06
CA LYS D 311 -4.76 66.35 -7.37
C LYS D 311 -5.51 66.45 -6.05
N VAL D 386 -13.10 64.35 -12.12
CA VAL D 386 -13.39 62.93 -12.48
C VAL D 386 -12.59 62.60 -13.74
N SER D 387 -12.01 61.40 -13.78
CA SER D 387 -11.16 61.04 -14.93
C SER D 387 -12.02 60.88 -16.18
N LYS D 388 -11.78 61.72 -17.20
CA LYS D 388 -12.52 61.47 -18.46
C LYS D 388 -12.21 60.02 -18.80
N ILE D 389 -11.01 59.56 -18.41
CA ILE D 389 -10.65 58.13 -18.58
C ILE D 389 -11.63 57.30 -17.74
N ASP D 390 -11.93 57.74 -16.52
CA ASP D 390 -12.86 56.89 -15.78
C ASP D 390 -14.20 56.79 -16.48
N ARG D 391 -14.65 57.91 -17.07
CA ARG D 391 -15.97 57.94 -17.71
C ARG D 391 -15.99 57.11 -18.99
N MET D 392 -14.86 57.09 -19.71
CA MET D 392 -14.78 56.22 -20.88
C MET D 392 -14.64 54.76 -20.49
N SER D 393 -14.06 54.50 -19.30
CA SER D 393 -13.87 53.13 -18.84
C SER D 393 -15.18 52.49 -18.36
N ARG D 394 -16.20 53.29 -18.08
CA ARG D 394 -17.51 52.75 -17.73
C ARG D 394 -18.31 52.29 -18.95
N ILE D 395 -17.84 52.64 -20.15
CA ILE D 395 -18.53 52.28 -21.40
C ILE D 395 -17.72 51.25 -22.18
N VAL D 396 -16.41 51.48 -22.34
CA VAL D 396 -15.59 50.62 -23.17
C VAL D 396 -15.39 49.25 -22.53
N PHE D 397 -15.09 49.22 -21.24
CA PHE D 397 -14.85 47.95 -20.54
C PHE D 397 -16.05 47.00 -20.48
N PRO D 398 -17.30 47.43 -20.21
CA PRO D 398 -18.39 46.43 -20.25
C PRO D 398 -18.72 45.94 -21.65
N VAL D 399 -18.58 46.77 -22.68
CA VAL D 399 -18.94 46.30 -24.02
C VAL D 399 -17.80 45.49 -24.63
N LEU D 400 -16.58 45.63 -24.11
CA LEU D 400 -15.50 44.79 -24.58
C LEU D 400 -15.60 43.38 -24.00
N PHE D 401 -16.07 43.28 -22.76
CA PHE D 401 -16.33 41.96 -22.18
C PHE D 401 -17.57 41.32 -22.81
N GLY D 402 -18.54 42.14 -23.19
CA GLY D 402 -19.73 41.62 -23.85
C GLY D 402 -19.44 41.09 -25.25
N THR D 403 -18.58 41.77 -25.99
CA THR D 403 -18.21 41.29 -27.32
C THR D 403 -17.33 40.05 -27.25
N PHE D 404 -16.48 39.97 -26.21
CA PHE D 404 -15.66 38.78 -26.03
C PHE D 404 -16.51 37.57 -25.67
N ASN D 405 -17.54 37.79 -24.84
CA ASN D 405 -18.45 36.70 -24.48
C ASN D 405 -19.30 36.26 -25.67
N LEU D 406 -19.54 37.17 -26.62
CA LEU D 406 -20.27 36.81 -27.82
C LEU D 406 -19.40 35.98 -28.77
N VAL D 407 -18.14 36.36 -28.92
CA VAL D 407 -17.23 35.64 -29.82
C VAL D 407 -16.89 34.27 -29.25
N TYR D 408 -16.62 34.19 -27.94
CA TYR D 408 -16.18 32.95 -27.32
C TYR D 408 -17.28 31.89 -27.32
N TRP D 409 -18.51 32.30 -27.06
CA TRP D 409 -19.62 31.35 -26.97
C TRP D 409 -20.38 31.22 -28.29
N ALA D 410 -19.87 31.79 -29.37
CA ALA D 410 -20.31 31.42 -30.71
C ALA D 410 -19.28 30.60 -31.46
N THR D 411 -17.99 30.74 -31.09
CA THR D 411 -16.96 29.91 -31.69
C THR D 411 -17.03 28.48 -31.17
N TYR D 412 -17.19 28.31 -29.86
CA TYR D 412 -17.14 27.00 -29.24
C TYR D 412 -18.51 26.37 -29.05
N LEU D 413 -19.60 27.05 -29.43
CA LEU D 413 -20.93 26.47 -29.32
C LEU D 413 -21.61 26.42 -30.69
N VAL E 2 34.24 -32.63 19.20
CA VAL E 2 34.37 -33.12 20.56
C VAL E 2 35.81 -33.01 21.04
N GLN E 3 36.69 -33.81 20.44
CA GLN E 3 38.10 -33.83 20.79
C GLN E 3 38.88 -33.12 19.70
N LEU E 4 39.72 -32.16 20.11
CA LEU E 4 40.54 -31.38 19.19
C LEU E 4 42.01 -31.68 19.48
N GLN E 5 42.75 -32.05 18.45
CA GLN E 5 44.14 -32.49 18.60
C GLN E 5 45.07 -31.63 17.76
N GLN E 6 46.20 -31.27 18.35
CA GLN E 6 47.27 -30.56 17.67
C GLN E 6 48.58 -31.32 17.87
N SER E 7 49.54 -31.05 17.00
CA SER E 7 50.82 -31.74 17.09
C SER E 7 51.70 -31.11 18.17
N GLY E 8 52.83 -31.76 18.43
CA GLY E 8 53.71 -31.36 19.51
C GLY E 8 54.54 -30.13 19.18
N ALA E 9 55.28 -29.68 20.18
CA ALA E 9 56.08 -28.46 20.06
C ALA E 9 57.29 -28.69 19.16
N GLU E 10 57.80 -27.59 18.60
CA GLU E 10 58.90 -27.65 17.65
C GLU E 10 59.90 -26.53 17.96
N LEU E 11 61.14 -26.76 17.55
CA LEU E 11 62.23 -25.78 17.66
C LEU E 11 62.65 -25.38 16.26
N VAL E 12 62.51 -24.09 15.95
CA VAL E 12 62.84 -23.57 14.62
C VAL E 12 63.82 -22.41 14.74
N LYS E 13 64.58 -22.20 13.68
CA LYS E 13 65.48 -21.08 13.56
C LYS E 13 64.72 -19.86 13.05
N PRO E 14 65.16 -18.64 13.38
CA PRO E 14 64.52 -17.45 12.81
C PRO E 14 64.77 -17.35 11.31
N GLY E 15 63.76 -16.83 10.61
CA GLY E 15 63.81 -16.72 9.17
C GLY E 15 63.42 -17.97 8.42
N ALA E 16 63.11 -19.07 9.10
CA ALA E 16 62.73 -20.31 8.47
C ALA E 16 61.21 -20.37 8.33
N SER E 17 60.68 -21.54 7.96
CA SER E 17 59.24 -21.75 7.83
C SER E 17 58.83 -22.92 8.70
N VAL E 18 57.61 -22.86 9.22
CA VAL E 18 57.11 -23.88 10.14
C VAL E 18 55.76 -24.37 9.65
N LYS E 19 55.46 -25.63 9.96
CA LYS E 19 54.18 -26.25 9.62
C LYS E 19 53.55 -26.78 10.90
N LEU E 20 52.32 -26.37 11.16
CA LEU E 20 51.61 -26.77 12.36
C LEU E 20 50.19 -27.19 12.00
N SER E 21 49.72 -28.27 12.62
CA SER E 21 48.46 -28.89 12.26
C SER E 21 47.51 -28.92 13.46
N CYS E 22 46.21 -28.91 13.16
CA CYS E 22 45.16 -29.07 14.18
C CYS E 22 44.17 -30.08 13.65
N THR E 23 44.16 -31.28 14.24
CA THR E 23 43.29 -32.36 13.79
C THR E 23 42.00 -32.36 14.61
N ALA E 24 40.87 -32.41 13.91
CA ALA E 24 39.55 -32.42 14.53
C ALA E 24 38.98 -33.82 14.47
N SER E 25 38.29 -34.22 15.55
CA SER E 25 37.66 -35.52 15.61
C SER E 25 36.28 -35.38 16.24
N GLY E 26 35.36 -36.24 15.79
CA GLY E 26 34.00 -36.24 16.26
C GLY E 26 33.06 -35.31 15.54
N PHE E 27 33.57 -34.47 14.63
CA PHE E 27 32.76 -33.53 13.88
C PHE E 27 33.50 -33.14 12.62
N ASN E 28 32.74 -32.88 11.55
CA ASN E 28 33.33 -32.46 10.29
C ASN E 28 33.62 -30.96 10.32
N ILE E 29 34.53 -30.55 9.43
CA ILE E 29 34.94 -29.15 9.38
C ILE E 29 34.05 -28.32 8.47
N LYS E 30 33.30 -28.95 7.57
CA LYS E 30 32.61 -28.25 6.48
C LYS E 30 31.43 -27.39 6.95
N ASP E 31 30.99 -27.52 8.20
CA ASP E 31 29.85 -26.76 8.70
C ASP E 31 30.20 -25.72 9.74
N THR E 32 31.37 -25.82 10.38
CA THR E 32 31.76 -24.89 11.43
C THR E 32 33.09 -24.24 11.08
N TYR E 33 33.26 -22.99 11.48
CA TYR E 33 34.48 -22.26 11.18
C TYR E 33 35.62 -22.77 12.06
N MET E 34 36.84 -22.56 11.56
CA MET E 34 38.06 -22.85 12.33
C MET E 34 38.71 -21.54 12.71
N TYR E 35 38.89 -21.33 14.01
CA TYR E 35 39.47 -20.11 14.55
C TYR E 35 40.83 -20.43 15.14
N TRP E 36 41.84 -19.65 14.75
CA TRP E 36 43.19 -19.78 15.29
C TRP E 36 43.59 -18.47 15.95
N VAL E 37 44.28 -18.58 17.08
CA VAL E 37 44.45 -17.46 17.99
C VAL E 37 45.87 -17.51 18.56
N LYS E 38 46.46 -16.33 18.73
CA LYS E 38 47.83 -16.19 19.24
C LYS E 38 47.77 -15.88 20.73
N GLN E 39 48.44 -16.72 21.53
CA GLN E 39 48.51 -16.54 22.98
C GLN E 39 49.98 -16.34 23.35
N ARG E 40 50.38 -15.09 23.55
CA ARG E 40 51.71 -14.81 24.05
C ARG E 40 51.78 -15.16 25.54
N PRO E 41 52.97 -15.48 26.06
CA PRO E 41 53.10 -15.73 27.50
C PRO E 41 52.77 -14.50 28.32
N GLU E 42 52.15 -14.73 29.48
CA GLU E 42 51.58 -13.78 30.44
C GLU E 42 50.81 -12.64 29.77
N GLN E 43 50.10 -12.95 28.68
CA GLN E 43 49.41 -11.95 27.89
C GLN E 43 48.04 -12.48 27.49
N GLY E 44 47.23 -11.58 26.91
CA GLY E 44 45.91 -11.94 26.45
C GLY E 44 45.95 -12.65 25.11
N LEU E 45 44.76 -13.02 24.64
CA LEU E 45 44.63 -13.75 23.40
C LEU E 45 44.70 -12.77 22.23
N GLU E 46 44.91 -13.32 21.03
CA GLU E 46 45.00 -12.49 19.82
C GLU E 46 44.62 -13.33 18.62
N TRP E 47 43.44 -13.05 18.05
CA TRP E 47 42.95 -13.82 16.91
C TRP E 47 43.73 -13.46 15.66
N ILE E 48 44.05 -14.47 14.84
CA ILE E 48 44.87 -14.25 13.65
C ILE E 48 44.14 -14.55 12.34
N GLY E 49 43.12 -15.40 12.32
CA GLY E 49 42.45 -15.71 11.07
C GLY E 49 41.35 -16.72 11.28
N ARG E 50 40.52 -16.86 10.25
CA ARG E 50 39.37 -17.75 10.27
C ARG E 50 39.26 -18.47 8.93
N ILE E 51 38.52 -19.58 8.94
CA ILE E 51 38.43 -20.47 7.80
C ILE E 51 36.98 -20.85 7.56
N ASP E 52 36.52 -20.67 6.32
CA ASP E 52 35.25 -21.24 5.87
C ASP E 52 35.56 -22.37 4.90
N PRO E 53 35.52 -23.63 5.34
CA PRO E 53 35.94 -24.74 4.46
C PRO E 53 34.95 -25.09 3.37
N ALA E 54 33.72 -24.56 3.42
CA ALA E 54 32.73 -24.84 2.38
C ALA E 54 33.12 -24.22 1.04
N ASN E 55 33.75 -23.04 1.05
CA ASN E 55 34.19 -22.39 -0.17
C ASN E 55 35.66 -22.00 -0.14
N GLY E 56 36.37 -22.29 0.94
CA GLY E 56 37.78 -21.92 1.03
C GLY E 56 38.00 -20.46 1.34
N ASP E 57 36.99 -19.76 1.86
CA ASP E 57 37.15 -18.35 2.20
C ASP E 57 38.04 -18.20 3.43
N THR E 58 38.93 -17.23 3.38
CA THR E 58 39.87 -16.99 4.47
C THR E 58 40.05 -15.50 4.67
N LYS E 59 39.83 -15.03 5.90
CA LYS E 59 40.04 -13.64 6.25
C LYS E 59 40.95 -13.58 7.47
N TYR E 60 42.01 -12.77 7.37
CA TYR E 60 43.05 -12.71 8.39
C TYR E 60 42.91 -11.45 9.23
N ASP E 61 43.66 -11.43 10.33
CA ASP E 61 43.80 -10.21 11.11
C ASP E 61 44.61 -9.21 10.31
N PRO E 62 44.31 -7.89 10.39
CA PRO E 62 45.08 -6.89 9.64
C PRO E 62 46.56 -6.82 10.00
N LYS E 63 46.90 -7.13 11.26
CA LYS E 63 48.29 -7.14 11.67
C LYS E 63 49.05 -8.29 11.03
N PHE E 64 48.43 -9.47 10.95
CA PHE E 64 49.09 -10.67 10.46
C PHE E 64 48.82 -10.93 8.98
N GLN E 65 48.55 -9.89 8.20
CA GLN E 65 48.40 -10.06 6.76
C GLN E 65 49.76 -10.29 6.11
N GLY E 66 49.85 -11.35 5.32
CA GLY E 66 51.10 -11.72 4.68
C GLY E 66 52.04 -12.46 5.61
N LYS E 67 51.55 -12.82 6.79
CA LYS E 67 52.33 -13.51 7.81
C LYS E 67 51.94 -14.98 7.95
N ALA E 68 50.65 -15.27 7.91
CA ALA E 68 50.15 -16.63 8.10
C ALA E 68 49.34 -17.05 6.89
N THR E 69 49.26 -18.36 6.68
CA THR E 69 48.51 -18.95 5.58
C THR E 69 47.91 -20.26 6.09
N ILE E 70 46.65 -20.51 5.75
CA ILE E 70 45.96 -21.73 6.17
C ILE E 70 45.46 -22.48 4.95
N THR E 71 45.84 -23.75 4.84
CA THR E 71 45.17 -24.71 3.98
C THR E 71 44.44 -25.74 4.84
N THR E 72 43.36 -26.29 4.31
CA THR E 72 42.53 -27.23 5.05
C THR E 72 42.12 -28.37 4.15
N ASP E 73 42.44 -29.60 4.56
CA ASP E 73 42.08 -30.80 3.82
C ASP E 73 40.84 -31.42 4.46
N THR E 74 39.80 -31.60 3.66
CA THR E 74 38.57 -32.22 4.17
C THR E 74 38.77 -33.70 4.44
N PHE E 75 39.58 -34.37 3.61
CA PHE E 75 39.78 -35.82 3.77
C PHE E 75 40.62 -36.13 5.01
N SER E 76 41.63 -35.30 5.29
CA SER E 76 42.50 -35.55 6.43
C SER E 76 41.90 -35.08 7.74
N ASN E 77 40.79 -34.33 7.70
CA ASN E 77 40.09 -33.78 8.87
C ASN E 77 41.02 -32.91 9.72
N THR E 78 41.90 -32.17 9.04
CA THR E 78 42.97 -31.43 9.70
C THR E 78 43.20 -30.12 8.94
N ALA E 79 43.39 -29.04 9.69
CA ALA E 79 43.77 -27.74 9.13
C ALA E 79 45.23 -27.46 9.47
N TYR E 80 45.89 -26.71 8.58
CA TYR E 80 47.35 -26.54 8.63
C TYR E 80 47.72 -25.08 8.80
N LEU E 81 48.74 -24.82 9.62
CA LEU E 81 49.37 -23.51 9.66
C LEU E 81 50.39 -23.38 8.54
N GLN E 82 50.80 -22.14 8.26
CA GLN E 82 51.95 -21.85 7.41
C GLN E 82 52.48 -20.48 7.79
N LEU E 83 53.63 -20.44 8.46
CA LEU E 83 54.28 -19.20 8.83
C LEU E 83 55.53 -19.06 7.96
N SER E 84 55.51 -18.11 7.04
CA SER E 84 56.60 -17.99 6.06
C SER E 84 57.78 -17.22 6.65
N SER E 85 57.58 -15.93 6.94
CA SER E 85 58.65 -15.09 7.49
C SER E 85 58.46 -14.94 8.99
N LEU E 86 58.83 -15.99 9.72
CA LEU E 86 58.76 -15.93 11.17
C LEU E 86 60.04 -15.32 11.73
N THR E 87 59.89 -14.53 12.79
CA THR E 87 61.01 -13.89 13.47
C THR E 87 61.21 -14.53 14.83
N SER E 88 62.24 -14.06 15.54
CA SER E 88 62.53 -14.57 16.88
C SER E 88 61.59 -13.99 17.93
N GLU E 89 60.86 -12.92 17.60
CA GLU E 89 59.92 -12.34 18.55
C GLU E 89 58.67 -13.19 18.72
N ASP E 90 58.29 -13.94 17.70
CA ASP E 90 57.05 -14.73 17.71
C ASP E 90 57.29 -16.07 18.41
N THR E 91 57.46 -15.98 19.72
CA THR E 91 57.64 -17.14 20.58
C THR E 91 56.44 -17.18 21.52
N ALA E 92 55.47 -18.05 21.21
CA ALA E 92 54.21 -18.07 21.94
C ALA E 92 53.62 -19.48 21.83
N VAL E 93 52.36 -19.62 22.24
CA VAL E 93 51.64 -20.88 22.13
C VAL E 93 50.42 -20.65 21.26
N TYR E 94 50.19 -21.57 20.32
CA TYR E 94 49.13 -21.44 19.32
C TYR E 94 47.99 -22.38 19.69
N TYR E 95 46.78 -21.84 19.73
CA TYR E 95 45.60 -22.59 20.13
C TYR E 95 44.68 -22.80 18.93
N CYS E 96 43.92 -23.89 18.98
CA CYS E 96 42.96 -24.22 17.94
C CYS E 96 41.55 -24.11 18.51
N ALA E 97 40.62 -23.59 17.70
CA ALA E 97 39.26 -23.35 18.19
C ALA E 97 38.27 -23.46 17.04
N ARG E 98 37.00 -23.63 17.41
CA ARG E 98 35.91 -23.75 16.47
C ARG E 98 34.78 -22.80 16.87
N LYS E 99 33.91 -22.51 15.91
CA LYS E 99 32.78 -21.63 16.16
C LYS E 99 31.71 -22.36 16.97
N GLY E 100 31.24 -21.73 18.05
CA GLY E 100 30.30 -22.33 18.97
C GLY E 100 28.86 -22.00 18.69
N LEU E 101 28.07 -21.94 19.76
CA LEU E 101 26.63 -21.75 19.62
C LEU E 101 26.28 -20.32 19.24
N ARG E 102 26.93 -19.34 19.85
CA ARG E 102 26.62 -17.94 19.59
C ARG E 102 27.88 -17.22 19.14
N TRP E 103 28.58 -17.83 18.17
CA TRP E 103 29.86 -17.37 17.63
C TRP E 103 30.94 -17.33 18.71
N ALA E 104 30.82 -18.19 19.72
CA ALA E 104 31.84 -18.34 20.73
C ALA E 104 32.84 -19.39 20.29
N MET E 105 33.83 -19.66 21.14
CA MET E 105 34.82 -20.70 20.89
C MET E 105 34.68 -21.71 22.02
N ASP E 106 33.84 -22.72 21.80
CA ASP E 106 33.49 -23.67 22.85
C ASP E 106 34.53 -24.77 23.02
N TYR E 107 34.96 -25.40 21.93
CA TYR E 107 35.92 -26.48 21.98
C TYR E 107 37.30 -25.96 21.58
N TRP E 108 38.29 -26.23 22.40
CA TRP E 108 39.65 -25.73 22.18
C TRP E 108 40.63 -26.89 22.16
N GLY E 109 41.68 -26.73 21.37
CA GLY E 109 42.75 -27.71 21.34
C GLY E 109 43.68 -27.58 22.53
N GLN E 110 44.60 -28.53 22.63
CA GLN E 110 45.54 -28.55 23.75
C GLN E 110 46.61 -27.49 23.63
N GLY E 111 46.82 -26.94 22.44
CA GLY E 111 47.79 -25.87 22.27
C GLY E 111 49.19 -26.34 21.98
N THR E 112 49.83 -25.74 20.98
CA THR E 112 51.21 -26.03 20.62
C THR E 112 52.05 -24.77 20.77
N SER E 113 53.13 -24.87 21.52
CA SER E 113 54.01 -23.74 21.78
C SER E 113 55.19 -23.77 20.81
N VAL E 114 55.43 -22.66 20.15
CA VAL E 114 56.60 -22.53 19.27
C VAL E 114 57.72 -21.87 20.06
N THR E 115 58.96 -22.22 19.71
CA THR E 115 60.13 -21.69 20.38
C THR E 115 61.19 -21.39 19.33
N VAL E 116 61.51 -20.11 19.17
CA VAL E 116 62.47 -19.64 18.18
C VAL E 116 63.69 -19.16 18.95
N SER E 117 64.70 -20.02 19.08
CA SER E 117 65.91 -19.71 19.81
C SER E 117 67.07 -20.49 19.20
N THR E 118 68.19 -20.51 19.90
CA THR E 118 69.37 -21.22 19.44
C THR E 118 69.61 -22.48 20.26
N ASN F 1 38.15 -1.96 13.65
CA ASN F 1 38.68 -2.86 14.66
C ASN F 1 38.00 -2.62 16.01
N ILE F 2 37.97 -3.66 16.84
CA ILE F 2 37.32 -3.60 18.15
C ILE F 2 38.38 -3.89 19.21
N VAL F 3 38.40 -3.07 20.25
CA VAL F 3 39.28 -3.33 21.39
C VAL F 3 38.42 -3.60 22.62
N MET F 4 38.94 -4.46 23.49
CA MET F 4 38.24 -4.84 24.72
C MET F 4 39.16 -4.58 25.90
N THR F 5 38.65 -3.86 26.89
CA THR F 5 39.41 -3.52 28.09
C THR F 5 38.82 -4.27 29.27
N GLN F 6 39.64 -5.05 29.96
CA GLN F 6 39.24 -5.76 31.16
C GLN F 6 39.86 -5.07 32.36
N SER F 7 39.03 -4.66 33.31
CA SER F 7 39.50 -3.94 34.48
C SER F 7 39.01 -4.62 35.75
N PRO F 8 39.87 -4.73 36.78
CA PRO F 8 41.27 -4.31 36.83
C PRO F 8 42.20 -5.38 36.28
N LYS F 9 43.51 -5.29 36.54
CA LYS F 9 44.43 -6.31 36.08
C LYS F 9 44.43 -7.54 36.97
N SER F 10 44.46 -7.35 38.29
CA SER F 10 44.50 -8.46 39.23
C SER F 10 43.86 -8.06 40.54
N MET F 11 43.42 -9.06 41.29
CA MET F 11 42.86 -8.85 42.62
C MET F 11 43.07 -10.11 43.44
N SER F 12 42.92 -9.97 44.76
CA SER F 12 43.12 -11.07 45.68
C SER F 12 41.98 -11.10 46.69
N MET F 13 41.20 -12.17 46.68
CA MET F 13 40.17 -12.39 47.68
C MET F 13 40.27 -13.84 48.16
N SER F 14 39.53 -14.13 49.22
CA SER F 14 39.54 -15.45 49.83
C SER F 14 38.43 -16.31 49.21
N VAL F 15 38.14 -17.45 49.83
CA VAL F 15 37.17 -18.40 49.32
C VAL F 15 35.78 -17.99 49.84
N GLY F 16 34.85 -17.78 48.91
CA GLY F 16 33.46 -17.58 49.27
C GLY F 16 33.03 -16.15 49.46
N GLU F 17 33.26 -15.29 48.46
CA GLU F 17 32.76 -13.93 48.48
C GLU F 17 32.43 -13.50 47.06
N ARG F 18 32.05 -12.24 46.91
CA ARG F 18 31.55 -11.70 45.65
C ARG F 18 32.67 -11.02 44.86
N VAL F 19 32.74 -11.34 43.58
CA VAL F 19 33.66 -10.69 42.64
C VAL F 19 32.87 -10.22 41.44
N THR F 20 33.19 -9.03 40.94
CA THR F 20 32.52 -8.46 39.78
C THR F 20 33.59 -8.07 38.76
N LEU F 21 33.62 -8.79 37.64
CA LEU F 21 34.54 -8.47 36.56
C LEU F 21 33.97 -7.35 35.71
N SER F 22 34.83 -6.75 34.89
CA SER F 22 34.42 -5.66 34.02
C SER F 22 35.02 -5.85 32.63
N CYS F 23 34.24 -5.53 31.61
CA CYS F 23 34.68 -5.64 30.23
C CYS F 23 33.90 -4.63 29.41
N LYS F 24 34.59 -3.66 28.83
CA LYS F 24 33.96 -2.58 28.07
C LYS F 24 34.52 -2.58 26.66
N ALA F 25 33.62 -2.52 25.68
CA ALA F 25 34.01 -2.51 24.28
C ALA F 25 34.17 -1.09 23.77
N SER F 26 34.88 -0.96 22.65
CA SER F 26 35.08 0.35 22.04
C SER F 26 33.80 0.89 21.44
N GLU F 27 33.08 0.05 20.69
CA GLU F 27 31.80 0.44 20.10
C GLU F 27 30.77 -0.63 20.39
N TYR F 28 29.62 -0.55 19.73
CA TYR F 28 28.50 -1.45 20.01
C TYR F 28 28.83 -2.89 19.61
N VAL F 29 28.80 -3.78 20.58
CA VAL F 29 28.66 -5.22 20.35
C VAL F 29 27.38 -5.66 21.05
N GLY F 30 26.52 -6.38 20.34
CA GLY F 30 25.19 -6.62 20.85
C GLY F 30 25.10 -7.57 22.01
N THR F 31 25.35 -8.84 21.76
CA THR F 31 25.27 -9.88 22.77
C THR F 31 26.45 -10.84 22.72
N TYR F 32 27.09 -10.99 21.56
CA TYR F 32 28.12 -12.00 21.33
C TYR F 32 29.42 -11.58 22.00
N VAL F 33 29.43 -11.70 23.33
CA VAL F 33 30.60 -11.41 24.16
C VAL F 33 30.87 -12.63 25.00
N SER F 34 32.03 -13.24 24.81
CA SER F 34 32.32 -14.55 25.37
C SER F 34 33.33 -14.44 26.50
N TRP F 35 33.13 -15.26 27.53
CA TRP F 35 34.00 -15.29 28.70
C TRP F 35 34.78 -16.61 28.70
N TYR F 36 36.10 -16.51 28.69
CA TYR F 36 36.97 -17.68 28.69
C TYR F 36 37.91 -17.62 29.89
N GLN F 37 38.07 -18.76 30.56
CA GLN F 37 39.04 -18.90 31.63
C GLN F 37 40.28 -19.60 31.09
N GLN F 38 41.40 -19.41 31.78
CA GLN F 38 42.66 -20.04 31.37
C GLN F 38 43.34 -20.58 32.62
N LYS F 39 43.16 -21.85 32.90
CA LYS F 39 43.93 -22.50 33.93
C LYS F 39 45.39 -22.62 33.47
N PRO F 40 46.36 -22.47 34.38
CA PRO F 40 47.76 -22.38 33.96
C PRO F 40 48.29 -23.70 33.41
N GLU F 41 48.89 -23.62 32.21
CA GLU F 41 49.37 -24.76 31.43
C GLU F 41 48.26 -25.76 31.13
N GLN F 42 47.06 -25.24 30.83
CA GLN F 42 45.99 -26.02 30.22
C GLN F 42 45.38 -25.17 29.10
N SER F 43 44.26 -25.65 28.58
CA SER F 43 43.54 -25.10 27.45
C SER F 43 42.37 -24.24 27.92
N PRO F 44 42.04 -23.17 27.19
CA PRO F 44 40.88 -22.36 27.57
C PRO F 44 39.57 -23.08 27.35
N LYS F 45 38.57 -22.70 28.13
CA LYS F 45 37.22 -23.23 27.96
C LYS F 45 36.21 -22.09 27.95
N LEU F 46 34.92 -22.43 27.88
CA LEU F 46 33.85 -21.46 27.72
C LEU F 46 33.04 -21.37 29.01
N LEU F 47 32.81 -20.14 29.48
CA LEU F 47 31.95 -19.91 30.63
C LEU F 47 30.56 -19.45 30.24
N ILE F 48 30.45 -18.33 29.52
CA ILE F 48 29.17 -17.78 29.11
C ILE F 48 29.24 -17.49 27.61
N TYR F 49 28.45 -18.19 26.83
CA TYR F 49 28.31 -17.92 25.40
C TYR F 49 27.16 -16.94 25.21
N GLY F 50 27.40 -15.89 24.44
CA GLY F 50 26.47 -14.79 24.45
C GLY F 50 26.60 -14.03 25.76
N ALA F 51 25.59 -13.21 26.04
CA ALA F 51 25.55 -12.45 27.27
C ALA F 51 24.43 -13.00 28.15
N SER F 52 24.78 -13.34 29.40
CA SER F 52 23.87 -13.90 30.41
C SER F 52 23.22 -15.19 29.91
N ASN F 53 24.06 -16.13 29.49
CA ASN F 53 23.58 -17.42 29.01
C ASN F 53 24.63 -18.45 29.37
N ARG F 54 24.36 -19.22 30.42
CA ARG F 54 25.34 -20.12 31.00
C ARG F 54 25.60 -21.32 30.09
N TYR F 55 26.87 -21.71 30.00
CA TYR F 55 27.25 -22.88 29.23
C TYR F 55 26.92 -24.15 30.01
N THR F 56 26.97 -25.28 29.32
CA THR F 56 26.73 -26.57 29.94
C THR F 56 27.98 -27.05 30.66
N GLY F 57 27.82 -27.46 31.92
CA GLY F 57 28.89 -28.05 32.69
C GLY F 57 29.55 -27.11 33.68
N VAL F 58 29.42 -25.80 33.51
CA VAL F 58 29.98 -24.85 34.44
C VAL F 58 29.01 -24.67 35.60
N PRO F 59 29.46 -24.32 36.81
CA PRO F 59 28.54 -24.17 37.93
C PRO F 59 27.67 -22.92 37.79
N ASP F 60 26.61 -22.90 38.61
CA ASP F 60 25.62 -21.84 38.56
C ASP F 60 26.06 -20.56 39.26
N ARG F 61 27.21 -20.58 39.93
CA ARG F 61 27.71 -19.36 40.56
C ARG F 61 28.21 -18.36 39.52
N PHE F 62 28.64 -18.84 38.36
CA PHE F 62 29.06 -17.96 37.28
C PHE F 62 27.83 -17.36 36.60
N THR F 63 27.79 -16.03 36.50
CA THR F 63 26.71 -15.35 35.82
C THR F 63 27.25 -14.07 35.19
N GLY F 64 26.53 -13.56 34.19
CA GLY F 64 26.93 -12.39 33.47
C GLY F 64 25.77 -11.45 33.24
N SER F 65 26.10 -10.24 32.81
CA SER F 65 25.11 -9.22 32.47
C SER F 65 25.51 -8.57 31.16
N GLY F 66 24.53 -8.37 30.29
CA GLY F 66 24.80 -7.88 28.95
C GLY F 66 24.15 -6.54 28.70
N SER F 67 24.76 -5.78 27.81
CA SER F 67 24.28 -4.44 27.45
C SER F 67 24.83 -4.12 26.05
N ALA F 68 24.75 -2.85 25.66
CA ALA F 68 25.33 -2.43 24.40
C ALA F 68 26.85 -2.34 24.48
N THR F 69 27.38 -1.80 25.57
CA THR F 69 28.81 -1.54 25.68
C THR F 69 29.48 -2.29 26.82
N ASP F 70 28.96 -2.20 28.04
CA ASP F 70 29.62 -2.74 29.21
C ASP F 70 29.09 -4.13 29.53
N PHE F 71 30.01 -5.02 29.93
CA PHE F 71 29.69 -6.40 30.25
C PHE F 71 30.41 -6.81 31.52
N THR F 72 29.70 -7.41 32.45
CA THR F 72 30.26 -7.83 33.73
C THR F 72 30.13 -9.34 33.89
N LEU F 73 31.13 -9.94 34.52
CA LEU F 73 31.11 -11.34 34.93
C LEU F 73 31.10 -11.40 36.44
N THR F 74 30.15 -12.14 37.01
CA THR F 74 29.92 -12.16 38.44
C THR F 74 29.93 -13.58 38.96
N ILE F 75 30.70 -13.82 40.02
CA ILE F 75 30.69 -15.09 40.74
C ILE F 75 30.22 -14.80 42.16
N GLY F 76 29.16 -15.51 42.59
CA GLY F 76 28.62 -15.28 43.91
C GLY F 76 29.54 -15.72 45.03
N SER F 77 30.18 -16.87 44.87
CA SER F 77 31.10 -17.40 45.87
C SER F 77 32.32 -17.97 45.16
N VAL F 78 33.48 -17.37 45.41
CA VAL F 78 34.72 -17.86 44.81
C VAL F 78 35.13 -19.15 45.50
N GLN F 79 35.46 -20.17 44.71
CA GLN F 79 35.84 -21.48 45.22
C GLN F 79 37.33 -21.71 45.02
N ALA F 80 37.78 -22.91 45.40
CA ALA F 80 39.18 -23.27 45.33
C ALA F 80 39.58 -23.85 43.98
N GLU F 81 38.64 -24.06 43.07
CA GLU F 81 38.93 -24.58 41.75
C GLU F 81 38.90 -23.51 40.67
N ASP F 82 38.80 -22.24 41.06
CA ASP F 82 38.70 -21.12 40.11
C ASP F 82 40.03 -20.40 39.93
N LEU F 83 41.15 -21.11 40.03
CA LEU F 83 42.48 -20.51 39.90
C LEU F 83 42.80 -20.34 38.43
N ALA F 84 42.22 -19.29 37.84
CA ALA F 84 42.40 -19.02 36.43
C ALA F 84 42.12 -17.55 36.16
N ASP F 85 42.79 -17.00 35.15
CA ASP F 85 42.48 -15.66 34.68
C ASP F 85 41.40 -15.72 33.62
N TYR F 86 40.55 -14.70 33.61
CA TYR F 86 39.34 -14.70 32.79
C TYR F 86 39.49 -13.71 31.65
N HIS F 87 39.26 -14.20 30.43
CA HIS F 87 39.40 -13.40 29.22
C HIS F 87 38.03 -13.05 28.65
N CYS F 88 37.85 -11.79 28.30
CA CYS F 88 36.62 -11.30 27.70
C CYS F 88 36.84 -11.09 26.21
N GLY F 89 36.06 -11.79 25.40
CA GLY F 89 36.12 -11.67 23.96
C GLY F 89 34.84 -11.07 23.40
N GLN F 90 34.83 -10.92 22.07
CA GLN F 90 33.66 -10.41 21.37
C GLN F 90 33.56 -11.12 20.04
N SER F 91 32.34 -11.13 19.49
CA SER F 91 32.12 -11.84 18.23
C SER F 91 31.15 -11.13 17.28
N TYR F 92 30.77 -9.87 17.56
CA TYR F 92 29.91 -9.14 16.65
C TYR F 92 30.64 -8.78 15.36
N SER F 93 31.97 -8.69 15.43
CA SER F 93 32.83 -8.48 14.27
C SER F 93 33.83 -9.63 14.25
N TYR F 94 34.92 -9.47 13.49
CA TYR F 94 36.04 -10.38 13.63
C TYR F 94 36.53 -10.36 15.07
N PRO F 95 36.80 -11.52 15.67
CA PRO F 95 36.92 -11.60 17.13
C PRO F 95 38.21 -10.98 17.65
N THR F 96 38.09 -10.26 18.76
CA THR F 96 39.21 -9.70 19.49
C THR F 96 39.04 -10.01 20.97
N PHE F 97 40.11 -9.83 21.74
CA PHE F 97 40.12 -10.22 23.13
C PHE F 97 40.74 -9.13 23.99
N GLY F 98 40.39 -9.16 25.28
CA GLY F 98 41.01 -8.29 26.25
C GLY F 98 42.31 -8.87 26.78
N ALA F 99 42.91 -8.14 27.72
CA ALA F 99 44.18 -8.57 28.29
C ALA F 99 44.01 -9.64 29.35
N GLY F 100 42.79 -9.91 29.80
CA GLY F 100 42.55 -10.86 30.87
C GLY F 100 42.65 -10.22 32.24
N THR F 101 42.23 -10.97 33.25
CA THR F 101 42.24 -10.50 34.63
C THR F 101 42.64 -11.66 35.54
N LYS F 102 43.85 -11.60 36.09
CA LYS F 102 44.34 -12.65 36.96
C LYS F 102 43.72 -12.54 38.35
N LEU F 103 43.81 -13.63 39.10
CA LEU F 103 43.35 -13.66 40.48
C LEU F 103 44.22 -14.63 41.26
N GLU F 104 44.20 -14.48 42.59
CA GLU F 104 45.00 -15.32 43.46
C GLU F 104 44.26 -15.51 44.78
N LEU F 105 44.64 -16.57 45.48
CA LEU F 105 44.03 -16.94 46.76
C LEU F 105 45.08 -16.85 47.87
N LYS F 106 44.62 -16.52 49.07
CA LYS F 106 45.50 -16.37 50.22
C LYS F 106 45.99 -17.72 50.74
N MET G 9 -19.94 -42.03 16.02
CA MET G 9 -19.61 -41.18 14.84
C MET G 9 -19.46 -42.08 13.62
N SER G 10 -19.35 -43.40 13.82
CA SER G 10 -19.10 -44.27 12.66
C SER G 10 -20.25 -44.12 11.67
N PHE G 11 -21.47 -44.18 12.19
CA PHE G 11 -22.63 -44.10 11.26
C PHE G 11 -22.64 -42.73 10.61
N VAL G 12 -22.38 -41.66 11.35
CA VAL G 12 -22.47 -40.32 10.73
C VAL G 12 -21.47 -40.27 9.58
N LYS G 13 -20.30 -40.83 9.80
CA LYS G 13 -19.26 -40.76 8.75
C LYS G 13 -19.72 -41.60 7.56
N GLU G 14 -20.23 -42.81 7.79
CA GLU G 14 -20.58 -43.64 6.62
C GLU G 14 -21.68 -42.91 5.87
N THR G 15 -22.51 -42.15 6.58
CA THR G 15 -23.55 -41.35 5.88
C THR G 15 -22.87 -40.28 5.04
N VAL G 16 -22.15 -39.32 5.62
CA VAL G 16 -21.57 -38.24 4.78
C VAL G 16 -20.70 -38.84 3.69
N ASP G 17 -20.47 -40.15 3.66
CA ASP G 17 -19.81 -40.78 2.51
C ASP G 17 -20.81 -41.34 1.51
N LYS G 18 -21.88 -41.94 1.99
CA LYS G 18 -22.88 -42.38 1.00
C LYS G 18 -23.41 -41.13 0.30
N LEU G 19 -23.79 -40.12 1.08
CA LEU G 19 -24.44 -38.97 0.45
C LEU G 19 -23.56 -38.32 -0.60
N LEU G 20 -22.24 -38.39 -0.44
CA LEU G 20 -21.33 -37.75 -1.38
C LEU G 20 -20.65 -38.75 -2.31
N LYS G 21 -21.18 -39.96 -2.44
CA LYS G 21 -20.66 -40.93 -3.41
C LYS G 21 -21.55 -40.91 -4.65
N GLY G 22 -21.09 -40.21 -5.67
CA GLY G 22 -21.82 -40.15 -6.92
C GLY G 22 -22.58 -38.86 -7.10
N TYR G 23 -22.39 -37.91 -6.19
CA TYR G 23 -23.02 -36.60 -6.30
C TYR G 23 -22.42 -35.82 -7.46
N ASP G 24 -23.20 -35.61 -8.52
CA ASP G 24 -22.75 -34.82 -9.66
C ASP G 24 -23.01 -33.35 -9.38
N ILE G 25 -21.94 -32.58 -9.17
CA ILE G 25 -22.04 -31.17 -8.80
C ILE G 25 -22.41 -30.34 -10.03
N ARG G 26 -22.19 -30.90 -11.23
CA ARG G 26 -22.52 -30.19 -12.46
C ARG G 26 -24.00 -30.22 -12.79
N LEU G 27 -24.81 -30.98 -12.06
CA LEU G 27 -26.24 -31.08 -12.31
C LEU G 27 -27.00 -30.52 -11.13
N ARG G 28 -27.96 -29.64 -11.40
CA ARG G 28 -28.85 -29.13 -10.37
C ARG G 28 -29.83 -30.22 -9.95
N PRO G 29 -30.39 -30.13 -8.73
CA PRO G 29 -31.44 -31.07 -8.34
C PRO G 29 -32.69 -30.92 -9.21
N ASP G 30 -33.31 -32.06 -9.50
CA ASP G 30 -34.42 -32.20 -10.45
C ASP G 30 -34.05 -31.59 -11.80
N PHE G 31 -32.99 -32.14 -12.40
CA PHE G 31 -32.42 -31.57 -13.61
C PHE G 31 -33.34 -31.75 -14.81
N GLY G 32 -33.95 -32.93 -14.95
CA GLY G 32 -34.86 -33.18 -16.05
C GLY G 32 -36.32 -32.91 -15.76
N GLY G 33 -36.63 -32.30 -14.62
CA GLY G 33 -38.00 -32.11 -14.22
C GLY G 33 -38.35 -30.68 -13.86
N PRO G 34 -39.10 -30.50 -12.78
CA PRO G 34 -39.56 -29.17 -12.39
C PRO G 34 -38.41 -28.34 -11.84
N PRO G 35 -38.53 -27.01 -11.87
CA PRO G 35 -37.47 -26.16 -11.29
C PRO G 35 -37.42 -26.28 -9.78
N VAL G 36 -36.20 -26.01 -9.24
CA VAL G 36 -35.90 -26.04 -7.79
C VAL G 36 -36.39 -24.73 -7.19
N CYS G 37 -36.49 -24.62 -5.87
CA CYS G 37 -37.05 -23.40 -5.24
C CYS G 37 -36.08 -22.89 -4.18
N VAL G 38 -35.28 -21.87 -4.48
CA VAL G 38 -34.24 -21.43 -3.52
C VAL G 38 -34.80 -20.31 -2.66
N GLY G 39 -35.30 -20.58 -1.45
CA GLY G 39 -35.82 -19.54 -0.54
C GLY G 39 -34.71 -18.73 0.09
N MET G 40 -34.83 -17.42 0.20
CA MET G 40 -33.67 -16.64 0.68
C MET G 40 -33.99 -15.75 1.88
N ASN G 41 -33.01 -15.41 2.71
CA ASN G 41 -33.21 -14.49 3.86
C ASN G 41 -31.94 -13.66 4.07
N ILE G 42 -32.08 -12.36 4.27
CA ILE G 42 -30.89 -11.47 4.45
C ILE G 42 -30.91 -10.89 5.86
N ASP G 43 -29.89 -11.21 6.66
CA ASP G 43 -29.78 -10.62 8.03
C ASP G 43 -28.78 -9.47 7.96
N ILE G 44 -29.26 -8.25 7.67
CA ILE G 44 -28.35 -7.08 7.52
C ILE G 44 -27.63 -6.85 8.84
N ALA G 45 -26.29 -6.89 8.82
CA ALA G 45 -25.51 -6.59 10.04
C ALA G 45 -25.51 -5.07 10.24
N SER G 46 -24.96 -4.33 9.27
CA SER G 46 -24.96 -2.85 9.33
C SER G 46 -24.63 -2.27 7.95
N ILE G 47 -25.36 -1.24 7.51
CA ILE G 47 -24.96 -0.58 6.23
C ILE G 47 -23.70 0.22 6.51
N ASP G 48 -22.54 -0.25 6.03
CA ASP G 48 -21.25 0.41 6.35
C ASP G 48 -21.34 1.91 6.09
N MET G 49 -21.64 2.31 4.84
CA MET G 49 -21.66 3.76 4.50
C MET G 49 -22.42 3.98 3.18
N VAL G 50 -22.80 5.22 2.89
CA VAL G 50 -23.51 5.55 1.61
C VAL G 50 -22.83 6.78 1.00
N SER G 51 -21.94 6.59 0.03
CA SER G 51 -21.21 7.72 -0.57
C SER G 51 -21.95 8.29 -1.76
N GLU G 52 -21.84 9.60 -1.97
CA GLU G 52 -22.53 10.27 -3.09
C GLU G 52 -21.49 10.63 -4.14
N VAL G 53 -20.19 10.52 -3.82
CA VAL G 53 -19.17 10.75 -4.83
C VAL G 53 -19.06 9.55 -5.76
N ASN G 54 -18.96 8.35 -5.19
CA ASN G 54 -18.89 7.15 -6.01
C ASN G 54 -20.26 6.56 -6.31
N MET G 55 -21.32 7.12 -5.72
CA MET G 55 -22.72 6.73 -5.93
C MET G 55 -22.95 5.25 -5.63
N ASP G 56 -22.62 4.87 -4.41
CA ASP G 56 -22.76 3.49 -3.97
C ASP G 56 -22.93 3.46 -2.46
N TYR G 57 -23.21 2.25 -1.95
CA TYR G 57 -23.36 2.07 -0.48
C TYR G 57 -22.81 0.68 -0.15
N THR G 58 -22.53 0.40 1.12
CA THR G 58 -21.90 -0.90 1.49
C THR G 58 -22.86 -1.66 2.41
N LEU G 59 -23.29 -2.85 1.99
CA LEU G 59 -24.27 -3.63 2.81
C LEU G 59 -23.61 -4.90 3.35
N THR G 60 -23.29 -4.93 4.64
CA THR G 60 -22.75 -6.17 5.25
C THR G 60 -23.94 -7.01 5.74
N MET G 61 -24.07 -8.25 5.29
CA MET G 61 -25.29 -9.02 5.64
C MET G 61 -24.96 -10.51 5.80
N TYR G 62 -25.84 -11.25 6.47
CA TYR G 62 -25.66 -12.72 6.61
C TYR G 62 -26.59 -13.41 5.60
N PHE G 63 -26.16 -13.50 4.34
CA PHE G 63 -27.00 -14.12 3.28
C PHE G 63 -27.30 -15.58 3.66
N GLN G 64 -28.48 -16.08 3.29
CA GLN G 64 -28.89 -17.46 3.66
C GLN G 64 -29.86 -18.00 2.60
N GLN G 65 -29.47 -19.08 1.90
CA GLN G 65 -30.31 -19.63 0.84
C GLN G 65 -30.95 -20.91 1.36
N TYR G 66 -32.03 -21.37 0.77
CA TYR G 66 -32.83 -22.49 1.25
C TYR G 66 -33.44 -23.28 0.11
N TRP G 67 -32.84 -24.40 -0.29
CA TRP G 67 -33.48 -25.24 -1.28
C TRP G 67 -33.58 -26.68 -0.80
N ARG G 68 -33.83 -27.59 -1.72
CA ARG G 68 -34.01 -28.98 -1.26
C ARG G 68 -33.43 -29.98 -2.26
N ASP G 69 -32.27 -30.56 -1.96
CA ASP G 69 -31.72 -31.62 -2.84
C ASP G 69 -32.25 -32.92 -2.27
N LYS G 70 -32.29 -33.96 -3.08
CA LYS G 70 -32.83 -35.26 -2.62
C LYS G 70 -31.75 -36.30 -2.75
N ARG G 71 -30.61 -35.90 -3.28
CA ARG G 71 -29.44 -36.82 -3.33
C ARG G 71 -28.67 -36.50 -2.05
N LEU G 72 -29.26 -35.69 -1.17
CA LEU G 72 -28.61 -35.30 0.10
C LEU G 72 -29.56 -35.63 1.26
N ALA G 73 -30.35 -36.69 1.13
CA ALA G 73 -31.36 -37.03 2.16
C ALA G 73 -30.87 -38.21 3.00
N TYR G 74 -30.84 -38.07 4.31
CA TYR G 74 -30.31 -39.14 5.20
C TYR G 74 -31.44 -39.58 6.10
N SER G 75 -31.37 -40.80 6.63
CA SER G 75 -32.52 -41.33 7.40
C SER G 75 -32.15 -41.66 8.83
N GLY G 76 -31.22 -42.60 9.05
CA GLY G 76 -30.91 -43.05 10.42
C GLY G 76 -30.63 -41.91 11.39
N ILE G 77 -29.56 -41.17 11.16
CA ILE G 77 -29.17 -40.07 12.09
C ILE G 77 -30.38 -39.15 12.25
N PRO G 78 -30.83 -38.86 13.49
CA PRO G 78 -32.02 -38.04 13.70
C PRO G 78 -31.70 -36.56 13.98
N LEU G 79 -30.62 -36.04 13.39
CA LEU G 79 -30.23 -34.64 13.72
C LEU G 79 -29.92 -33.84 12.46
N ASN G 80 -29.96 -32.51 12.57
CA ASN G 80 -29.62 -31.63 11.43
C ASN G 80 -28.10 -31.52 11.30
N LEU G 81 -27.45 -32.44 10.59
CA LEU G 81 -25.96 -32.42 10.52
C LEU G 81 -25.48 -31.06 10.07
N THR G 82 -24.48 -30.47 10.73
CA THR G 82 -23.86 -29.20 10.28
C THR G 82 -22.46 -29.51 9.81
N LEU G 83 -22.27 -29.75 8.53
CA LEU G 83 -20.96 -30.16 7.99
C LEU G 83 -20.06 -28.94 7.94
N ASP G 84 -18.76 -29.13 7.67
CA ASP G 84 -17.83 -27.98 7.55
C ASP G 84 -18.03 -27.32 6.19
N ASN G 85 -17.78 -26.00 6.09
CA ASN G 85 -17.98 -25.27 4.82
C ASN G 85 -17.15 -25.91 3.71
N ARG G 86 -16.14 -26.71 4.08
CA ARG G 86 -15.30 -27.42 3.08
C ARG G 86 -16.17 -28.36 2.25
N VAL G 87 -17.45 -28.52 2.60
CA VAL G 87 -18.29 -29.50 1.87
C VAL G 87 -19.03 -28.67 0.83
N ALA G 88 -18.98 -27.34 0.94
CA ALA G 88 -19.78 -26.48 0.05
C ALA G 88 -19.20 -26.48 -1.34
N ASP G 89 -18.03 -27.08 -1.52
CA ASP G 89 -17.40 -27.14 -2.86
C ASP G 89 -17.60 -28.54 -3.43
N GLN G 90 -18.46 -29.32 -2.81
CA GLN G 90 -18.70 -30.70 -3.26
C GLN G 90 -20.20 -30.89 -3.48
N LEU G 91 -21.04 -30.07 -2.87
CA LEU G 91 -22.52 -30.15 -3.02
C LEU G 91 -22.95 -29.12 -4.06
N TRP G 92 -24.14 -29.22 -4.65
CA TRP G 92 -24.59 -28.18 -5.61
C TRP G 92 -25.03 -26.97 -4.82
N VAL G 93 -24.69 -25.77 -5.24
CA VAL G 93 -25.20 -24.57 -4.54
C VAL G 93 -25.83 -23.69 -5.62
N PRO G 94 -26.81 -22.80 -5.36
CA PRO G 94 -27.41 -22.03 -6.44
C PRO G 94 -26.45 -20.91 -6.89
N ASP G 95 -26.62 -20.30 -8.07
CA ASP G 95 -25.65 -19.31 -8.61
C ASP G 95 -26.05 -17.86 -8.36
N THR G 96 -26.69 -17.57 -7.23
CA THR G 96 -27.21 -16.22 -6.96
C THR G 96 -26.11 -15.20 -7.11
N TYR G 97 -26.42 -14.08 -7.72
CA TYR G 97 -25.40 -13.04 -7.95
C TYR G 97 -26.07 -11.69 -7.83
N PHE G 98 -25.49 -10.78 -7.08
CA PHE G 98 -26.17 -9.49 -6.89
C PHE G 98 -25.87 -8.72 -8.18
N LEU G 99 -26.84 -8.06 -8.82
CA LEU G 99 -26.60 -7.43 -10.15
C LEU G 99 -25.98 -6.05 -9.99
N ASN G 100 -26.23 -5.39 -8.88
CA ASN G 100 -25.73 -4.01 -8.76
C ASN G 100 -24.36 -4.05 -8.09
N ASP G 101 -23.81 -5.23 -7.84
CA ASP G 101 -22.52 -5.32 -7.12
C ASP G 101 -21.47 -4.56 -7.87
N LYS G 102 -20.51 -3.94 -7.17
CA LYS G 102 -19.37 -3.30 -7.86
C LYS G 102 -18.14 -4.00 -7.32
N LYS G 103 -18.20 -4.51 -6.09
CA LYS G 103 -17.08 -5.28 -5.48
C LYS G 103 -17.69 -6.02 -4.31
N SER G 104 -17.12 -7.13 -3.87
CA SER G 104 -17.75 -7.92 -2.80
C SER G 104 -16.81 -9.00 -2.30
N PHE G 105 -16.98 -9.50 -1.08
CA PHE G 105 -16.02 -10.49 -0.54
C PHE G 105 -16.68 -11.34 0.54
N VAL G 106 -16.15 -12.53 0.89
CA VAL G 106 -16.68 -13.25 2.08
C VAL G 106 -15.51 -13.45 3.04
N HIS G 107 -15.63 -12.95 4.27
CA HIS G 107 -14.49 -13.03 5.24
C HIS G 107 -13.98 -14.47 5.32
N GLY G 108 -12.68 -14.65 5.14
CA GLY G 108 -12.07 -16.00 5.25
C GLY G 108 -11.38 -16.18 6.59
N VAL G 109 -11.56 -15.22 7.50
CA VAL G 109 -10.95 -15.30 8.86
C VAL G 109 -12.01 -15.83 9.83
N THR G 110 -11.62 -16.59 10.86
CA THR G 110 -10.41 -17.42 10.87
C THR G 110 -10.59 -18.53 9.83
N VAL G 111 -11.81 -18.77 9.38
CA VAL G 111 -12.06 -19.77 8.31
C VAL G 111 -13.13 -19.16 7.42
N LYS G 112 -13.28 -19.61 6.17
CA LYS G 112 -14.36 -19.08 5.30
C LYS G 112 -15.64 -18.90 6.13
N ASN G 113 -16.24 -17.71 6.10
CA ASN G 113 -17.44 -17.46 6.95
C ASN G 113 -18.68 -18.00 6.22
N ARG G 114 -18.69 -19.30 5.93
CA ARG G 114 -19.86 -19.93 5.26
C ARG G 114 -20.40 -21.04 6.15
N MET G 115 -21.64 -21.48 5.93
CA MET G 115 -22.26 -22.49 6.81
C MET G 115 -23.08 -23.46 5.96
N ILE G 116 -22.86 -24.76 6.13
CA ILE G 116 -23.61 -25.79 5.35
C ILE G 116 -24.27 -26.76 6.33
N ARG G 117 -25.58 -26.60 6.55
CA ARG G 117 -26.31 -27.47 7.51
C ARG G 117 -27.31 -28.32 6.73
N LEU G 118 -27.00 -29.62 6.57
CA LEU G 118 -27.90 -30.51 5.81
C LEU G 118 -29.00 -31.04 6.71
N HIS G 119 -30.20 -30.49 6.63
CA HIS G 119 -31.33 -31.01 7.41
C HIS G 119 -31.59 -32.44 6.95
N PRO G 120 -32.52 -33.21 7.58
CA PRO G 120 -32.67 -34.64 7.27
C PRO G 120 -33.56 -35.07 6.09
N ASP G 121 -34.11 -34.11 5.35
CA ASP G 121 -34.96 -34.42 4.18
C ASP G 121 -34.20 -34.03 2.91
N GLY G 122 -32.91 -33.69 3.05
CA GLY G 122 -32.10 -33.25 1.91
C GLY G 122 -32.09 -31.74 1.77
N THR G 123 -32.90 -31.05 2.59
CA THR G 123 -32.92 -29.56 2.55
C THR G 123 -31.54 -29.02 2.89
N VAL G 124 -31.01 -28.13 2.06
CA VAL G 124 -29.63 -27.60 2.26
C VAL G 124 -29.71 -26.17 2.83
N LEU G 125 -29.22 -25.98 4.06
CA LEU G 125 -29.19 -24.61 4.65
C LEU G 125 -27.82 -24.01 4.38
N TYR G 126 -27.69 -23.21 3.32
CA TYR G 126 -26.38 -22.61 2.95
C TYR G 126 -26.41 -21.11 3.23
N GLY G 127 -25.51 -20.63 4.10
CA GLY G 127 -25.51 -19.20 4.46
C GLY G 127 -24.13 -18.58 4.34
N LEU G 128 -24.05 -17.29 4.00
CA LEU G 128 -22.77 -16.60 3.87
C LEU G 128 -22.83 -15.27 4.60
N ARG G 129 -21.62 -14.71 4.79
CA ARG G 129 -21.48 -13.38 5.37
C ARG G 129 -20.80 -12.50 4.34
N ILE G 130 -21.54 -11.87 3.45
CA ILE G 130 -20.99 -11.08 2.31
C ILE G 130 -20.91 -9.61 2.65
N THR G 131 -20.13 -8.81 1.93
CA THR G 131 -20.02 -7.33 2.13
C THR G 131 -20.03 -6.63 0.79
N THR G 132 -21.21 -6.39 0.21
CA THR G 132 -21.35 -5.81 -1.15
C THR G 132 -21.24 -4.29 -1.16
N THR G 133 -20.58 -3.70 -2.16
CA THR G 133 -20.53 -2.25 -2.35
C THR G 133 -21.49 -2.00 -3.50
N ALA G 134 -22.77 -2.23 -3.27
CA ALA G 134 -23.77 -2.15 -4.33
C ALA G 134 -23.80 -0.77 -4.96
N ALA G 135 -24.26 -0.70 -6.20
CA ALA G 135 -24.31 0.59 -6.91
C ALA G 135 -25.71 1.16 -6.80
N CYS G 136 -25.82 2.43 -6.41
CA CYS G 136 -27.14 3.05 -6.18
C CYS G 136 -27.10 4.46 -6.73
N MET G 137 -27.59 4.67 -7.97
CA MET G 137 -27.57 5.99 -8.65
C MET G 137 -28.53 6.92 -7.93
N MET G 138 -28.09 8.14 -7.60
CA MET G 138 -28.91 9.02 -6.75
C MET G 138 -29.35 10.27 -7.50
N ASP G 139 -30.55 10.78 -7.22
CA ASP G 139 -31.01 12.06 -7.82
C ASP G 139 -30.80 13.14 -6.78
N LEU G 140 -29.77 13.95 -6.96
CA LEU G 140 -29.45 14.94 -5.90
C LEU G 140 -30.07 16.30 -6.23
N ARG G 141 -31.24 16.34 -6.86
CA ARG G 141 -31.80 17.66 -7.26
C ARG G 141 -32.35 18.36 -6.02
N ARG G 142 -32.70 17.61 -4.99
CA ARG G 142 -33.16 18.25 -3.76
C ARG G 142 -32.15 18.06 -2.64
N TYR G 143 -30.88 17.98 -2.97
CA TYR G 143 -29.83 17.87 -1.98
C TYR G 143 -29.72 19.17 -1.19
N PRO G 144 -29.61 19.10 0.15
CA PRO G 144 -29.57 17.93 1.01
C PRO G 144 -30.91 17.58 1.66
N LEU G 145 -32.02 18.13 1.20
CA LEU G 145 -33.34 17.78 1.71
C LEU G 145 -33.96 16.60 0.98
N ASP G 146 -33.15 15.78 0.32
CA ASP G 146 -33.60 14.74 -0.59
C ASP G 146 -33.84 13.44 0.15
N GLU G 147 -34.46 12.50 -0.56
CA GLU G 147 -34.52 11.11 -0.14
C GLU G 147 -34.03 10.25 -1.29
N GLN G 148 -33.46 9.09 -0.95
CA GLN G 148 -32.86 8.21 -1.94
C GLN G 148 -33.49 6.83 -1.84
N ASN G 149 -33.40 6.09 -2.94
CA ASN G 149 -33.94 4.74 -3.04
C ASN G 149 -32.80 3.86 -3.56
N CYS G 150 -32.15 3.16 -2.64
CA CYS G 150 -31.04 2.28 -2.97
C CYS G 150 -31.49 0.83 -2.93
N THR G 151 -31.17 0.09 -3.99
CA THR G 151 -31.63 -1.27 -4.16
C THR G 151 -30.45 -2.23 -4.22
N LEU G 152 -30.71 -3.48 -3.87
CA LEU G 152 -29.78 -4.58 -4.07
C LEU G 152 -30.48 -5.63 -4.91
N GLU G 153 -29.96 -5.87 -6.10
CA GLU G 153 -30.67 -6.65 -7.12
C GLU G 153 -30.11 -8.07 -7.15
N ILE G 154 -30.86 -9.04 -6.61
CA ILE G 154 -30.40 -10.47 -6.50
C ILE G 154 -30.99 -11.30 -7.64
N GLU G 155 -30.27 -12.25 -8.23
CA GLU G 155 -30.80 -12.96 -9.42
C GLU G 155 -29.93 -14.15 -9.80
N SER G 156 -30.50 -15.17 -10.41
CA SER G 156 -29.69 -16.32 -10.86
C SER G 156 -29.02 -15.92 -12.15
N TYR G 157 -27.83 -16.42 -12.43
CA TYR G 157 -27.10 -16.05 -13.66
C TYR G 157 -27.29 -17.12 -14.70
N GLY G 158 -27.10 -18.36 -14.34
CA GLY G 158 -27.09 -19.35 -15.40
C GLY G 158 -28.38 -20.15 -15.56
N TYR G 159 -29.19 -20.18 -14.50
CA TYR G 159 -30.44 -20.99 -14.53
C TYR G 159 -31.63 -20.07 -14.79
N THR G 160 -32.52 -20.47 -15.72
CA THR G 160 -33.72 -19.66 -16.04
C THR G 160 -34.81 -19.95 -14.99
N THR G 161 -35.96 -19.28 -15.11
CA THR G 161 -37.09 -19.55 -14.17
C THR G 161 -37.48 -21.02 -14.28
N ASP G 162 -37.34 -21.61 -15.47
CA ASP G 162 -37.72 -23.04 -15.68
C ASP G 162 -36.71 -23.94 -14.96
N ASP G 163 -35.55 -23.40 -14.58
CA ASP G 163 -34.51 -24.20 -13.89
C ASP G 163 -34.45 -23.80 -12.40
N ILE G 164 -34.78 -22.55 -12.07
CA ILE G 164 -34.64 -22.09 -10.66
C ILE G 164 -35.78 -21.15 -10.29
N GLU G 165 -36.25 -21.10 -9.06
CA GLU G 165 -37.30 -20.10 -8.74
C GLU G 165 -37.10 -19.56 -7.33
N PHE G 166 -36.82 -18.26 -7.19
CA PHE G 166 -36.50 -17.67 -5.86
C PHE G 166 -37.76 -17.17 -5.15
N TYR G 167 -37.65 -16.88 -3.85
CA TYR G 167 -38.79 -16.31 -3.08
C TYR G 167 -38.28 -15.76 -1.75
N TRP G 168 -38.99 -14.78 -1.17
CA TRP G 168 -38.59 -14.20 0.14
C TRP G 168 -39.10 -15.09 1.27
N ARG G 169 -38.28 -16.05 1.72
CA ARG G 169 -38.68 -16.98 2.80
C ARG G 169 -39.08 -16.17 4.03
N GLY G 170 -40.37 -16.12 4.35
CA GLY G 170 -40.85 -15.32 5.50
C GLY G 170 -41.48 -14.01 5.03
N GLY G 171 -41.63 -13.84 3.71
CA GLY G 171 -42.24 -12.62 3.16
C GLY G 171 -41.51 -11.37 3.62
N ASP G 172 -42.25 -10.40 4.16
CA ASP G 172 -41.64 -9.12 4.65
C ASP G 172 -40.61 -9.46 5.73
N LYS G 173 -40.91 -10.44 6.58
CA LYS G 173 -39.97 -10.82 7.68
C LYS G 173 -38.87 -11.72 7.11
N ALA G 174 -37.93 -11.13 6.37
CA ALA G 174 -36.82 -11.90 5.77
C ALA G 174 -35.59 -11.01 5.61
N VAL G 175 -35.72 -9.72 5.94
CA VAL G 175 -34.59 -8.78 5.75
C VAL G 175 -34.39 -8.13 7.11
N THR G 176 -34.35 -8.94 8.15
CA THR G 176 -34.21 -8.40 9.53
C THR G 176 -32.95 -7.59 9.63
N GLY G 177 -32.89 -6.68 10.58
CA GLY G 177 -31.64 -5.94 10.83
C GLY G 177 -31.77 -4.51 10.39
N VAL G 178 -32.74 -4.24 9.53
CA VAL G 178 -32.82 -2.90 8.88
C VAL G 178 -33.13 -1.80 9.89
N GLU G 179 -34.08 -1.99 10.79
CA GLU G 179 -34.50 -0.90 11.71
C GLU G 179 -33.30 -0.38 12.51
N ARG G 180 -32.40 -1.27 12.94
CA ARG G 180 -31.24 -0.86 13.77
C ARG G 180 -30.08 -0.36 12.90
N ILE G 181 -29.92 -0.80 11.66
CA ILE G 181 -28.75 -0.29 10.89
C ILE G 181 -28.76 1.22 11.04
N GLU G 182 -27.60 1.85 11.03
CA GLU G 182 -27.66 3.31 11.29
C GLU G 182 -26.56 4.02 10.50
N LEU G 183 -26.83 4.42 9.27
CA LEU G 183 -25.84 5.20 8.52
C LEU G 183 -25.66 6.51 9.27
N PRO G 184 -24.56 7.27 9.10
CA PRO G 184 -24.34 8.49 9.88
C PRO G 184 -25.28 9.64 9.52
N GLN G 185 -25.57 9.87 8.24
CA GLN G 185 -26.35 11.06 7.83
C GLN G 185 -27.76 10.70 7.39
N PHE G 186 -27.98 9.50 6.89
CA PHE G 186 -29.31 9.14 6.35
C PHE G 186 -30.11 8.43 7.44
N SER G 187 -31.36 8.07 7.16
CA SER G 187 -32.16 7.30 8.15
C SER G 187 -33.12 6.40 7.39
N ILE G 188 -32.97 5.09 7.58
CA ILE G 188 -33.72 4.09 6.79
C ILE G 188 -35.20 4.16 7.14
N VAL G 189 -35.96 4.88 6.33
CA VAL G 189 -37.41 5.03 6.60
C VAL G 189 -38.11 3.70 6.31
N GLU G 190 -37.85 3.08 5.17
CA GLU G 190 -38.62 1.85 4.83
C GLU G 190 -37.75 0.86 4.04
N HIS G 191 -38.17 -0.41 3.98
CA HIS G 191 -37.46 -1.44 3.19
C HIS G 191 -38.53 -2.33 2.57
N ARG G 192 -38.63 -2.39 1.24
CA ARG G 192 -39.72 -3.17 0.60
C ARG G 192 -39.12 -4.31 -0.22
N LEU G 193 -39.77 -5.48 -0.24
CA LEU G 193 -39.22 -6.67 -0.94
C LEU G 193 -40.02 -6.95 -2.21
N VAL G 194 -39.38 -7.17 -3.37
CA VAL G 194 -40.00 -7.33 -4.68
C VAL G 194 -39.47 -8.61 -5.31
N SER G 195 -40.38 -9.43 -5.86
CA SER G 195 -39.95 -10.66 -6.57
C SER G 195 -40.11 -10.45 -8.07
N ARG G 196 -39.12 -9.84 -8.72
CA ARG G 196 -39.22 -9.52 -10.17
C ARG G 196 -38.95 -10.76 -11.03
N ASN G 197 -39.26 -10.70 -12.33
CA ASN G 197 -38.90 -11.79 -13.27
C ASN G 197 -38.27 -11.17 -14.52
N VAL G 198 -37.14 -10.47 -14.38
CA VAL G 198 -36.47 -9.76 -15.51
C VAL G 198 -36.19 -10.71 -16.66
N VAL G 199 -36.19 -10.22 -17.92
CA VAL G 199 -35.97 -11.05 -19.14
C VAL G 199 -34.82 -10.47 -19.96
N PHE G 200 -33.66 -11.14 -19.96
CA PHE G 200 -32.51 -10.69 -20.78
C PHE G 200 -32.64 -11.40 -22.12
N ALA G 201 -31.56 -11.56 -22.88
CA ALA G 201 -31.70 -12.13 -24.24
C ALA G 201 -31.45 -13.63 -24.23
N THR G 202 -31.24 -14.20 -23.06
CA THR G 202 -30.90 -15.64 -22.97
C THR G 202 -32.08 -16.37 -22.32
N GLY G 203 -32.94 -15.65 -21.62
CA GLY G 203 -34.12 -16.28 -21.05
C GLY G 203 -34.78 -15.43 -19.99
N ALA G 204 -35.77 -15.99 -19.30
CA ALA G 204 -36.44 -15.28 -18.22
C ALA G 204 -35.76 -15.73 -16.93
N TYR G 205 -35.15 -14.82 -16.18
CA TYR G 205 -34.39 -15.27 -14.98
C TYR G 205 -35.06 -14.76 -13.72
N PRO G 206 -35.22 -15.54 -12.62
CA PRO G 206 -35.94 -15.05 -11.44
C PRO G 206 -35.09 -14.04 -10.67
N ARG G 207 -35.72 -13.01 -10.08
CA ARG G 207 -34.96 -11.94 -9.38
C ARG G 207 -35.62 -11.56 -8.06
N LEU G 208 -34.83 -11.37 -7.00
CA LEU G 208 -35.39 -10.89 -5.70
C LEU G 208 -34.80 -9.48 -5.46
N SER G 209 -35.64 -8.52 -5.09
CA SER G 209 -35.13 -7.12 -4.96
C SER G 209 -35.31 -6.59 -3.53
N LEU G 210 -34.24 -6.04 -2.95
CA LEU G 210 -34.32 -5.45 -1.62
C LEU G 210 -34.01 -3.97 -1.76
N SER G 211 -34.94 -3.11 -1.36
CA SER G 211 -34.81 -1.68 -1.56
C SER G 211 -35.07 -0.95 -0.25
N PHE G 212 -34.27 0.08 0.03
CA PHE G 212 -34.47 0.93 1.18
C PHE G 212 -34.79 2.34 0.72
N ARG G 213 -35.50 3.09 1.54
CA ARG G 213 -35.73 4.51 1.31
C ARG G 213 -34.97 5.30 2.37
N LEU G 214 -34.07 6.16 1.94
CA LEU G 214 -33.14 6.85 2.82
C LEU G 214 -33.34 8.35 2.71
N LYS G 215 -34.09 8.93 3.65
CA LYS G 215 -34.08 10.38 3.78
C LYS G 215 -32.81 10.81 4.50
N ARG G 216 -32.50 12.09 4.41
CA ARG G 216 -31.24 12.63 4.93
C ARG G 216 -31.55 13.44 6.18
N ASN G 217 -30.83 13.15 7.27
CA ASN G 217 -30.88 13.99 8.45
C ASN G 217 -30.24 15.34 8.14
N ILE G 218 -30.99 16.41 8.40
CA ILE G 218 -30.66 17.71 7.82
C ILE G 218 -29.80 18.57 8.73
N GLY G 219 -29.82 18.33 10.04
CA GLY G 219 -29.26 19.24 11.03
C GLY G 219 -27.76 19.47 10.92
N TYR G 220 -27.03 18.50 10.37
CA TYR G 220 -25.62 18.71 10.05
C TYR G 220 -25.45 19.82 9.01
N PHE G 221 -26.37 19.89 8.05
CA PHE G 221 -26.24 20.91 7.02
C PHE G 221 -26.61 22.30 7.52
N ILE G 222 -27.57 22.40 8.46
CA ILE G 222 -27.79 23.67 9.15
C ILE G 222 -26.54 24.06 9.95
N LEU G 223 -25.94 23.10 10.66
CA LEU G 223 -24.74 23.43 11.42
C LEU G 223 -23.50 23.68 10.56
N GLN G 224 -23.51 23.27 9.29
CA GLN G 224 -22.33 23.34 8.45
C GLN G 224 -22.39 24.44 7.40
N THR G 225 -23.48 24.55 6.64
CA THR G 225 -23.52 25.41 5.47
C THR G 225 -24.61 26.47 5.57
N TYR G 226 -25.81 26.11 6.01
CA TYR G 226 -26.95 27.03 5.94
C TYR G 226 -26.81 28.19 6.93
N MET G 227 -26.45 27.91 8.17
CA MET G 227 -26.20 28.97 9.14
C MET G 227 -24.98 29.85 8.79
N PRO G 228 -23.82 29.32 8.34
CA PRO G 228 -22.79 30.26 7.84
C PRO G 228 -23.21 31.05 6.61
N SER G 229 -24.08 30.50 5.77
CA SER G 229 -24.52 31.25 4.60
C SER G 229 -25.50 32.35 4.97
N ILE G 230 -26.27 32.14 6.03
CA ILE G 230 -27.31 33.13 6.36
C ILE G 230 -26.73 34.27 7.19
N LEU G 231 -25.64 34.04 7.93
CA LEU G 231 -25.08 35.12 8.75
C LEU G 231 -24.32 36.13 7.89
N ILE G 232 -23.76 35.67 6.76
CA ILE G 232 -23.11 36.58 5.82
C ILE G 232 -24.14 37.52 5.20
N THR G 233 -25.35 37.01 4.97
CA THR G 233 -26.44 37.84 4.47
C THR G 233 -26.86 38.89 5.50
N ILE G 234 -26.87 38.51 6.78
CA ILE G 234 -27.04 39.49 7.85
C ILE G 234 -25.84 40.44 7.90
N LEU G 235 -24.64 39.93 7.64
CA LEU G 235 -23.42 40.72 7.73
C LEU G 235 -23.37 41.80 6.65
N SER G 236 -23.98 41.55 5.49
CA SER G 236 -23.96 42.52 4.41
C SER G 236 -24.85 43.71 4.68
N TRP G 237 -25.85 43.58 5.56
CA TRP G 237 -26.76 44.67 5.86
C TRP G 237 -26.24 45.61 6.94
N VAL G 238 -25.09 45.31 7.53
CA VAL G 238 -24.44 46.26 8.42
C VAL G 238 -23.96 47.47 7.64
N SER G 239 -23.65 47.29 6.36
CA SER G 239 -23.20 48.37 5.48
C SER G 239 -24.23 49.46 5.28
N PHE G 240 -25.52 49.15 5.46
CA PHE G 240 -26.55 50.19 5.39
C PHE G 240 -26.51 51.12 6.60
N TRP G 241 -26.05 50.63 7.76
CA TRP G 241 -25.94 51.47 8.94
C TRP G 241 -24.74 52.41 8.88
N ILE G 242 -23.70 52.05 8.13
CA ILE G 242 -22.51 52.88 8.01
C ILE G 242 -22.85 54.11 7.16
N ASN G 243 -22.19 55.22 7.47
CA ASN G 243 -22.38 56.46 6.73
C ASN G 243 -21.83 56.34 5.31
N TYR G 244 -22.37 57.17 4.42
CA TYR G 244 -22.06 57.05 2.99
C TYR G 244 -20.63 57.49 2.66
N ASP G 245 -20.09 58.46 3.40
CA ASP G 245 -18.75 58.96 3.09
C ASP G 245 -17.65 58.01 3.50
N ALA G 246 -17.93 57.10 4.44
CA ALA G 246 -16.95 56.08 4.84
C ALA G 246 -16.93 55.01 3.74
N SER G 247 -16.13 55.28 2.71
CA SER G 247 -16.13 54.42 1.53
C SER G 247 -15.42 53.10 1.78
N ALA G 248 -14.25 53.20 2.40
CA ALA G 248 -13.41 52.01 2.64
C ALA G 248 -14.20 50.94 3.40
N ALA G 249 -14.70 51.24 4.59
CA ALA G 249 -15.36 50.20 5.42
C ALA G 249 -16.55 49.54 4.71
N ARG G 250 -17.35 50.31 3.98
CA ARG G 250 -18.55 49.68 3.36
C ARG G 250 -18.08 48.71 2.27
N VAL G 251 -17.12 49.12 1.45
CA VAL G 251 -16.61 48.23 0.38
C VAL G 251 -15.96 47.03 1.06
N ALA G 252 -15.34 47.23 2.21
CA ALA G 252 -14.73 46.11 2.97
C ALA G 252 -15.82 45.08 3.26
N LEU G 253 -16.90 45.52 3.92
CA LEU G 253 -17.99 44.56 4.17
C LEU G 253 -18.37 43.89 2.85
N GLY G 254 -18.70 44.68 1.83
CA GLY G 254 -19.18 44.06 0.59
C GLY G 254 -18.24 43.00 0.06
N ILE G 255 -16.95 43.30 -0.05
CA ILE G 255 -15.98 42.36 -0.68
C ILE G 255 -15.81 41.14 0.22
N THR G 256 -15.68 41.30 1.53
CA THR G 256 -15.59 40.08 2.36
C THR G 256 -16.84 39.22 2.08
N THR G 257 -18.03 39.82 2.12
CA THR G 257 -19.26 39.02 1.95
C THR G 257 -19.22 38.31 0.60
N VAL G 258 -18.87 39.01 -0.47
CA VAL G 258 -18.93 38.35 -1.81
C VAL G 258 -17.80 37.31 -1.90
N LEU G 259 -16.64 37.57 -1.31
CA LEU G 259 -15.57 36.57 -1.32
C LEU G 259 -15.89 35.41 -0.39
N THR G 260 -16.52 35.69 0.75
CA THR G 260 -16.95 34.61 1.65
C THR G 260 -18.04 33.75 1.00
N MET G 261 -18.97 34.38 0.30
CA MET G 261 -20.02 33.65 -0.42
C MET G 261 -19.42 32.74 -1.49
N THR G 262 -18.48 33.27 -2.28
CA THR G 262 -17.94 32.45 -3.37
C THR G 262 -16.96 31.40 -2.86
N THR G 263 -16.28 31.62 -1.73
CA THR G 263 -15.43 30.56 -1.21
C THR G 263 -16.24 29.50 -0.49
N ILE G 264 -17.43 29.86 0.04
CA ILE G 264 -18.32 28.84 0.58
C ILE G 264 -18.90 28.02 -0.56
N ASN G 265 -19.22 28.67 -1.68
CA ASN G 265 -19.73 27.97 -2.86
C ASN G 265 -18.69 27.03 -3.46
N THR G 266 -17.44 27.48 -3.56
CA THR G 266 -16.42 26.61 -4.14
C THR G 266 -15.98 25.52 -3.17
N HIS G 267 -16.03 25.79 -1.86
CA HIS G 267 -15.65 24.77 -0.90
C HIS G 267 -16.71 23.70 -0.75
N LEU G 268 -17.99 24.06 -0.91
CA LEU G 268 -19.06 23.08 -0.75
C LEU G 268 -19.13 22.12 -1.94
N ARG G 269 -18.97 22.65 -3.15
CA ARG G 269 -19.17 21.87 -4.38
C ARG G 269 -17.93 21.07 -4.78
N GLU G 270 -16.98 20.89 -3.86
CA GLU G 270 -15.81 20.06 -4.12
C GLU G 270 -15.93 18.65 -3.56
N THR G 271 -16.88 18.41 -2.67
CA THR G 271 -17.13 17.07 -2.14
C THR G 271 -18.34 16.40 -2.80
N LEU G 272 -18.82 16.95 -3.90
CA LEU G 272 -19.94 16.42 -4.66
C LEU G 272 -19.46 16.04 -6.06
N PRO G 273 -20.13 15.07 -6.71
CA PRO G 273 -19.77 14.75 -8.09
C PRO G 273 -20.16 15.84 -9.07
N LYS G 274 -19.64 15.76 -10.29
CA LYS G 274 -19.82 16.82 -11.29
C LYS G 274 -21.17 16.69 -12.00
N ILE G 275 -22.23 16.81 -11.21
CA ILE G 275 -23.58 16.70 -11.78
C ILE G 275 -23.91 17.95 -12.59
N PRO G 276 -24.64 17.84 -13.70
CA PRO G 276 -24.87 19.02 -14.55
C PRO G 276 -26.06 19.88 -14.14
N TYR G 277 -26.89 19.43 -13.20
CA TYR G 277 -28.03 20.21 -12.77
C TYR G 277 -27.70 20.97 -11.50
N VAL G 278 -28.66 21.77 -11.04
CA VAL G 278 -28.49 22.61 -9.86
C VAL G 278 -29.25 21.98 -8.70
N LYS G 279 -28.62 21.98 -7.53
CA LYS G 279 -29.23 21.41 -6.34
C LYS G 279 -29.99 22.50 -5.59
N ALA G 280 -30.69 22.09 -4.52
CA ALA G 280 -31.42 23.05 -3.70
C ALA G 280 -30.46 23.92 -2.90
N ILE G 281 -29.37 23.32 -2.41
CA ILE G 281 -28.39 24.08 -1.65
C ILE G 281 -27.63 25.05 -2.55
N ASP G 282 -27.37 24.67 -3.81
CA ASP G 282 -26.75 25.59 -4.75
C ASP G 282 -27.70 26.72 -5.11
N MET G 283 -29.00 26.43 -5.13
CA MET G 283 -30.00 27.49 -5.30
C MET G 283 -29.98 28.47 -4.14
N TYR G 284 -29.84 27.95 -2.91
CA TYR G 284 -29.83 28.81 -1.73
C TYR G 284 -28.60 29.70 -1.68
N LEU G 285 -27.41 29.12 -1.95
CA LEU G 285 -26.20 29.94 -2.03
C LEU G 285 -26.20 30.92 -3.20
N MET G 286 -26.78 30.55 -4.35
CA MET G 286 -26.86 31.51 -5.44
C MET G 286 -27.82 32.65 -5.11
N GLY G 287 -28.90 32.35 -4.40
CA GLY G 287 -29.78 33.42 -3.92
C GLY G 287 -29.12 34.35 -2.92
N CYS G 288 -28.33 33.78 -2.01
CA CYS G 288 -27.59 34.61 -1.06
C CYS G 288 -26.52 35.44 -1.76
N PHE G 289 -25.87 34.88 -2.78
CA PHE G 289 -24.89 35.62 -3.57
C PHE G 289 -25.55 36.77 -4.33
N VAL G 290 -26.75 36.53 -4.87
CA VAL G 290 -27.50 37.59 -5.53
C VAL G 290 -27.87 38.70 -4.55
N PHE G 291 -28.27 38.33 -3.33
CA PHE G 291 -28.61 39.33 -2.32
C PHE G 291 -27.40 40.17 -1.91
N VAL G 292 -26.24 39.53 -1.72
CA VAL G 292 -25.03 40.27 -1.35
C VAL G 292 -24.56 41.17 -2.49
N PHE G 293 -24.45 40.55 -3.67
CA PHE G 293 -23.91 41.37 -4.77
C PHE G 293 -24.82 42.58 -4.79
N LEU G 294 -26.11 42.33 -4.60
CA LEU G 294 -27.03 43.49 -4.72
C LEU G 294 -26.63 44.56 -3.70
N ALA G 295 -26.29 44.21 -2.45
CA ALA G 295 -26.00 45.24 -1.42
C ALA G 295 -24.76 46.09 -1.76
N LEU G 296 -23.70 45.47 -2.28
CA LEU G 296 -22.49 46.21 -2.70
C LEU G 296 -22.84 47.09 -3.91
N LEU G 297 -23.59 46.54 -4.88
CA LEU G 297 -24.04 47.38 -6.00
C LEU G 297 -24.76 48.60 -5.41
N GLU G 298 -25.59 48.38 -4.40
CA GLU G 298 -26.39 49.45 -3.77
C GLU G 298 -25.47 50.51 -3.17
N TYR G 299 -24.50 50.13 -2.34
CA TYR G 299 -23.67 51.22 -1.76
C TYR G 299 -22.95 51.94 -2.89
N ALA G 300 -22.46 51.21 -3.89
CA ALA G 300 -21.67 51.94 -4.91
C ALA G 300 -22.58 52.95 -5.62
N PHE G 301 -23.82 52.53 -5.88
CA PHE G 301 -24.76 53.41 -6.61
C PHE G 301 -25.09 54.60 -5.71
N VAL G 302 -25.23 54.41 -4.39
CA VAL G 302 -25.43 55.57 -3.47
C VAL G 302 -24.24 56.51 -3.66
N ASN G 303 -23.02 55.99 -3.50
CA ASN G 303 -21.82 56.83 -3.71
C ASN G 303 -22.01 57.66 -4.97
N TYR G 304 -22.35 57.02 -6.09
CA TYR G 304 -22.46 57.78 -7.36
C TYR G 304 -23.56 58.83 -7.26
N ILE G 305 -24.82 58.40 -7.08
CA ILE G 305 -25.99 59.32 -6.99
C ILE G 305 -25.54 60.54 -6.19
N PHE G 306 -24.64 60.31 -5.26
CA PHE G 306 -24.14 61.46 -4.50
C PHE G 306 -22.86 62.03 -5.11
N PHE G 307 -21.85 61.18 -5.31
CA PHE G 307 -20.52 61.64 -5.71
C PHE G 307 -20.36 61.76 -7.22
N GLY G 308 -21.41 61.53 -7.99
CA GLY G 308 -21.31 61.62 -9.44
C GLY G 308 -22.34 62.55 -10.05
N VAL G 420 -30.07 60.20 -0.66
CA VAL G 420 -29.08 59.29 -0.11
C VAL G 420 -29.62 58.64 1.15
N ASN G 421 -30.07 59.48 2.09
CA ASN G 421 -30.64 58.97 3.34
C ASN G 421 -31.99 58.30 3.08
N ALA G 422 -32.74 58.78 2.09
CA ALA G 422 -33.99 58.13 1.72
C ALA G 422 -33.75 56.76 1.11
N ILE G 423 -32.70 56.62 0.30
CA ILE G 423 -32.35 55.34 -0.29
C ILE G 423 -31.82 54.39 0.77
N ASP G 424 -31.01 54.91 1.70
CA ASP G 424 -30.39 54.07 2.72
C ASP G 424 -31.41 53.57 3.74
N ARG G 425 -32.42 54.38 4.05
CA ARG G 425 -33.49 53.91 4.93
C ARG G 425 -34.37 52.89 4.22
N TRP G 426 -34.58 53.07 2.92
CA TRP G 426 -35.44 52.15 2.18
C TRP G 426 -34.78 50.79 1.99
N SER G 427 -33.48 50.78 1.70
CA SER G 427 -32.77 49.50 1.52
C SER G 427 -32.56 48.80 2.86
N ARG G 428 -32.61 49.55 3.96
CA ARG G 428 -32.48 48.94 5.28
C ARG G 428 -33.79 48.25 5.68
N ILE G 429 -34.90 48.60 5.03
CA ILE G 429 -36.19 47.99 5.33
C ILE G 429 -36.46 46.82 4.38
N VAL G 430 -36.23 47.04 3.08
CA VAL G 430 -36.63 46.09 2.05
C VAL G 430 -35.79 44.82 2.11
N PHE G 431 -34.48 44.96 2.31
CA PHE G 431 -33.56 43.81 2.26
C PHE G 431 -33.80 42.75 3.33
N PRO G 432 -34.04 43.07 4.62
CA PRO G 432 -34.45 41.99 5.54
C PRO G 432 -35.84 41.45 5.25
N PHE G 433 -36.72 42.25 4.66
CA PHE G 433 -38.05 41.75 4.34
C PHE G 433 -38.02 40.82 3.13
N THR G 434 -37.23 41.16 2.11
CA THR G 434 -37.20 40.37 0.89
C THR G 434 -36.43 39.06 1.08
N PHE G 435 -35.39 39.07 1.90
CA PHE G 435 -34.65 37.84 2.17
C PHE G 435 -35.46 36.87 3.02
N SER G 436 -36.32 37.38 3.90
CA SER G 436 -37.24 36.51 4.63
C SER G 436 -38.35 35.99 3.72
N LEU G 437 -38.70 36.75 2.67
CA LEU G 437 -39.62 36.26 1.66
C LEU G 437 -38.99 35.11 0.88
N PHE G 438 -37.69 35.22 0.59
CA PHE G 438 -36.98 34.14 -0.08
C PHE G 438 -36.86 32.91 0.81
N ASN G 439 -36.68 33.13 2.12
CA ASN G 439 -36.57 32.01 3.04
C ASN G 439 -37.89 31.28 3.22
N LEU G 440 -39.01 32.01 3.19
CA LEU G 440 -40.31 31.37 3.30
C LEU G 440 -40.67 30.60 2.05
N VAL G 441 -40.24 31.09 0.88
CA VAL G 441 -40.48 30.39 -0.37
C VAL G 441 -39.64 29.12 -0.45
N TYR G 442 -38.36 29.22 -0.07
CA TYR G 442 -37.43 28.10 -0.19
C TYR G 442 -37.76 26.99 0.79
N TRP G 443 -38.09 27.34 2.03
CA TRP G 443 -38.31 26.32 3.05
C TRP G 443 -39.74 25.78 3.05
N LEU G 444 -40.62 26.29 2.20
CA LEU G 444 -41.94 25.70 2.04
C LEU G 444 -42.09 24.94 0.72
N TYR G 445 -41.20 25.20 -0.24
CA TYR G 445 -41.21 24.46 -1.50
C TYR G 445 -40.40 23.17 -1.41
N TYR G 446 -39.28 23.20 -0.71
CA TYR G 446 -38.41 22.04 -0.59
C TYR G 446 -38.70 21.21 0.65
N VAL G 447 -39.68 21.60 1.46
CA VAL G 447 -40.08 20.82 2.62
C VAL G 447 -41.59 20.64 2.61
#